data_7RFL
#
_entry.id   7RFL
#
_cell.length_a   81.442
_cell.length_b   161.741
_cell.length_c   229.853
_cell.angle_alpha   90.000
_cell.angle_beta   90.000
_cell.angle_gamma   90.000
#
_symmetry.space_group_name_H-M   'P 21 21 21'
#
loop_
_entity.id
_entity.type
_entity.pdbx_description
1 polymer 'Site-specific DNA-methyltransferase (adenine-specific)'
2 polymer 'DNA Strand 2'
3 polymer 'DNA Strand 1'
4 non-polymer 5-bromo-7-{5-[(3-{[(4-tert-butylphenyl)carbamoyl]amino}propyl)(propan-2-yl)amino]-5-deoxy-beta-D-ribofuranosyl}-7H-pyrrolo[2,3-d]pyrimidin-4-amine
5 non-polymer 'POTASSIUM ION'
6 non-polymer 1,2-ETHANEDIOL
7 water water
#
loop_
_entity_poly.entity_id
_entity_poly.type
_entity_poly.pdbx_seq_one_letter_code
_entity_poly.pdbx_strand_id
1 'polypeptide(L)'
;HMDDISQDNFLLSKEYENSLDVDTKKASGIYYTPKIIVDYIVKKTLKNHDIIKNPYPRILDISCGCGNFLLEVYDILYDL
FEENIYELKKKYDENYWTVDNIHRHILNYCIYGADIDEKAISILKDSLTNKKVVNDLDESDIKINLFCCDSLKKKWRYKF
DYIVGNPPYIGHKKLEKKYKKFLLEKYSEVYKDKADLYFCFYKKIIDILKQGGIGSVITPRYFLESLSGKDLREYIKSNV
NVQEIVDFLGANIFKNIGVSSCILTFDKKKTKETYIDVFKIKNEDICINKFETLEELLKSSKFEHFNINQRLLSDEWILV
NKDDETFYNKIQEKCKYSLEDIAISFQGIITGCDKAFILSKDDVKLNLVDDKFLKCWIKSKNINKYIVDKSEYRLIYSND
IDNENTNKRILDEIIGLYKTKLENRRECKSGIRKWYELQWGREKLFFERKKIMYPYKSNENRFAIDYDNNFSSADVYSFF
IKEEYLDKFSYEYLVGILNSSVYDKYFKITAKKMSKNIYDYYPNKVMKIRIFRDNNYEEIENLSKQIISILLNKSIDKGK
VEKLQIKMDNLIMDSLGI
;
A,B,C
2 'polydeoxyribonucleotide' (DA)(DT)(DG)(DG)(DG)(DA)(DC)(DT)(DT)(DT)(DT)(DT)(DG)(DA) E,G,I
3 'polydeoxyribonucleotide' (DT)(DT)(DC)(DA)(DA)(DA)(DA)(DA)(DG)(DT)(DC)(DC)(DC)(DA) D,F,H
#
loop_
_chem_comp.id
_chem_comp.type
_chem_comp.name
_chem_comp.formula
AW2 non-polymer 5-bromo-7-{5-[(3-{[(4-tert-butylphenyl)carbamoyl]amino}propyl)(propan-2-yl)amino]-5-deoxy-beta-D-ribofuranosyl}-7H-pyrrolo[2,3-d]pyrimidin-4-amine 'C28 H40 Br N7 O4'
DA DNA linking 2'-DEOXYADENOSINE-5'-MONOPHOSPHATE 'C10 H14 N5 O6 P'
DC DNA linking 2'-DEOXYCYTIDINE-5'-MONOPHOSPHATE 'C9 H14 N3 O7 P'
DG DNA linking 2'-DEOXYGUANOSINE-5'-MONOPHOSPHATE 'C10 H14 N5 O7 P'
DT DNA linking THYMIDINE-5'-MONOPHOSPHATE 'C10 H15 N2 O8 P'
EDO non-polymer 1,2-ETHANEDIOL 'C2 H6 O2'
K non-polymer 'POTASSIUM ION' 'K 1'
#
# COMPACT_ATOMS: atom_id res chain seq x y z
N ASP A 23 -7.65 28.61 35.80
CA ASP A 23 -8.56 28.19 36.86
C ASP A 23 -8.39 29.08 38.09
N THR A 24 -7.59 28.60 39.05
CA THR A 24 -7.31 29.27 40.32
C THR A 24 -8.58 29.70 41.05
N LYS A 25 -9.71 29.04 40.75
CA LYS A 25 -10.94 29.26 41.49
C LYS A 25 -11.00 28.44 42.76
N LYS A 26 -10.02 27.56 42.98
CA LYS A 26 -9.97 26.76 44.21
C LYS A 26 -9.77 27.65 45.44
N ALA A 27 -9.16 28.82 45.26
CA ALA A 27 -8.98 29.74 46.39
C ALA A 27 -10.29 30.33 46.88
N SER A 28 -11.35 30.27 46.07
CA SER A 28 -12.64 30.81 46.49
C SER A 28 -13.24 29.99 47.62
N GLY A 29 -13.12 28.67 47.55
CA GLY A 29 -13.70 27.78 48.54
C GLY A 29 -14.95 27.05 48.11
N ILE A 30 -15.33 27.13 46.83
CA ILE A 30 -16.50 26.40 46.35
C ILE A 30 -16.25 24.90 46.40
N TYR A 31 -15.00 24.46 46.25
CA TYR A 31 -14.65 23.05 46.26
C TYR A 31 -14.42 22.49 47.66
N TYR A 32 -14.40 23.34 48.69
CA TYR A 32 -14.29 22.89 50.06
C TYR A 32 -15.45 21.94 50.38
N THR A 33 -15.11 20.74 50.84
CA THR A 33 -16.13 19.74 51.15
C THR A 33 -16.83 20.09 52.46
N PRO A 34 -18.16 20.03 52.51
CA PRO A 34 -18.87 20.44 53.73
C PRO A 34 -18.41 19.62 54.93
N LYS A 35 -18.26 20.32 56.07
CA LYS A 35 -17.64 19.71 57.24
C LYS A 35 -18.42 18.48 57.70
N ILE A 36 -19.74 18.52 57.60
CA ILE A 36 -20.56 17.38 58.02
C ILE A 36 -20.25 16.16 57.17
N ILE A 37 -20.02 16.37 55.86
CA ILE A 37 -19.63 15.27 54.98
C ILE A 37 -18.25 14.74 55.39
N VAL A 38 -17.31 15.66 55.65
CA VAL A 38 -15.95 15.25 56.00
C VAL A 38 -15.96 14.43 57.28
N ASP A 39 -16.67 14.91 58.31
CA ASP A 39 -16.71 14.19 59.58
C ASP A 39 -17.32 12.81 59.41
N TYR A 40 -18.38 12.70 58.59
CA TYR A 40 -19.00 11.41 58.36
C TYR A 40 -18.03 10.43 57.70
N ILE A 41 -17.30 10.89 56.68
CA ILE A 41 -16.39 10.00 55.96
C ILE A 41 -15.25 9.55 56.85
N VAL A 42 -14.68 10.47 57.64
CA VAL A 42 -13.59 10.10 58.54
C VAL A 42 -14.09 9.13 59.61
N LYS A 43 -15.25 9.42 60.20
CA LYS A 43 -15.82 8.50 61.18
C LYS A 43 -16.13 7.15 60.55
N LYS A 44 -16.63 7.15 59.32
CA LYS A 44 -16.95 5.90 58.65
C LYS A 44 -15.72 5.01 58.52
N THR A 45 -14.57 5.60 58.21
CA THR A 45 -13.36 4.82 58.00
C THR A 45 -12.70 4.39 59.31
N LEU A 46 -12.77 5.22 60.35
CA LEU A 46 -11.94 5.02 61.54
C LEU A 46 -12.74 4.68 62.81
N LYS A 47 -14.06 4.52 62.72
CA LYS A 47 -14.86 4.38 63.93
C LYS A 47 -14.47 3.14 64.74
N ASN A 48 -14.21 2.02 64.06
CA ASN A 48 -13.97 0.75 64.73
C ASN A 48 -12.54 0.26 64.56
N HIS A 49 -11.59 1.18 64.40
CA HIS A 49 -10.19 0.78 64.28
C HIS A 49 -9.65 0.34 65.63
N ASP A 50 -9.03 -0.84 65.66
CA ASP A 50 -8.42 -1.36 66.88
C ASP A 50 -7.01 -0.79 66.98
N ILE A 51 -6.90 0.38 67.63
CA ILE A 51 -5.61 1.04 67.75
C ILE A 51 -4.64 0.25 68.62
N ILE A 52 -5.14 -0.58 69.52
CA ILE A 52 -4.25 -1.42 70.32
C ILE A 52 -3.59 -2.47 69.44
N LYS A 53 -4.38 -3.15 68.61
CA LYS A 53 -3.83 -4.20 67.75
C LYS A 53 -2.91 -3.61 66.68
N ASN A 54 -3.28 -2.47 66.09
CA ASN A 54 -2.48 -1.81 65.07
C ASN A 54 -2.37 -0.33 65.39
N PRO A 55 -1.33 0.08 66.12
CA PRO A 55 -1.09 1.50 66.38
C PRO A 55 -0.41 2.25 65.24
N TYR A 56 -0.26 1.64 64.05
CA TYR A 56 0.38 2.30 62.91
C TYR A 56 -0.53 2.31 61.68
N PRO A 57 -1.75 2.85 61.79
CA PRO A 57 -2.61 2.89 60.61
C PRO A 57 -2.13 3.96 59.63
N ARG A 58 -2.16 3.63 58.35
CA ARG A 58 -1.81 4.57 57.30
C ARG A 58 -3.09 5.08 56.66
N ILE A 59 -3.34 6.38 56.81
CA ILE A 59 -4.53 7.03 56.27
C ILE A 59 -4.09 8.03 55.22
N LEU A 60 -4.69 7.96 54.03
CA LEU A 60 -4.21 8.70 52.87
C LEU A 60 -5.36 9.47 52.23
N ASP A 61 -5.03 10.68 51.75
CA ASP A 61 -5.90 11.45 50.87
C ASP A 61 -5.05 11.87 49.68
N ILE A 62 -5.38 11.33 48.49
CA ILE A 62 -4.60 11.63 47.30
C ILE A 62 -5.09 12.87 46.56
N SER A 63 -6.07 13.57 47.10
CA SER A 63 -6.52 14.87 46.61
C SER A 63 -6.70 15.82 47.79
N CYS A 64 -5.70 15.83 48.68
CA CYS A 64 -5.90 16.37 50.02
C CYS A 64 -6.18 17.87 49.99
N GLY A 65 -5.70 18.58 48.96
CA GLY A 65 -5.87 20.02 48.94
C GLY A 65 -5.21 20.64 50.15
N CYS A 66 -5.93 21.51 50.85
CA CYS A 66 -5.44 22.13 52.06
C CYS A 66 -5.68 21.27 53.30
N GLY A 67 -6.24 20.08 53.14
CA GLY A 67 -6.37 19.15 54.22
C GLY A 67 -7.69 19.14 54.95
N ASN A 68 -8.81 19.37 54.25
CA ASN A 68 -10.12 19.25 54.89
C ASN A 68 -10.26 17.91 55.58
N PHE A 69 -9.94 16.83 54.87
CA PHE A 69 -10.04 15.50 55.45
C PHE A 69 -8.89 15.20 56.41
N LEU A 70 -7.66 15.57 56.05
CA LEU A 70 -6.51 15.13 56.82
C LEU A 70 -6.44 15.78 58.20
N LEU A 71 -6.87 17.04 58.31
CA LEU A 71 -6.88 17.67 59.63
C LEU A 71 -7.87 16.99 60.56
N GLU A 72 -9.05 16.63 60.05
CA GLU A 72 -10.01 15.89 60.86
C GLU A 72 -9.48 14.50 61.20
N VAL A 73 -8.78 13.86 60.26
CA VAL A 73 -8.12 12.59 60.54
C VAL A 73 -7.15 12.73 61.70
N TYR A 74 -6.40 13.84 61.74
CA TYR A 74 -5.47 14.08 62.84
C TYR A 74 -6.21 14.15 64.18
N ASP A 75 -7.31 14.91 64.22
CA ASP A 75 -8.05 15.06 65.47
C ASP A 75 -8.61 13.73 65.94
N ILE A 76 -9.19 12.96 65.02
CA ILE A 76 -9.72 11.65 65.39
C ILE A 76 -8.60 10.75 65.90
N LEU A 77 -7.47 10.74 65.21
CA LEU A 77 -6.34 9.92 65.64
C LEU A 77 -5.84 10.33 67.01
N TYR A 78 -5.74 11.64 67.26
CA TYR A 78 -5.22 12.12 68.53
C TYR A 78 -6.09 11.64 69.69
N ASP A 79 -7.42 11.78 69.54
CA ASP A 79 -8.33 11.28 70.57
C ASP A 79 -8.19 9.77 70.74
N LEU A 80 -8.07 9.05 69.62
CA LEU A 80 -7.98 7.59 69.69
C LEU A 80 -6.72 7.14 70.42
N PHE A 81 -5.59 7.80 70.13
CA PHE A 81 -4.35 7.45 70.83
C PHE A 81 -4.41 7.86 72.30
N GLU A 82 -4.91 9.06 72.59
CA GLU A 82 -4.91 9.55 73.96
C GLU A 82 -5.78 8.68 74.86
N GLU A 83 -6.93 8.23 74.36
CA GLU A 83 -7.84 7.42 75.16
C GLU A 83 -7.31 6.03 75.45
N ASN A 84 -6.27 5.58 74.76
CA ASN A 84 -5.68 4.27 75.02
C ASN A 84 -4.18 4.36 75.27
N ILE A 85 -3.69 5.52 75.71
CA ILE A 85 -2.25 5.74 75.82
C ILE A 85 -1.62 4.75 76.81
N TYR A 86 -2.30 4.49 77.93
CA TYR A 86 -1.73 3.62 78.95
C TYR A 86 -1.74 2.16 78.51
N GLU A 87 -2.79 1.72 77.81
CA GLU A 87 -2.80 0.37 77.28
C GLU A 87 -1.70 0.17 76.25
N LEU A 88 -1.45 1.19 75.42
CA LEU A 88 -0.34 1.14 74.48
C LEU A 88 1.00 1.12 75.22
N LYS A 89 1.14 1.99 76.22
CA LYS A 89 2.37 2.04 77.00
C LYS A 89 2.68 0.68 77.62
N LYS A 90 1.65 -0.01 78.10
CA LYS A 90 1.84 -1.30 78.75
C LYS A 90 2.16 -2.39 77.73
N LYS A 91 1.46 -2.41 76.60
CA LYS A 91 1.63 -3.49 75.63
C LYS A 91 2.92 -3.37 74.84
N TYR A 92 3.37 -2.15 74.57
CA TYR A 92 4.52 -1.88 73.71
C TYR A 92 5.59 -1.14 74.51
N ASP A 93 6.58 -0.62 73.78
CA ASP A 93 7.62 0.21 74.39
C ASP A 93 7.00 1.29 75.26
N GLU A 94 7.25 1.21 76.57
CA GLU A 94 6.62 2.13 77.50
C GLU A 94 7.22 3.53 77.46
N ASN A 95 8.44 3.67 76.94
CA ASN A 95 9.03 4.99 76.80
C ASN A 95 8.53 5.70 75.55
N TYR A 96 8.15 4.94 74.52
CA TYR A 96 7.68 5.53 73.27
C TYR A 96 6.26 6.08 73.41
N TRP A 97 5.37 5.36 74.09
CA TRP A 97 3.96 5.71 74.12
C TRP A 97 3.69 6.68 75.27
N THR A 98 3.77 7.96 74.94
CA THR A 98 3.49 9.05 75.86
C THR A 98 2.59 10.06 75.14
N VAL A 99 1.75 10.75 75.91
CA VAL A 99 0.87 11.77 75.33
C VAL A 99 1.67 12.81 74.58
N ASP A 100 2.79 13.25 75.15
CA ASP A 100 3.63 14.24 74.50
C ASP A 100 4.22 13.73 73.19
N ASN A 101 4.23 12.41 72.97
CA ASN A 101 4.76 11.84 71.74
C ASN A 101 3.69 11.61 70.67
N ILE A 102 2.40 11.74 71.01
CA ILE A 102 1.32 11.36 70.11
C ILE A 102 1.41 12.14 68.80
N HIS A 103 1.57 13.47 68.90
CA HIS A 103 1.68 14.32 67.73
C HIS A 103 2.73 13.83 66.74
N ARG A 104 3.95 13.61 67.26
CA ARG A 104 5.05 13.13 66.41
C ARG A 104 4.70 11.81 65.76
N HIS A 105 4.17 10.86 66.53
CA HIS A 105 3.87 9.53 66.00
C HIS A 105 2.86 9.60 64.87
N ILE A 106 1.82 10.43 65.04
CA ILE A 106 0.80 10.60 64.01
C ILE A 106 1.43 11.09 62.72
N LEU A 107 2.14 12.22 62.80
CA LEU A 107 2.71 12.84 61.61
C LEU A 107 3.80 12.00 60.97
N ASN A 108 4.42 11.09 61.73
CA ASN A 108 5.49 10.27 61.18
C ASN A 108 4.96 9.03 60.49
N TYR A 109 3.92 8.39 61.03
CA TYR A 109 3.51 7.07 60.59
C TYR A 109 2.08 6.96 60.11
N CYS A 110 1.22 7.96 60.32
CA CYS A 110 -0.20 7.75 60.12
C CYS A 110 -0.81 8.59 59.01
N ILE A 111 -0.45 9.86 58.88
CA ILE A 111 -1.11 10.78 57.96
C ILE A 111 -0.31 10.88 56.68
N TYR A 112 -0.97 10.64 55.55
CA TYR A 112 -0.37 10.72 54.23
C TYR A 112 -1.26 11.57 53.33
N GLY A 113 -0.65 12.50 52.60
CA GLY A 113 -1.41 13.34 51.70
C GLY A 113 -0.70 13.60 50.39
N ALA A 114 -1.44 13.59 49.29
CA ALA A 114 -0.87 13.86 47.97
C ALA A 114 -1.73 14.89 47.25
N ASP A 115 -1.08 15.87 46.63
CA ASP A 115 -1.79 16.86 45.84
C ASP A 115 -0.82 17.50 44.88
N ILE A 116 -1.32 17.86 43.68
CA ILE A 116 -0.46 18.40 42.64
C ILE A 116 -0.15 19.88 42.85
N ASP A 117 -0.89 20.57 43.72
CA ASP A 117 -0.72 21.99 43.95
C ASP A 117 0.29 22.20 45.08
N GLU A 118 1.42 22.84 44.76
CA GLU A 118 2.47 23.05 45.75
C GLU A 118 1.99 23.90 46.91
N LYS A 119 1.24 24.97 46.62
CA LYS A 119 0.79 25.87 47.69
C LYS A 119 -0.15 25.14 48.65
N ALA A 120 -0.99 24.25 48.12
CA ALA A 120 -1.89 23.48 48.98
C ALA A 120 -1.10 22.57 49.91
N ILE A 121 -0.07 21.90 49.39
CA ILE A 121 0.76 21.05 50.24
C ILE A 121 1.46 21.87 51.31
N SER A 122 1.99 23.04 50.93
CA SER A 122 2.68 23.89 51.88
C SER A 122 1.74 24.34 53.00
N ILE A 123 0.52 24.75 52.66
CA ILE A 123 -0.43 25.18 53.67
C ILE A 123 -0.82 24.01 54.58
N LEU A 124 -1.01 22.82 53.99
CA LEU A 124 -1.35 21.66 54.80
C LEU A 124 -0.19 21.30 55.74
N LYS A 125 1.05 21.39 55.25
CA LYS A 125 2.19 21.12 56.11
C LYS A 125 2.25 22.10 57.28
N ASP A 126 1.99 23.38 57.01
CA ASP A 126 1.98 24.37 58.08
C ASP A 126 0.88 24.08 59.10
N SER A 127 -0.31 23.71 58.62
CA SER A 127 -1.41 23.41 59.54
C SER A 127 -1.11 22.19 60.40
N LEU A 128 -0.56 21.13 59.80
CA LEU A 128 -0.24 19.93 60.57
C LEU A 128 0.86 20.19 61.58
N THR A 129 1.89 20.97 61.20
CA THR A 129 2.93 21.34 62.14
C THR A 129 2.38 22.17 63.29
N ASN A 130 1.46 23.10 62.99
CA ASN A 130 0.87 23.95 64.01
C ASN A 130 -0.15 23.24 64.86
N LYS A 131 -0.51 21.99 64.54
CA LYS A 131 -1.47 21.25 65.36
C LYS A 131 -0.97 21.04 66.78
N LYS A 132 0.35 21.11 67.01
CA LYS A 132 0.93 20.95 68.33
C LYS A 132 1.45 22.26 68.90
N VAL A 133 2.36 22.93 68.20
CA VAL A 133 2.93 24.21 68.62
C VAL A 133 3.46 24.16 70.06
N ASP A 138 12.41 23.94 68.45
CA ASP A 138 12.33 23.11 69.64
C ASP A 138 13.00 21.76 69.42
N GLU A 139 12.22 20.78 68.95
CA GLU A 139 12.73 19.44 68.71
C GLU A 139 13.58 19.45 67.43
N SER A 140 14.02 18.26 66.99
CA SER A 140 14.94 18.19 65.87
C SER A 140 14.23 18.43 64.54
N ASP A 141 13.33 17.52 64.15
CA ASP A 141 12.60 17.62 62.90
C ASP A 141 11.54 16.54 62.86
N ILE A 142 10.38 16.87 62.29
CA ILE A 142 9.30 15.91 62.07
C ILE A 142 9.05 15.84 60.57
N LYS A 143 9.12 14.64 60.01
CA LYS A 143 8.90 14.43 58.59
C LYS A 143 7.43 14.13 58.35
N ILE A 144 6.74 15.03 57.64
CA ILE A 144 5.32 14.88 57.33
C ILE A 144 5.19 14.27 55.94
N ASN A 145 4.43 13.20 55.83
CA ASN A 145 4.31 12.44 54.58
C ASN A 145 3.31 13.13 53.65
N LEU A 146 3.74 14.27 53.11
CA LEU A 146 2.97 15.01 52.12
C LEU A 146 3.74 15.00 50.81
N PHE A 147 3.11 14.51 49.75
CA PHE A 147 3.71 14.41 48.44
C PHE A 147 3.05 15.41 47.51
N CYS A 148 3.86 16.25 46.86
CA CYS A 148 3.39 17.14 45.82
C CYS A 148 3.67 16.45 44.50
N CYS A 149 2.63 15.88 43.89
CA CYS A 149 2.81 15.02 42.72
C CYS A 149 1.46 14.80 42.05
N ASP A 150 1.53 14.13 40.89
CA ASP A 150 0.35 13.58 40.22
C ASP A 150 0.08 12.21 40.84
N SER A 151 -0.99 12.11 41.63
CA SER A 151 -1.30 10.85 42.30
C SER A 151 -1.55 9.73 41.30
N LEU A 152 -1.97 10.07 40.08
CA LEU A 152 -2.21 9.06 39.06
C LEU A 152 -0.94 8.62 38.35
N LYS A 153 0.17 9.35 38.53
CA LYS A 153 1.46 8.92 37.99
C LYS A 153 2.44 8.43 39.05
N LYS A 154 2.22 8.78 40.32
CA LYS A 154 3.19 8.45 41.36
C LYS A 154 3.37 6.95 41.49
N LYS A 155 4.63 6.52 41.61
CA LYS A 155 4.94 5.14 41.94
C LYS A 155 4.74 4.97 43.44
N TRP A 156 3.57 4.48 43.83
CA TRP A 156 3.27 4.30 45.25
C TRP A 156 4.04 3.10 45.78
N ARG A 157 4.79 3.32 46.86
CA ARG A 157 5.73 2.33 47.35
C ARG A 157 5.14 1.41 48.42
N TYR A 158 3.88 1.60 48.79
CA TYR A 158 3.20 0.72 49.74
C TYR A 158 1.72 1.05 49.73
N LYS A 159 0.92 0.09 50.20
CA LYS A 159 -0.53 0.26 50.25
C LYS A 159 -0.93 0.94 51.57
N PHE A 160 -2.22 1.22 51.72
CA PHE A 160 -2.70 2.03 52.83
C PHE A 160 -3.89 1.37 53.51
N ASP A 161 -4.00 1.60 54.83
CA ASP A 161 -5.10 1.04 55.60
C ASP A 161 -6.41 1.74 55.30
N TYR A 162 -6.40 3.06 55.23
CA TYR A 162 -7.62 3.84 55.02
C TYR A 162 -7.35 4.95 54.02
N ILE A 163 -8.30 5.17 53.11
CA ILE A 163 -8.21 6.21 52.09
C ILE A 163 -9.50 7.01 52.09
N VAL A 164 -9.38 8.33 52.20
CA VAL A 164 -10.53 9.24 52.22
C VAL A 164 -10.23 10.40 51.29
N GLY A 165 -11.27 11.12 50.90
CA GLY A 165 -11.10 12.41 50.25
C GLY A 165 -12.14 12.65 49.17
N ASN A 166 -11.88 13.72 48.42
CA ASN A 166 -12.76 14.20 47.36
C ASN A 166 -11.92 14.43 46.11
N PRO A 167 -11.94 13.50 45.16
CA PRO A 167 -11.05 13.60 43.99
C PRO A 167 -11.49 14.70 43.05
N PRO A 168 -10.63 15.11 42.12
CA PRO A 168 -11.08 16.07 41.10
C PRO A 168 -12.01 15.41 40.09
N TYR A 169 -13.01 16.17 39.63
CA TYR A 169 -13.90 15.73 38.56
C TYR A 169 -13.60 16.57 37.33
N ILE A 170 -13.25 15.92 36.22
CA ILE A 170 -12.97 16.61 34.96
C ILE A 170 -13.51 15.76 33.82
N GLY A 171 -14.42 16.33 33.01
CA GLY A 171 -15.04 15.62 31.92
C GLY A 171 -14.25 15.68 30.62
N HIS A 172 -14.81 15.04 29.60
CA HIS A 172 -14.07 14.84 28.35
C HIS A 172 -13.79 16.14 27.60
N LYS A 173 -14.58 17.19 27.84
CA LYS A 173 -14.34 18.45 27.14
C LYS A 173 -13.25 19.27 27.78
N LYS A 174 -13.17 19.25 29.11
CA LYS A 174 -12.27 20.14 29.86
C LYS A 174 -10.94 19.48 30.21
N LEU A 175 -10.69 18.27 29.75
CA LEU A 175 -9.46 17.56 30.07
C LEU A 175 -8.42 17.77 28.98
N GLU A 176 -7.17 18.00 29.39
CA GLU A 176 -6.10 18.28 28.44
C GLU A 176 -5.83 17.08 27.54
N LYS A 177 -5.43 17.37 26.30
CA LYS A 177 -5.30 16.32 25.28
C LYS A 177 -4.19 15.34 25.60
N LYS A 178 -3.00 15.84 25.95
CA LYS A 178 -1.89 14.96 26.28
C LYS A 178 -2.20 14.14 27.53
N TYR A 179 -2.79 14.78 28.55
CA TYR A 179 -3.18 14.06 29.75
C TYR A 179 -4.23 13.00 29.44
N LYS A 180 -5.19 13.33 28.56
CA LYS A 180 -6.21 12.36 28.18
C LYS A 180 -5.60 11.17 27.46
N LYS A 181 -4.58 11.42 26.64
CA LYS A 181 -3.87 10.33 25.99
C LYS A 181 -3.21 9.41 27.03
N PHE A 182 -2.63 10.00 28.07
CA PHE A 182 -2.04 9.22 29.15
C PHE A 182 -3.09 8.36 29.86
N LEU A 183 -4.24 8.96 30.15
CA LEU A 183 -5.30 8.21 30.84
C LEU A 183 -5.83 7.08 29.96
N LEU A 184 -6.00 7.34 28.65
CA LEU A 184 -6.47 6.30 27.75
C LEU A 184 -5.48 5.15 27.68
N GLU A 185 -4.18 5.46 27.72
CA GLU A 185 -3.16 4.42 27.63
C GLU A 185 -3.08 3.61 28.93
N LYS A 186 -3.05 4.29 30.08
CA LYS A 186 -2.71 3.65 31.34
C LYS A 186 -3.92 3.23 32.18
N TYR A 187 -5.04 3.95 32.07
CA TYR A 187 -6.23 3.66 32.87
C TYR A 187 -7.37 3.12 32.03
N SER A 188 -7.06 2.35 30.99
CA SER A 188 -8.06 1.87 30.06
C SER A 188 -9.11 0.97 30.73
N GLU A 189 -8.79 0.38 31.88
CA GLU A 189 -9.73 -0.49 32.57
C GLU A 189 -10.97 0.27 33.06
N VAL A 190 -10.85 1.56 33.30
CA VAL A 190 -12.00 2.36 33.74
C VAL A 190 -12.22 3.62 32.92
N TYR A 191 -11.23 4.09 32.16
CA TYR A 191 -11.33 5.34 31.43
C TYR A 191 -11.27 5.06 29.94
N LYS A 192 -12.36 5.39 29.23
CA LYS A 192 -12.40 5.34 27.78
C LYS A 192 -13.57 6.20 27.33
N ASP A 193 -13.47 6.68 26.09
CA ASP A 193 -14.54 7.43 25.42
C ASP A 193 -14.86 8.67 26.25
N LYS A 194 -16.09 8.83 26.74
CA LYS A 194 -16.52 10.05 27.42
C LYS A 194 -16.43 9.92 28.94
N ALA A 195 -15.50 9.10 29.43
CA ALA A 195 -15.35 8.87 30.86
C ALA A 195 -14.80 10.12 31.56
N ASP A 196 -14.74 10.06 32.88
CA ASP A 196 -14.32 11.18 33.71
C ASP A 196 -13.05 10.83 34.46
N LEU A 197 -12.32 11.88 34.86
CA LEU A 197 -11.06 11.71 35.57
C LEU A 197 -11.25 10.97 36.90
N TYR A 198 -12.36 11.24 37.60
CA TYR A 198 -12.57 10.59 38.90
C TYR A 198 -12.77 9.08 38.77
N PHE A 199 -13.04 8.58 37.57
CA PHE A 199 -13.00 7.14 37.35
C PHE A 199 -11.60 6.61 37.67
N CYS A 200 -10.57 7.32 37.20
CA CYS A 200 -9.20 6.89 37.42
C CYS A 200 -8.81 6.99 38.89
N PHE A 201 -9.30 8.03 39.58
CA PHE A 201 -9.03 8.15 41.00
C PHE A 201 -9.67 7.02 41.79
N TYR A 202 -10.88 6.61 41.40
CA TYR A 202 -11.48 5.41 41.98
C TYR A 202 -10.57 4.20 41.80
N LYS A 203 -10.04 4.03 40.59
CA LYS A 203 -9.19 2.87 40.31
C LYS A 203 -7.90 2.93 41.12
N LYS A 204 -7.26 4.11 41.17
CA LYS A 204 -6.02 4.23 41.93
C LYS A 204 -6.25 3.96 43.41
N ILE A 205 -7.34 4.49 43.97
CA ILE A 205 -7.64 4.29 45.38
C ILE A 205 -7.84 2.80 45.68
N ILE A 206 -8.63 2.13 44.84
CA ILE A 206 -8.84 0.69 45.02
C ILE A 206 -7.51 -0.05 44.92
N ASP A 207 -6.65 0.35 43.99
CA ASP A 207 -5.42 -0.39 43.74
C ASP A 207 -4.47 -0.33 44.93
N ILE A 208 -4.33 0.83 45.57
CA ILE A 208 -3.34 1.00 46.62
C ILE A 208 -3.95 0.85 48.01
N LEU A 209 -5.13 0.26 48.11
CA LEU A 209 -5.77 0.00 49.40
C LEU A 209 -5.31 -1.36 49.92
N LYS A 210 -4.87 -1.39 51.18
CA LYS A 210 -4.38 -2.62 51.77
C LYS A 210 -5.49 -3.66 51.86
N GLN A 211 -5.09 -4.93 51.88
CA GLN A 211 -6.03 -6.00 52.18
C GLN A 211 -6.68 -5.74 53.53
N GLY A 212 -8.01 -5.82 53.57
CA GLY A 212 -8.74 -5.46 54.75
C GLY A 212 -8.91 -3.97 54.98
N GLY A 213 -8.45 -3.13 54.05
CA GLY A 213 -8.58 -1.70 54.21
C GLY A 213 -9.97 -1.19 53.89
N ILE A 214 -10.19 0.10 54.17
CA ILE A 214 -11.48 0.75 53.97
C ILE A 214 -11.27 2.09 53.27
N GLY A 215 -12.01 2.31 52.19
CA GLY A 215 -11.99 3.58 51.50
C GLY A 215 -13.37 4.22 51.53
N SER A 216 -13.37 5.55 51.64
CA SER A 216 -14.63 6.30 51.64
C SER A 216 -14.39 7.65 50.97
N VAL A 217 -15.14 7.91 49.89
CA VAL A 217 -14.94 9.10 49.08
C VAL A 217 -16.28 9.71 48.70
N ILE A 218 -16.26 11.01 48.40
CA ILE A 218 -17.39 11.71 47.81
C ILE A 218 -17.02 12.04 46.37
N THR A 219 -17.87 11.61 45.42
CA THR A 219 -17.65 11.80 43.99
C THR A 219 -18.97 12.21 43.35
N PRO A 220 -19.01 12.51 42.05
CA PRO A 220 -20.31 12.64 41.38
C PRO A 220 -21.06 11.31 41.38
N ARG A 221 -22.38 11.40 41.38
CA ARG A 221 -23.22 10.21 41.38
C ARG A 221 -23.39 9.60 39.99
N TYR A 222 -22.97 10.28 38.93
CA TYR A 222 -23.38 9.91 37.58
C TYR A 222 -22.88 8.54 37.18
N PHE A 223 -21.69 8.13 37.66
CA PHE A 223 -21.14 6.84 37.26
C PHE A 223 -22.03 5.68 37.68
N LEU A 224 -22.90 5.88 38.68
CA LEU A 224 -23.80 4.82 39.12
C LEU A 224 -24.72 4.38 37.99
N GLU A 225 -25.11 5.30 37.11
CA GLU A 225 -26.05 4.99 36.04
C GLU A 225 -25.49 5.23 34.64
N SER A 226 -24.46 6.05 34.49
CA SER A 226 -24.04 6.48 33.16
C SER A 226 -23.45 5.33 32.36
N LEU A 227 -23.59 5.43 31.04
CA LEU A 227 -22.99 4.45 30.15
C LEU A 227 -21.46 4.48 30.22
N SER A 228 -20.88 5.67 30.44
CA SER A 228 -19.43 5.77 30.52
C SER A 228 -18.88 5.03 31.73
N GLY A 229 -19.65 4.95 32.81
CA GLY A 229 -19.20 4.33 34.03
C GLY A 229 -19.37 2.84 34.11
N LYS A 230 -19.70 2.18 33.00
CA LYS A 230 -19.93 0.73 33.03
C LYS A 230 -18.66 -0.01 33.45
N ASP A 231 -17.51 0.37 32.87
CA ASP A 231 -16.25 -0.29 33.24
C ASP A 231 -15.89 0.00 34.68
N LEU A 232 -16.09 1.25 35.13
CA LEU A 232 -15.80 1.58 36.53
C LEU A 232 -16.66 0.78 37.49
N ARG A 233 -17.96 0.63 37.18
CA ARG A 233 -18.84 -0.18 38.02
C ARG A 233 -18.35 -1.62 38.07
N GLU A 234 -17.92 -2.16 36.93
CA GLU A 234 -17.39 -3.52 36.91
C GLU A 234 -16.13 -3.65 37.76
N TYR A 235 -15.25 -2.66 37.68
CA TYR A 235 -13.99 -2.71 38.44
C TYR A 235 -14.27 -2.68 39.93
N ILE A 236 -15.16 -1.79 40.37
CA ILE A 236 -15.50 -1.68 41.79
C ILE A 236 -16.14 -2.98 42.27
N LYS A 237 -17.13 -3.47 41.53
CA LYS A 237 -17.86 -4.66 41.94
C LYS A 237 -16.92 -5.86 42.09
N SER A 238 -15.96 -6.00 41.19
CA SER A 238 -15.11 -7.19 41.15
C SER A 238 -13.87 -7.09 42.04
N ASN A 239 -13.58 -5.92 42.61
CA ASN A 239 -12.35 -5.76 43.38
C ASN A 239 -12.54 -5.34 44.83
N VAL A 240 -13.69 -4.77 45.20
CA VAL A 240 -13.93 -4.35 46.58
C VAL A 240 -15.35 -4.75 46.97
N ASN A 241 -15.57 -4.83 48.28
CA ASN A 241 -16.92 -4.95 48.83
C ASN A 241 -17.44 -3.54 49.11
N VAL A 242 -18.56 -3.19 48.50
CA VAL A 242 -19.16 -1.87 48.69
C VAL A 242 -20.02 -1.94 49.94
N GLN A 243 -19.60 -1.25 51.01
CA GLN A 243 -20.37 -1.25 52.23
C GLN A 243 -21.60 -0.36 52.12
N GLU A 244 -21.46 0.82 51.54
CA GLU A 244 -22.50 1.83 51.65
C GLU A 244 -22.45 2.80 50.47
N ILE A 245 -23.62 3.19 50.00
CA ILE A 245 -23.77 4.25 49.00
C ILE A 245 -24.77 5.26 49.55
N VAL A 246 -24.32 6.50 49.73
CA VAL A 246 -25.20 7.60 50.09
C VAL A 246 -25.45 8.40 48.81
N ASP A 247 -26.70 8.40 48.34
CA ASP A 247 -27.06 9.04 47.07
C ASP A 247 -27.87 10.30 47.38
N PHE A 248 -27.25 11.46 47.16
CA PHE A 248 -27.94 12.73 47.38
C PHE A 248 -28.79 13.16 46.19
N LEU A 249 -28.80 12.39 45.10
CA LEU A 249 -29.59 12.67 43.90
C LEU A 249 -29.28 14.11 43.47
N GLY A 250 -30.28 14.95 43.20
CA GLY A 250 -30.08 16.29 42.71
C GLY A 250 -29.87 17.35 43.77
N ALA A 251 -29.74 16.96 45.04
CA ALA A 251 -29.49 17.93 46.09
C ALA A 251 -28.20 18.70 45.81
N ASN A 252 -28.14 19.93 46.29
CA ASN A 252 -26.98 20.79 46.08
C ASN A 252 -26.09 20.72 47.33
N ILE A 253 -25.22 19.70 47.33
CA ILE A 253 -24.29 19.53 48.45
C ILE A 253 -23.21 20.60 48.41
N PHE A 254 -22.66 20.87 47.22
CA PHE A 254 -21.63 21.89 47.04
C PHE A 254 -22.31 23.18 46.58
N LYS A 255 -22.25 24.21 47.42
CA LYS A 255 -22.88 25.48 47.08
C LYS A 255 -22.22 26.09 45.85
N ASN A 256 -23.06 26.60 44.94
CA ASN A 256 -22.64 27.26 43.71
C ASN A 256 -21.83 26.34 42.81
N ILE A 257 -22.08 25.04 42.88
CA ILE A 257 -21.48 24.06 41.98
C ILE A 257 -22.60 23.25 41.36
N GLY A 258 -22.59 23.15 40.03
CA GLY A 258 -23.58 22.35 39.33
C GLY A 258 -23.20 20.89 39.23
N VAL A 259 -23.25 20.17 40.35
CA VAL A 259 -22.89 18.75 40.37
C VAL A 259 -23.77 18.04 41.39
N SER A 260 -24.02 16.76 41.14
CA SER A 260 -24.80 15.91 42.03
C SER A 260 -23.87 14.85 42.61
N SER A 261 -23.93 14.69 43.93
CA SER A 261 -22.88 14.01 44.68
C SER A 261 -23.39 12.72 45.31
N CYS A 262 -22.44 11.81 45.56
CA CYS A 262 -22.70 10.60 46.32
C CYS A 262 -21.45 10.24 47.11
N ILE A 263 -21.65 9.50 48.21
CA ILE A 263 -20.55 9.02 49.04
C ILE A 263 -20.50 7.50 48.92
N LEU A 264 -19.33 6.97 48.57
CA LEU A 264 -19.11 5.54 48.44
C LEU A 264 -18.17 5.08 49.53
N THR A 265 -18.54 4.00 50.22
CA THR A 265 -17.67 3.38 51.21
C THR A 265 -17.48 1.91 50.86
N PHE A 266 -16.23 1.49 50.76
CA PHE A 266 -15.89 0.15 50.30
C PHE A 266 -14.71 -0.38 51.11
N ASP A 267 -14.52 -1.70 51.06
CA ASP A 267 -13.45 -2.32 51.82
C ASP A 267 -12.90 -3.50 51.02
N LYS A 268 -11.74 -3.99 51.48
CA LYS A 268 -11.13 -5.21 50.98
C LYS A 268 -11.08 -6.28 52.07
N LYS A 269 -12.14 -6.35 52.87
CA LYS A 269 -12.24 -7.31 53.96
C LYS A 269 -12.79 -8.64 53.45
N LYS A 270 -12.21 -9.73 53.92
CA LYS A 270 -12.68 -11.07 53.58
C LYS A 270 -13.99 -11.33 54.31
N THR A 271 -15.10 -11.25 53.58
CA THR A 271 -16.42 -11.48 54.14
C THR A 271 -17.26 -12.30 53.18
N LYS A 272 -18.21 -13.05 53.73
CA LYS A 272 -19.21 -13.75 52.92
C LYS A 272 -20.43 -12.90 52.64
N GLU A 273 -20.59 -11.77 53.34
CA GLU A 273 -21.74 -10.89 53.13
C GLU A 273 -21.45 -9.95 51.98
N THR A 274 -22.33 -9.96 50.98
CA THR A 274 -22.18 -9.12 49.80
C THR A 274 -23.35 -8.14 49.68
N TYR A 275 -23.72 -7.51 50.79
CA TYR A 275 -24.87 -6.63 50.84
C TYR A 275 -24.42 -5.18 51.06
N ILE A 276 -25.12 -4.26 50.40
CA ILE A 276 -24.78 -2.84 50.40
C ILE A 276 -25.90 -2.08 51.10
N ASP A 277 -25.53 -1.16 51.99
CA ASP A 277 -26.49 -0.20 52.51
C ASP A 277 -26.63 0.96 51.52
N VAL A 278 -27.84 1.19 51.02
CA VAL A 278 -28.11 2.31 50.13
C VAL A 278 -28.98 3.30 50.88
N PHE A 279 -28.48 4.52 51.05
CA PHE A 279 -29.25 5.63 51.62
C PHE A 279 -29.57 6.60 50.49
N LYS A 280 -30.83 6.65 50.09
CA LYS A 280 -31.26 7.47 48.97
C LYS A 280 -32.13 8.61 49.49
N ILE A 281 -31.73 9.85 49.20
CA ILE A 281 -32.45 11.00 49.72
C ILE A 281 -33.87 11.02 49.14
N LYS A 282 -34.82 11.51 49.94
CA LYS A 282 -36.21 11.61 49.53
C LYS A 282 -36.63 13.02 49.16
N ASN A 283 -36.03 14.03 49.79
CA ASN A 283 -36.35 15.43 49.53
C ASN A 283 -35.07 16.11 49.06
N GLU A 284 -35.06 16.56 47.81
CA GLU A 284 -33.88 17.19 47.24
C GLU A 284 -33.73 18.66 47.65
N ASP A 285 -34.74 19.23 48.31
CA ASP A 285 -34.73 20.64 48.68
C ASP A 285 -34.32 20.86 50.15
N ILE A 286 -33.53 19.95 50.70
CA ILE A 286 -33.14 20.03 52.11
C ILE A 286 -31.80 20.74 52.22
N CYS A 287 -31.59 21.42 53.35
CA CYS A 287 -30.30 22.01 53.67
C CYS A 287 -29.50 21.02 54.49
N ILE A 288 -28.29 20.71 54.02
CA ILE A 288 -27.50 19.62 54.60
C ILE A 288 -27.12 19.88 56.06
N ASN A 289 -27.21 21.14 56.50
CA ASN A 289 -26.86 21.50 57.87
C ASN A 289 -28.04 21.39 58.82
N LYS A 290 -29.09 20.67 58.45
CA LYS A 290 -30.27 20.55 59.29
C LYS A 290 -29.94 19.88 60.62
N PHE A 291 -29.13 18.82 60.59
CA PHE A 291 -28.66 18.15 61.79
C PHE A 291 -27.18 18.40 61.97
N GLU A 292 -26.72 18.22 63.21
CA GLU A 292 -25.31 18.40 63.52
C GLU A 292 -24.43 17.35 62.88
N THR A 293 -24.98 16.18 62.57
CA THR A 293 -24.23 15.07 62.00
C THR A 293 -24.98 14.50 60.81
N LEU A 294 -24.23 13.91 59.87
CA LEU A 294 -24.85 13.32 58.69
C LEU A 294 -25.62 12.06 59.04
N GLU A 295 -25.22 11.35 60.10
CA GLU A 295 -25.92 10.12 60.49
C GLU A 295 -27.34 10.42 60.95
N GLU A 296 -27.55 11.56 61.61
CA GLU A 296 -28.91 11.95 61.98
C GLU A 296 -29.77 12.16 60.75
N LEU A 297 -29.23 12.83 59.73
CA LEU A 297 -29.97 13.03 58.49
C LEU A 297 -30.27 11.71 57.80
N LEU A 298 -29.29 10.80 57.78
CA LEU A 298 -29.47 9.53 57.08
C LEU A 298 -30.54 8.68 57.76
N LYS A 299 -30.58 8.66 59.09
CA LYS A 299 -31.57 7.88 59.81
C LYS A 299 -32.94 8.56 59.86
N SER A 300 -33.03 9.83 59.45
CA SER A 300 -34.28 10.57 59.53
C SER A 300 -35.21 10.18 58.39
N SER A 301 -36.40 10.79 58.40
CA SER A 301 -37.38 10.57 57.34
C SER A 301 -36.98 11.23 56.03
N LYS A 302 -35.95 12.08 56.04
CA LYS A 302 -35.47 12.70 54.82
C LYS A 302 -34.77 11.72 53.89
N PHE A 303 -34.42 10.54 54.38
CA PHE A 303 -33.74 9.52 53.58
C PHE A 303 -34.54 8.22 53.65
N GLU A 304 -34.34 7.37 52.65
CA GLU A 304 -34.79 5.99 52.69
C GLU A 304 -33.57 5.07 52.67
N HIS A 305 -33.70 3.93 53.34
CA HIS A 305 -32.64 2.94 53.39
C HIS A 305 -33.14 1.60 52.86
N PHE A 306 -32.29 0.93 52.09
CA PHE A 306 -32.57 -0.43 51.64
C PHE A 306 -31.24 -1.10 51.32
N ASN A 307 -31.29 -2.42 51.14
CA ASN A 307 -30.10 -3.22 50.93
C ASN A 307 -30.11 -3.83 49.54
N ILE A 308 -28.93 -3.86 48.92
CA ILE A 308 -28.73 -4.42 47.59
C ILE A 308 -27.65 -5.50 47.69
N ASN A 309 -27.95 -6.67 47.11
CA ASN A 309 -26.98 -7.77 47.07
C ASN A 309 -25.97 -7.47 45.97
N GLN A 310 -24.71 -7.19 46.35
CA GLN A 310 -23.68 -6.87 45.37
C GLN A 310 -23.47 -8.00 44.39
N ARG A 311 -23.69 -9.24 44.82
CA ARG A 311 -23.53 -10.38 43.92
C ARG A 311 -24.56 -10.38 42.80
N LEU A 312 -25.69 -9.69 42.97
CA LEU A 312 -26.76 -9.65 41.97
C LEU A 312 -26.66 -8.44 41.05
N LEU A 313 -25.60 -7.65 41.16
CA LEU A 313 -25.44 -6.49 40.28
C LEU A 313 -25.03 -6.95 38.88
N SER A 314 -25.75 -6.45 37.87
CA SER A 314 -25.37 -6.64 36.48
C SER A 314 -24.41 -5.52 36.08
N ASP A 315 -24.20 -5.34 34.77
CA ASP A 315 -23.43 -4.19 34.31
C ASP A 315 -24.09 -2.89 34.74
N GLU A 316 -25.40 -2.90 34.93
CA GLU A 316 -26.12 -1.77 35.52
C GLU A 316 -26.41 -2.06 36.99
N TRP A 317 -26.42 -0.99 37.79
CA TRP A 317 -26.69 -1.07 39.22
C TRP A 317 -28.08 -0.49 39.46
N ILE A 318 -29.07 -1.37 39.63
CA ILE A 318 -30.44 -0.95 39.87
C ILE A 318 -30.63 -0.88 41.38
N LEU A 319 -30.46 0.31 41.95
CA LEU A 319 -30.48 0.52 43.40
C LEU A 319 -31.83 1.12 43.78
N VAL A 320 -32.83 0.25 43.97
CA VAL A 320 -34.18 0.66 44.34
C VAL A 320 -34.70 -0.26 45.45
N ASN A 321 -35.71 0.23 46.16
CA ASN A 321 -36.31 -0.55 47.24
C ASN A 321 -37.10 -1.72 46.67
N LYS A 322 -37.65 -2.55 47.57
CA LYS A 322 -38.28 -3.80 47.15
C LYS A 322 -39.51 -3.56 46.30
N ASP A 323 -40.32 -2.56 46.66
CA ASP A 323 -41.53 -2.27 45.88
C ASP A 323 -41.18 -1.82 44.46
N ASP A 324 -40.19 -0.93 44.33
CA ASP A 324 -39.77 -0.49 43.01
C ASP A 324 -39.18 -1.64 42.20
N GLU A 325 -38.39 -2.49 42.85
CA GLU A 325 -37.82 -3.64 42.17
C GLU A 325 -38.91 -4.58 41.66
N THR A 326 -39.93 -4.85 42.48
CA THR A 326 -41.05 -5.68 42.04
C THR A 326 -41.76 -5.05 40.86
N PHE A 327 -42.02 -3.74 40.96
CA PHE A 327 -42.65 -2.98 39.87
C PHE A 327 -41.83 -3.09 38.59
N TYR A 328 -40.52 -2.83 38.69
CA TYR A 328 -39.65 -2.86 37.52
C TYR A 328 -39.61 -4.26 36.89
N ASN A 329 -39.45 -5.29 37.72
CA ASN A 329 -39.37 -6.66 37.19
C ASN A 329 -40.68 -7.09 36.53
N LYS A 330 -41.81 -6.64 37.09
CA LYS A 330 -43.09 -6.96 36.47
C LYS A 330 -43.18 -6.39 35.05
N ILE A 331 -42.81 -5.12 34.89
CA ILE A 331 -42.88 -4.48 33.58
C ILE A 331 -41.90 -5.12 32.61
N GLN A 332 -40.68 -5.41 33.08
CA GLN A 332 -39.69 -6.05 32.21
C GLN A 332 -40.18 -7.41 31.72
N GLU A 333 -40.77 -8.20 32.61
CA GLU A 333 -41.22 -9.53 32.24
C GLU A 333 -42.44 -9.47 31.33
N LYS A 334 -43.35 -8.52 31.56
CA LYS A 334 -44.59 -8.47 30.80
C LYS A 334 -44.37 -7.93 29.38
N CYS A 335 -43.35 -7.11 29.18
CA CYS A 335 -43.13 -6.45 27.89
C CYS A 335 -42.19 -7.29 27.04
N LYS A 336 -42.70 -7.73 25.88
CA LYS A 336 -41.92 -8.57 24.97
C LYS A 336 -41.07 -7.77 24.00
N TYR A 337 -41.38 -6.51 23.77
CA TYR A 337 -40.62 -5.66 22.86
C TYR A 337 -39.90 -4.57 23.62
N SER A 338 -38.94 -3.95 22.95
CA SER A 338 -38.30 -2.73 23.42
C SER A 338 -38.34 -1.71 22.29
N LEU A 339 -38.14 -0.44 22.65
CA LEU A 339 -38.13 0.60 21.63
C LEU A 339 -37.01 0.35 20.61
N GLU A 340 -35.85 -0.11 21.08
CA GLU A 340 -34.76 -0.41 20.17
C GLU A 340 -35.15 -1.47 19.14
N ASP A 341 -35.96 -2.45 19.56
CA ASP A 341 -36.43 -3.49 18.64
C ASP A 341 -37.25 -2.89 17.50
N ILE A 342 -38.10 -1.92 17.81
CA ILE A 342 -39.16 -1.51 16.88
C ILE A 342 -38.91 -0.16 16.23
N ALA A 343 -37.86 0.56 16.61
CA ALA A 343 -37.72 1.94 16.18
C ALA A 343 -36.28 2.25 15.79
N ILE A 344 -36.13 3.31 14.99
CA ILE A 344 -34.83 3.85 14.59
C ILE A 344 -34.65 5.18 15.30
N SER A 345 -33.58 5.31 16.07
CA SER A 345 -33.34 6.48 16.91
C SER A 345 -32.20 7.31 16.36
N PHE A 346 -32.26 8.63 16.56
CA PHE A 346 -31.16 9.47 16.12
C PHE A 346 -31.13 10.79 16.91
N GLN A 347 -29.91 11.31 17.07
CA GLN A 347 -29.69 12.61 17.68
C GLN A 347 -29.92 13.72 16.66
N GLY A 348 -30.25 14.91 17.16
CA GLY A 348 -30.58 16.03 16.29
C GLY A 348 -29.37 16.64 15.62
N ILE A 349 -29.64 17.73 14.90
CA ILE A 349 -28.59 18.44 14.18
C ILE A 349 -27.60 19.03 15.17
N ILE A 350 -26.32 18.99 14.82
CA ILE A 350 -25.28 19.69 15.56
C ILE A 350 -24.65 20.65 14.57
N THR A 351 -25.10 21.90 14.55
CA THR A 351 -24.56 22.87 13.62
C THR A 351 -23.08 23.15 13.90
N GLY A 352 -22.71 23.14 15.19
CA GLY A 352 -21.39 23.54 15.60
C GLY A 352 -21.26 25.02 15.89
N CYS A 353 -22.23 25.83 15.42
CA CYS A 353 -22.37 27.21 15.86
C CYS A 353 -23.82 27.61 15.58
N ASP A 354 -24.66 27.55 16.62
CA ASP A 354 -26.09 27.74 16.41
C ASP A 354 -26.41 29.15 15.95
N LYS A 355 -25.68 30.15 16.47
CA LYS A 355 -25.97 31.55 16.13
C LYS A 355 -25.71 31.85 14.67
N ALA A 356 -24.87 31.07 13.99
CA ALA A 356 -24.60 31.31 12.58
C ALA A 356 -25.67 30.71 11.66
N PHE A 357 -26.50 29.80 12.17
CA PHE A 357 -27.44 29.08 11.31
C PHE A 357 -28.89 29.16 11.76
N ILE A 358 -29.17 29.61 12.98
CA ILE A 358 -30.53 29.63 13.53
C ILE A 358 -31.00 31.07 13.61
N LEU A 359 -32.16 31.35 13.05
CA LEU A 359 -32.74 32.68 13.05
C LEU A 359 -34.20 32.62 13.47
N SER A 360 -34.68 33.71 14.05
CA SER A 360 -36.10 33.85 14.32
C SER A 360 -36.87 33.78 13.01
N LYS A 361 -38.05 33.14 13.05
CA LYS A 361 -38.86 33.01 11.85
C LYS A 361 -39.26 34.36 11.27
N ASP A 362 -39.25 35.42 12.10
CA ASP A 362 -39.59 36.76 11.67
C ASP A 362 -38.36 37.62 11.39
N ASP A 363 -37.17 37.02 11.33
CA ASP A 363 -35.97 37.77 11.02
C ASP A 363 -35.98 38.18 9.56
N VAL A 364 -35.71 39.46 9.30
CA VAL A 364 -35.70 39.98 7.93
C VAL A 364 -34.65 39.28 7.08
N LYS A 365 -33.56 38.81 7.72
CA LYS A 365 -32.49 38.14 6.98
C LYS A 365 -32.98 36.89 6.27
N LEU A 366 -34.11 36.31 6.70
CA LEU A 366 -34.65 35.13 6.03
C LEU A 366 -35.14 35.44 4.63
N ASN A 367 -35.41 36.70 4.31
CA ASN A 367 -35.74 37.07 2.94
C ASN A 367 -34.56 36.85 1.99
N LEU A 368 -33.35 36.77 2.52
CA LEU A 368 -32.17 36.47 1.73
C LEU A 368 -31.99 34.99 1.45
N VAL A 369 -32.75 34.13 2.12
CA VAL A 369 -32.55 32.68 2.06
C VAL A 369 -33.75 32.06 1.36
N ASP A 370 -33.47 31.25 0.32
CA ASP A 370 -34.51 30.51 -0.36
C ASP A 370 -35.18 29.54 0.61
N ASP A 371 -36.52 29.43 0.51
CA ASP A 371 -37.27 28.59 1.42
C ASP A 371 -36.91 27.12 1.31
N LYS A 372 -36.28 26.71 0.21
CA LYS A 372 -35.81 25.34 0.11
C LYS A 372 -34.69 25.04 1.09
N PHE A 373 -33.99 26.06 1.57
CA PHE A 373 -32.91 25.90 2.54
C PHE A 373 -33.38 26.00 3.99
N LEU A 374 -34.64 26.33 4.22
CA LEU A 374 -35.12 26.67 5.56
C LEU A 374 -35.90 25.51 6.16
N LYS A 375 -35.57 25.15 7.39
CA LYS A 375 -36.25 24.10 8.13
C LYS A 375 -36.81 24.67 9.43
N CYS A 376 -37.95 24.14 9.85
CA CYS A 376 -38.48 24.46 11.18
C CYS A 376 -37.53 23.93 12.24
N TRP A 377 -37.38 24.70 13.33
CA TRP A 377 -36.36 24.44 14.34
C TRP A 377 -36.99 24.60 15.71
N ILE A 378 -36.90 23.56 16.54
CA ILE A 378 -37.50 23.57 17.86
C ILE A 378 -36.43 23.31 18.91
N LYS A 379 -36.73 23.70 20.14
CA LYS A 379 -35.89 23.43 21.29
C LYS A 379 -36.58 22.44 22.22
N SER A 380 -35.86 22.00 23.24
CA SER A 380 -36.40 21.01 24.17
C SER A 380 -37.66 21.53 24.87
N LYS A 381 -37.70 22.83 25.18
CA LYS A 381 -38.88 23.39 25.85
C LYS A 381 -40.11 23.38 24.96
N ASN A 382 -39.95 23.27 23.65
CA ASN A 382 -41.10 23.19 22.75
C ASN A 382 -41.78 21.83 22.76
N ILE A 383 -41.18 20.83 23.40
CA ILE A 383 -41.77 19.50 23.46
C ILE A 383 -42.66 19.41 24.68
N ASN A 384 -43.94 19.14 24.46
CA ASN A 384 -44.86 18.79 25.52
C ASN A 384 -45.20 17.31 25.40
N LYS A 385 -46.05 16.83 26.30
CA LYS A 385 -46.63 15.51 26.10
C LYS A 385 -47.53 15.54 24.88
N TYR A 386 -47.35 14.55 24.00
CA TYR A 386 -48.16 14.23 22.84
C TYR A 386 -48.06 15.16 21.64
N ILE A 387 -47.54 16.39 21.81
CA ILE A 387 -47.51 17.36 20.71
C ILE A 387 -46.40 18.37 20.96
N VAL A 388 -45.92 18.96 19.87
CA VAL A 388 -44.84 19.93 19.88
C VAL A 388 -45.43 21.32 19.70
N ASP A 389 -44.86 22.30 20.40
CA ASP A 389 -45.26 23.69 20.21
C ASP A 389 -44.92 24.14 18.79
N LYS A 390 -45.66 25.12 18.30
CA LYS A 390 -45.37 25.70 17.00
C LYS A 390 -43.97 26.32 17.01
N SER A 391 -43.18 26.01 15.98
CA SER A 391 -41.79 26.45 15.97
C SER A 391 -41.71 27.95 15.73
N GLU A 392 -40.73 28.58 16.38
CA GLU A 392 -40.46 29.99 16.21
C GLU A 392 -39.09 30.28 15.60
N TYR A 393 -38.31 29.25 15.28
CA TYR A 393 -36.97 29.43 14.75
C TYR A 393 -36.82 28.64 13.45
N ARG A 394 -35.89 29.10 12.63
CA ARG A 394 -35.59 28.47 11.35
C ARG A 394 -34.13 28.08 11.31
N LEU A 395 -33.85 26.92 10.72
CA LEU A 395 -32.48 26.47 10.48
C LEU A 395 -32.14 26.65 9.01
N ILE A 396 -31.00 27.27 8.73
CA ILE A 396 -30.48 27.34 7.37
C ILE A 396 -29.69 26.06 7.13
N TYR A 397 -30.26 25.15 6.34
CA TYR A 397 -29.58 23.90 6.01
C TYR A 397 -28.54 24.22 4.93
N SER A 398 -27.42 24.77 5.39
CA SER A 398 -26.39 25.28 4.50
C SER A 398 -25.67 24.19 3.71
N ASN A 399 -25.84 22.92 4.07
CA ASN A 399 -25.20 21.85 3.32
C ASN A 399 -25.72 21.78 1.89
N ASP A 400 -26.95 22.24 1.65
CA ASP A 400 -27.53 22.23 0.31
C ASP A 400 -27.05 23.38 -0.56
N ILE A 401 -26.27 24.31 -0.02
CA ILE A 401 -25.67 25.38 -0.81
C ILE A 401 -24.56 24.77 -1.66
N ASP A 402 -24.74 24.75 -2.98
CA ASP A 402 -23.82 24.04 -3.85
C ASP A 402 -22.51 24.80 -4.01
N ASN A 403 -22.57 26.01 -4.57
CA ASN A 403 -21.39 26.78 -4.89
C ASN A 403 -21.29 28.01 -3.99
N GLU A 404 -20.05 28.40 -3.68
CA GLU A 404 -19.83 29.56 -2.81
C GLU A 404 -20.20 30.85 -3.53
N ASN A 405 -20.10 30.89 -4.86
CA ASN A 405 -20.47 32.09 -5.60
C ASN A 405 -21.98 32.29 -5.64
N THR A 406 -22.72 31.20 -5.83
CA THR A 406 -24.17 31.28 -5.75
C THR A 406 -24.60 31.45 -4.29
N ASN A 407 -25.68 32.20 -4.08
CA ASN A 407 -26.16 32.54 -2.75
C ASN A 407 -25.08 33.23 -1.93
N LYS A 408 -24.30 34.09 -2.59
CA LYS A 408 -23.20 34.77 -1.90
C LYS A 408 -23.70 35.69 -0.80
N ARG A 409 -24.91 36.24 -0.94
CA ARG A 409 -25.47 37.11 0.10
C ARG A 409 -25.71 36.35 1.39
N ILE A 410 -26.18 35.10 1.30
CA ILE A 410 -26.41 34.29 2.49
C ILE A 410 -25.12 34.10 3.26
N LEU A 411 -24.05 33.73 2.55
CA LEU A 411 -22.76 33.49 3.20
C LEU A 411 -22.14 34.79 3.70
N ASP A 412 -22.35 35.90 2.98
CA ASP A 412 -21.71 37.15 3.37
C ASP A 412 -22.42 37.83 4.53
N GLU A 413 -23.75 37.79 4.55
CA GLU A 413 -24.51 38.61 5.49
C GLU A 413 -25.10 37.84 6.67
N ILE A 414 -25.15 36.51 6.60
CA ILE A 414 -25.74 35.75 7.70
C ILE A 414 -24.71 34.81 8.31
N ILE A 415 -24.24 33.85 7.51
CA ILE A 415 -23.37 32.81 8.04
C ILE A 415 -21.97 33.36 8.31
N GLY A 416 -21.45 34.17 7.39
CA GLY A 416 -20.09 34.65 7.48
C GLY A 416 -19.82 35.54 8.68
N LEU A 417 -20.87 36.03 9.34
CA LEU A 417 -20.69 36.85 10.54
C LEU A 417 -19.94 36.11 11.63
N TYR A 418 -19.93 34.77 11.59
CA TYR A 418 -19.23 33.94 12.56
C TYR A 418 -18.18 33.06 11.89
N LYS A 419 -17.62 33.53 10.76
CA LYS A 419 -16.75 32.68 9.95
C LYS A 419 -15.56 32.16 10.73
N THR A 420 -14.95 33.03 11.55
CA THR A 420 -13.79 32.61 12.35
C THR A 420 -14.14 31.44 13.25
N LYS A 421 -15.21 31.56 14.03
CA LYS A 421 -15.61 30.48 14.94
C LYS A 421 -16.01 29.24 14.16
N LEU A 422 -16.61 29.42 12.99
CA LEU A 422 -16.96 28.27 12.15
C LEU A 422 -15.70 27.54 11.69
N GLU A 423 -14.64 28.28 11.38
CA GLU A 423 -13.40 27.65 10.94
C GLU A 423 -12.65 26.98 12.09
N ASN A 424 -12.95 27.34 13.34
CA ASN A 424 -12.32 26.68 14.48
C ASN A 424 -12.91 25.30 14.77
N ARG A 425 -14.00 24.93 14.10
CA ARG A 425 -14.56 23.60 14.28
C ARG A 425 -13.62 22.53 13.76
N ARG A 426 -13.66 21.37 14.41
CA ARG A 426 -12.68 20.31 14.14
C ARG A 426 -12.71 19.89 12.67
N GLU A 427 -13.90 19.67 12.12
CA GLU A 427 -14.01 19.17 10.76
C GLU A 427 -13.68 20.25 9.72
N CYS A 428 -13.80 21.52 10.07
CA CYS A 428 -13.35 22.57 9.16
C CYS A 428 -11.84 22.65 9.11
N LYS A 429 -11.18 22.55 10.27
CA LYS A 429 -9.72 22.57 10.30
C LYS A 429 -9.12 21.39 9.57
N SER A 430 -9.78 20.23 9.61
CA SER A 430 -9.32 19.06 8.87
C SER A 430 -9.72 19.09 7.40
N GLY A 431 -10.59 20.01 6.99
CA GLY A 431 -11.04 20.11 5.62
C GLY A 431 -12.21 19.24 5.25
N ILE A 432 -12.77 18.49 6.19
CA ILE A 432 -13.91 17.63 5.90
C ILE A 432 -15.16 18.45 5.61
N ARG A 433 -15.30 19.61 6.25
CA ARG A 433 -16.45 20.48 6.07
C ARG A 433 -15.99 21.85 5.59
N LYS A 434 -16.75 22.42 4.65
CA LYS A 434 -16.55 23.82 4.30
C LYS A 434 -16.92 24.71 5.48
N TRP A 435 -16.31 25.90 5.52
CA TRP A 435 -16.49 26.78 6.67
C TRP A 435 -17.94 27.13 6.92
N TYR A 436 -18.80 27.07 5.90
CA TYR A 436 -20.20 27.45 6.04
C TYR A 436 -21.13 26.26 6.17
N GLU A 437 -20.61 25.04 6.17
CA GLU A 437 -21.47 23.87 6.27
C GLU A 437 -21.81 23.57 7.72
N LEU A 438 -22.89 22.83 7.92
CA LEU A 438 -23.22 22.31 9.24
C LEU A 438 -22.20 21.25 9.64
N GLN A 439 -21.81 21.25 10.92
CA GLN A 439 -20.83 20.27 11.38
C GLN A 439 -21.37 18.86 11.25
N TRP A 440 -22.56 18.61 11.81
CA TRP A 440 -23.21 17.30 11.73
C TRP A 440 -24.64 17.51 11.26
N GLY A 441 -24.83 17.56 9.94
CA GLY A 441 -26.14 17.81 9.36
C GLY A 441 -27.05 16.60 9.24
N ARG A 442 -26.54 15.42 9.56
CA ARG A 442 -27.34 14.18 9.61
C ARG A 442 -27.96 13.95 8.22
N GLU A 443 -29.11 13.28 8.18
CA GLU A 443 -29.85 13.05 6.94
C GLU A 443 -31.21 13.72 7.05
N LYS A 444 -31.49 14.63 6.12
CA LYS A 444 -32.75 15.37 6.13
C LYS A 444 -33.96 14.45 6.11
N LEU A 445 -33.84 13.30 5.43
CA LEU A 445 -34.98 12.39 5.31
C LEU A 445 -35.39 11.81 6.66
N PHE A 446 -34.47 11.71 7.61
CA PHE A 446 -34.83 11.21 8.94
C PHE A 446 -35.72 12.20 9.67
N PHE A 447 -35.50 13.50 9.50
CA PHE A 447 -36.30 14.51 10.17
C PHE A 447 -37.60 14.84 9.43
N GLU A 448 -37.60 14.74 8.11
CA GLU A 448 -38.75 15.18 7.31
C GLU A 448 -39.75 14.03 7.12
N ARG A 449 -40.27 13.57 8.25
CA ARG A 449 -41.27 12.52 8.28
C ARG A 449 -41.97 12.57 9.63
N LYS A 450 -43.11 11.88 9.70
CA LYS A 450 -43.78 11.69 10.99
C LYS A 450 -42.86 10.93 11.93
N LYS A 451 -42.67 11.48 13.14
CA LYS A 451 -41.73 10.91 14.10
C LYS A 451 -42.16 11.28 15.51
N ILE A 452 -41.46 10.73 16.48
CA ILE A 452 -41.64 11.05 17.89
C ILE A 452 -40.38 11.76 18.37
N MET A 453 -40.57 12.85 19.12
CA MET A 453 -39.46 13.63 19.65
C MET A 453 -39.61 13.78 21.16
N TYR A 454 -38.48 13.85 21.86
CA TYR A 454 -38.49 14.04 23.30
C TYR A 454 -37.28 14.86 23.72
N PRO A 455 -37.40 15.68 24.76
CA PRO A 455 -36.25 16.48 25.21
C PRO A 455 -35.16 15.60 25.81
N TYR A 456 -33.91 16.03 25.65
CA TYR A 456 -32.79 15.25 26.14
C TYR A 456 -32.64 15.31 27.65
N LYS A 457 -33.18 16.36 28.29
CA LYS A 457 -33.17 16.51 29.73
C LYS A 457 -34.52 17.04 30.16
N SER A 458 -35.16 16.36 31.11
CA SER A 458 -36.51 16.74 31.49
C SER A 458 -36.81 16.22 32.89
N ASN A 459 -37.86 16.78 33.48
CA ASN A 459 -38.35 16.35 34.79
C ASN A 459 -39.33 15.19 34.69
N GLU A 460 -39.86 14.92 33.50
CA GLU A 460 -40.87 13.89 33.33
C GLU A 460 -40.86 13.45 31.87
N ASN A 461 -41.52 12.31 31.60
CA ASN A 461 -41.64 11.82 30.24
C ASN A 461 -42.45 12.81 29.40
N ARG A 462 -41.84 13.29 28.31
CA ARG A 462 -42.52 14.18 27.37
CA ARG A 462 -42.52 14.18 27.37
C ARG A 462 -42.19 13.68 25.96
N PHE A 463 -43.01 12.76 25.46
CA PHE A 463 -42.86 12.20 24.11
C PHE A 463 -43.99 12.74 23.25
N ALA A 464 -43.62 13.40 22.15
CA ALA A 464 -44.58 14.08 21.28
C ALA A 464 -44.48 13.52 19.87
N ILE A 465 -45.63 13.45 19.20
CA ILE A 465 -45.67 13.14 17.78
C ILE A 465 -45.40 14.42 17.01
N ASP A 466 -44.39 14.40 16.16
CA ASP A 466 -44.08 15.55 15.30
C ASP A 466 -44.69 15.33 13.93
N TYR A 467 -45.67 16.17 13.57
CA TYR A 467 -46.24 16.13 12.23
C TYR A 467 -45.63 17.16 11.30
N ASP A 468 -44.81 18.09 11.80
CA ASP A 468 -44.43 19.28 11.07
C ASP A 468 -43.00 19.24 10.54
N ASN A 469 -42.41 18.05 10.45
CA ASN A 469 -41.04 17.89 9.92
C ASN A 469 -40.07 18.81 10.65
N ASN A 470 -40.16 18.82 11.98
CA ASN A 470 -39.34 19.71 12.78
C ASN A 470 -37.91 19.19 12.87
N PHE A 471 -36.97 20.12 12.72
CA PHE A 471 -35.56 19.86 13.00
C PHE A 471 -35.23 20.35 14.40
N SER A 472 -34.12 19.86 14.94
CA SER A 472 -33.75 20.25 16.29
C SER A 472 -32.26 20.00 16.47
N SER A 473 -31.71 20.64 17.51
CA SER A 473 -30.33 20.39 17.91
C SER A 473 -30.28 19.11 18.73
N ALA A 474 -29.13 18.84 19.35
CA ALA A 474 -29.00 17.62 20.14
C ALA A 474 -29.74 17.67 21.47
N ASP A 475 -30.45 18.77 21.78
CA ASP A 475 -31.28 18.82 22.98
C ASP A 475 -32.64 18.17 22.77
N VAL A 476 -32.93 17.69 21.57
CA VAL A 476 -34.15 16.93 21.29
C VAL A 476 -33.77 15.69 20.49
N TYR A 477 -34.20 14.53 20.97
CA TYR A 477 -33.96 13.27 20.27
C TYR A 477 -35.23 12.84 19.56
N SER A 478 -35.05 12.10 18.47
CA SER A 478 -36.17 11.62 17.66
C SER A 478 -36.05 10.12 17.44
N PHE A 479 -37.20 9.50 17.19
CA PHE A 479 -37.20 8.16 16.61
C PHE A 479 -38.44 8.00 15.75
N PHE A 480 -38.39 7.04 14.84
CA PHE A 480 -39.55 6.63 14.06
C PHE A 480 -39.66 5.11 14.08
N ILE A 481 -40.90 4.63 13.92
CA ILE A 481 -41.16 3.20 13.98
C ILE A 481 -40.66 2.53 12.71
N LYS A 482 -40.03 1.37 12.86
CA LYS A 482 -39.63 0.58 11.70
C LYS A 482 -40.86 0.14 10.91
N GLU A 483 -40.67 -0.03 9.59
CA GLU A 483 -41.79 -0.36 8.72
C GLU A 483 -42.41 -1.70 9.10
N GLU A 484 -41.59 -2.68 9.45
CA GLU A 484 -42.11 -4.01 9.77
C GLU A 484 -42.92 -4.04 11.06
N TYR A 485 -42.79 -3.01 11.91
CA TYR A 485 -43.56 -2.96 13.15
C TYR A 485 -44.72 -1.98 13.09
N LEU A 486 -45.01 -1.42 11.91
CA LEU A 486 -46.09 -0.43 11.82
C LEU A 486 -47.47 -1.05 12.01
N ASP A 487 -47.62 -2.33 11.67
CA ASP A 487 -48.91 -2.98 11.86
C ASP A 487 -49.16 -3.37 13.31
N LYS A 488 -48.12 -3.40 14.14
CA LYS A 488 -48.27 -3.72 15.55
C LYS A 488 -48.25 -2.51 16.45
N PHE A 489 -47.46 -1.49 16.11
CA PHE A 489 -47.35 -0.30 16.94
C PHE A 489 -47.60 0.95 16.10
N SER A 490 -48.46 1.83 16.58
CA SER A 490 -48.71 3.14 16.00
C SER A 490 -48.09 4.21 16.88
N TYR A 491 -47.87 5.38 16.27
CA TYR A 491 -47.29 6.50 17.01
C TYR A 491 -48.21 6.95 18.14
N GLU A 492 -49.52 6.98 17.88
CA GLU A 492 -50.48 7.40 18.90
C GLU A 492 -50.47 6.46 20.10
N TYR A 493 -50.38 5.14 19.86
CA TYR A 493 -50.30 4.21 20.97
C TYR A 493 -49.01 4.39 21.76
N LEU A 494 -47.88 4.61 21.07
CA LEU A 494 -46.61 4.72 21.77
C LEU A 494 -46.57 5.95 22.68
N VAL A 495 -46.99 7.10 22.19
CA VAL A 495 -46.96 8.30 23.02
C VAL A 495 -47.95 8.18 24.18
N GLY A 496 -49.02 7.40 24.00
CA GLY A 496 -49.95 7.19 25.10
C GLY A 496 -49.32 6.45 26.26
N ILE A 497 -48.68 5.30 26.00
CA ILE A 497 -48.08 4.55 27.08
C ILE A 497 -46.80 5.23 27.57
N LEU A 498 -46.07 5.91 26.69
CA LEU A 498 -44.79 6.52 27.09
C LEU A 498 -45.00 7.74 27.98
N ASN A 499 -46.13 8.44 27.82
CA ASN A 499 -46.42 9.61 28.65
C ASN A 499 -47.22 9.27 29.90
N SER A 500 -47.50 7.99 30.14
CA SER A 500 -48.28 7.60 31.29
C SER A 500 -47.46 7.72 32.58
N SER A 501 -48.18 7.80 33.70
CA SER A 501 -47.52 7.83 34.99
C SER A 501 -46.74 6.54 35.24
N VAL A 502 -47.27 5.41 34.76
CA VAL A 502 -46.59 4.14 34.90
C VAL A 502 -45.21 4.19 34.24
N TYR A 503 -45.16 4.68 33.01
CA TYR A 503 -43.89 4.71 32.30
C TYR A 503 -42.99 5.83 32.78
N ASP A 504 -43.55 6.92 33.31
CA ASP A 504 -42.72 7.94 33.93
C ASP A 504 -41.94 7.37 35.11
N LYS A 505 -42.65 6.67 36.00
CA LYS A 505 -41.99 6.00 37.12
C LYS A 505 -41.06 4.89 36.64
N TYR A 506 -41.50 4.12 35.65
CA TYR A 506 -40.71 2.99 35.16
C TYR A 506 -39.38 3.46 34.58
N PHE A 507 -39.40 4.52 33.77
CA PHE A 507 -38.15 5.02 33.18
C PHE A 507 -37.23 5.59 34.24
N LYS A 508 -37.78 6.35 35.20
CA LYS A 508 -36.96 7.01 36.21
C LYS A 508 -36.29 6.04 37.17
N ILE A 509 -36.73 4.78 37.19
CA ILE A 509 -36.11 3.80 38.08
C ILE A 509 -34.64 3.62 37.74
N THR A 510 -34.32 3.51 36.45
CA THR A 510 -32.94 3.33 35.99
C THR A 510 -32.40 4.55 35.26
N ALA A 511 -33.18 5.62 35.14
CA ALA A 511 -32.72 6.80 34.42
C ALA A 511 -31.56 7.46 35.15
N LYS A 512 -30.80 8.26 34.40
CA LYS A 512 -29.62 8.94 34.92
C LYS A 512 -30.04 10.29 35.49
N LYS A 513 -30.04 10.40 36.82
CA LYS A 513 -30.41 11.65 37.48
C LYS A 513 -29.25 12.63 37.42
N MET A 514 -29.51 13.84 36.91
CA MET A 514 -28.46 14.80 36.56
C MET A 514 -28.39 15.96 37.55
N SER A 515 -29.50 16.69 37.73
CA SER A 515 -29.58 17.77 38.70
C SER A 515 -30.99 17.75 39.27
N LYS A 516 -31.31 18.76 40.08
CA LYS A 516 -32.59 18.76 40.77
C LYS A 516 -33.73 18.77 39.76
N ASN A 517 -34.56 17.72 39.81
CA ASN A 517 -35.73 17.57 38.93
C ASN A 517 -35.35 17.46 37.45
N ILE A 518 -34.17 16.91 37.16
CA ILE A 518 -33.74 16.72 35.77
C ILE A 518 -33.16 15.32 35.62
N TYR A 519 -33.73 14.54 34.70
CA TYR A 519 -33.16 13.28 34.27
C TYR A 519 -32.66 13.41 32.83
N ASP A 520 -31.62 12.66 32.51
CA ASP A 520 -31.25 12.51 31.11
C ASP A 520 -32.28 11.64 30.39
N TYR A 521 -32.76 12.12 29.25
CA TYR A 521 -33.55 11.30 28.34
C TYR A 521 -32.73 11.16 27.06
N TYR A 522 -31.81 10.22 27.09
CA TYR A 522 -30.88 9.91 26.03
C TYR A 522 -31.18 8.52 25.47
N PRO A 523 -30.89 8.27 24.19
CA PRO A 523 -31.19 6.96 23.60
C PRO A 523 -30.57 5.78 24.34
N ASN A 524 -29.38 5.94 24.93
CA ASN A 524 -28.72 4.81 25.56
C ASN A 524 -29.56 4.24 26.71
N LYS A 525 -30.53 4.99 27.23
CA LYS A 525 -31.51 4.45 28.16
C LYS A 525 -32.94 4.50 27.63
N VAL A 526 -33.29 5.50 26.82
CA VAL A 526 -34.66 5.61 26.32
C VAL A 526 -35.01 4.43 25.42
N MET A 527 -34.06 4.01 24.56
CA MET A 527 -34.34 2.92 23.65
C MET A 527 -34.39 1.56 24.34
N LYS A 528 -33.99 1.48 25.61
CA LYS A 528 -34.14 0.26 26.38
C LYS A 528 -35.52 0.11 27.03
N ILE A 529 -36.34 1.16 26.97
CA ILE A 529 -37.70 1.07 27.50
C ILE A 529 -38.44 -0.05 26.80
N ARG A 530 -39.07 -0.92 27.58
CA ARG A 530 -39.79 -2.06 27.03
C ARG A 530 -41.28 -1.75 26.94
N ILE A 531 -41.92 -2.29 25.90
CA ILE A 531 -43.31 -2.01 25.58
C ILE A 531 -44.05 -3.30 25.31
N PHE A 532 -45.38 -3.22 25.35
CA PHE A 532 -46.23 -4.40 25.32
C PHE A 532 -47.39 -4.19 24.36
N ARG A 533 -48.04 -5.29 24.01
CA ARG A 533 -49.27 -5.25 23.22
CA ARG A 533 -49.26 -5.27 23.20
C ARG A 533 -50.24 -6.27 23.79
N ASP A 534 -51.48 -5.83 24.03
CA ASP A 534 -52.49 -6.73 24.56
C ASP A 534 -53.87 -6.16 24.22
N ASN A 535 -54.90 -6.69 24.91
CA ASN A 535 -56.29 -6.36 24.59
C ASN A 535 -56.62 -4.89 24.82
N ASN A 536 -55.84 -4.18 25.64
CA ASN A 536 -56.11 -2.77 25.89
C ASN A 536 -55.55 -1.86 24.81
N TYR A 537 -54.86 -2.41 23.81
CA TYR A 537 -54.21 -1.58 22.80
C TYR A 537 -55.17 -0.59 22.16
N GLU A 538 -56.35 -1.06 21.76
CA GLU A 538 -57.28 -0.19 21.04
C GLU A 538 -57.77 0.96 21.91
N GLU A 539 -58.16 0.66 23.15
CA GLU A 539 -58.67 1.70 24.03
C GLU A 539 -57.59 2.71 24.39
N ILE A 540 -56.36 2.23 24.66
CA ILE A 540 -55.25 3.13 24.94
C ILE A 540 -55.00 4.04 23.75
N GLU A 541 -54.98 3.47 22.55
CA GLU A 541 -54.75 4.27 21.35
C GLU A 541 -55.85 5.29 21.15
N ASN A 542 -57.10 4.90 21.38
CA ASN A 542 -58.22 5.82 21.22
C ASN A 542 -58.15 6.96 22.23
N LEU A 543 -57.82 6.65 23.49
CA LEU A 543 -57.65 7.69 24.48
C LEU A 543 -56.53 8.65 24.09
N SER A 544 -55.42 8.12 23.58
CA SER A 544 -54.34 8.97 23.12
C SER A 544 -54.79 9.88 21.98
N LYS A 545 -55.56 9.33 21.03
CA LYS A 545 -56.05 10.16 19.93
C LYS A 545 -56.97 11.26 20.43
N GLN A 546 -57.82 10.95 21.42
CA GLN A 546 -58.67 11.99 21.99
C GLN A 546 -57.84 13.08 22.65
N ILE A 547 -56.81 12.69 23.39
CA ILE A 547 -55.93 13.67 24.04
C ILE A 547 -55.28 14.56 23.00
N ILE A 548 -54.77 13.96 21.92
CA ILE A 548 -54.13 14.72 20.86
C ILE A 548 -55.12 15.66 20.20
N SER A 549 -56.34 15.18 19.95
CA SER A 549 -57.35 16.04 19.32
C SER A 549 -57.67 17.25 20.18
N ILE A 550 -57.81 17.04 21.50
CA ILE A 550 -58.07 18.16 22.40
C ILE A 550 -56.89 19.11 22.42
N LEU A 551 -55.67 18.57 22.51
CA LEU A 551 -54.49 19.43 22.60
C LEU A 551 -54.29 20.26 21.35
N LEU A 552 -54.79 19.79 20.21
CA LEU A 552 -54.65 20.50 18.95
C LEU A 552 -55.81 21.46 18.67
N ASN A 553 -56.77 21.57 19.58
CA ASN A 553 -57.90 22.45 19.37
C ASN A 553 -57.48 23.91 19.47
N LYS A 554 -58.42 24.81 19.14
CA LYS A 554 -58.18 26.23 19.30
C LYS A 554 -58.52 26.68 20.72
N SER A 555 -59.75 26.42 21.15
CA SER A 555 -60.17 26.66 22.53
C SER A 555 -59.82 25.43 23.34
N ILE A 556 -58.59 25.39 23.84
CA ILE A 556 -58.07 24.22 24.53
C ILE A 556 -58.42 24.32 26.02
N ASP A 557 -58.92 23.23 26.57
CA ASP A 557 -59.02 23.08 28.01
C ASP A 557 -58.55 21.68 28.37
N LYS A 558 -57.49 21.60 29.16
CA LYS A 558 -56.78 20.35 29.41
C LYS A 558 -57.39 19.53 30.54
N GLY A 559 -58.47 20.00 31.16
CA GLY A 559 -59.07 19.22 32.24
C GLY A 559 -59.52 17.85 31.79
N LYS A 560 -60.21 17.79 30.65
CA LYS A 560 -60.59 16.51 30.09
C LYS A 560 -59.37 15.67 29.75
N VAL A 561 -58.27 16.31 29.33
CA VAL A 561 -57.04 15.59 29.04
C VAL A 561 -56.54 14.85 30.28
N GLU A 562 -56.59 15.52 31.44
CA GLU A 562 -56.14 14.88 32.67
C GLU A 562 -57.01 13.67 33.02
N LYS A 563 -58.33 13.81 32.85
CA LYS A 563 -59.22 12.68 33.10
C LYS A 563 -58.95 11.53 32.15
N LEU A 564 -58.76 11.82 30.86
CA LEU A 564 -58.42 10.77 29.91
C LEU A 564 -57.10 10.12 30.25
N GLN A 565 -56.13 10.92 30.73
CA GLN A 565 -54.84 10.37 31.14
C GLN A 565 -54.99 9.43 32.33
N ILE A 566 -55.85 9.79 33.29
CA ILE A 566 -56.09 8.94 34.44
C ILE A 566 -56.69 7.61 33.99
N LYS A 567 -57.67 7.66 33.09
CA LYS A 567 -58.28 6.44 32.57
C LYS A 567 -57.26 5.59 31.83
N MET A 568 -56.40 6.22 31.03
CA MET A 568 -55.38 5.46 30.31
C MET A 568 -54.38 4.83 31.28
N ASP A 569 -53.98 5.56 32.32
CA ASP A 569 -53.08 5.00 33.32
C ASP A 569 -53.69 3.77 33.98
N ASN A 570 -55.00 3.82 34.25
CA ASN A 570 -55.69 2.66 34.81
C ASN A 570 -55.61 1.46 33.86
N LEU A 571 -55.80 1.70 32.57
CA LEU A 571 -55.68 0.62 31.59
C LEU A 571 -54.28 0.05 31.58
N ILE A 572 -53.26 0.91 31.60
CA ILE A 572 -51.89 0.44 31.54
C ILE A 572 -51.54 -0.35 32.79
N MET A 573 -51.98 0.11 33.96
CA MET A 573 -51.77 -0.65 35.18
C MET A 573 -52.48 -2.00 35.13
N ASP A 574 -53.68 -2.03 34.57
CA ASP A 574 -54.37 -3.30 34.37
C ASP A 574 -53.58 -4.22 33.45
N SER A 575 -53.05 -3.67 32.35
CA SER A 575 -52.30 -4.46 31.39
C SER A 575 -51.06 -5.09 32.04
N LEU A 576 -50.32 -4.29 32.81
CA LEU A 576 -49.06 -4.73 33.39
C LEU A 576 -49.22 -5.44 34.72
N GLY A 577 -50.45 -5.53 35.25
CA GLY A 577 -50.69 -6.24 36.49
C GLY A 577 -50.01 -5.63 37.70
N ILE A 578 -50.10 -4.31 37.83
CA ILE A 578 -49.49 -3.62 38.96
C ILE A 578 -50.55 -2.89 39.77
N ASP B 23 11.09 1.85 -7.80
CA ASP B 23 10.77 1.53 -9.19
C ASP B 23 12.01 1.57 -10.07
N THR B 24 12.32 2.77 -10.58
CA THR B 24 13.47 2.99 -11.45
C THR B 24 13.42 2.11 -12.69
N LYS B 25 12.21 1.83 -13.18
CA LYS B 25 12.02 1.13 -14.44
C LYS B 25 12.24 2.03 -15.65
N LYS B 26 12.65 3.28 -15.41
CA LYS B 26 12.90 4.20 -16.52
C LYS B 26 13.98 3.67 -17.46
N ALA B 27 14.99 3.01 -16.91
CA ALA B 27 16.09 2.46 -17.71
C ALA B 27 15.63 1.34 -18.64
N SER B 28 14.44 0.78 -18.42
CA SER B 28 13.92 -0.27 -19.28
C SER B 28 13.36 0.25 -20.60
N GLY B 29 13.19 1.57 -20.73
CA GLY B 29 12.65 2.16 -21.94
C GLY B 29 11.15 2.36 -21.96
N ILE B 30 10.42 1.86 -20.97
CA ILE B 30 9.01 2.18 -20.84
C ILE B 30 8.92 3.65 -20.43
N TYR B 31 7.70 4.21 -20.49
CA TYR B 31 7.41 5.63 -20.28
C TYR B 31 7.95 6.51 -21.40
N TYR B 32 8.65 5.93 -22.38
CA TYR B 32 9.10 6.68 -23.54
C TYR B 32 7.91 7.03 -24.41
N THR B 33 7.61 8.31 -24.54
CA THR B 33 6.48 8.74 -25.34
C THR B 33 6.74 8.39 -26.80
N PRO B 34 5.77 7.81 -27.50
CA PRO B 34 5.99 7.46 -28.92
C PRO B 34 6.39 8.69 -29.72
N LYS B 35 7.37 8.50 -30.61
CA LYS B 35 7.94 9.63 -31.34
C LYS B 35 6.88 10.37 -32.15
N ILE B 36 5.90 9.63 -32.69
CA ILE B 36 4.82 10.27 -33.45
C ILE B 36 4.03 11.22 -32.55
N ILE B 37 3.83 10.83 -31.28
CA ILE B 37 3.19 11.72 -30.33
C ILE B 37 4.08 12.94 -30.05
N VAL B 38 5.38 12.68 -29.82
CA VAL B 38 6.31 13.76 -29.48
C VAL B 38 6.37 14.78 -30.61
N ASP B 39 6.54 14.30 -31.85
CA ASP B 39 6.60 15.21 -32.99
C ASP B 39 5.31 16.00 -33.14
N TYR B 40 4.17 15.33 -32.94
CA TYR B 40 2.88 16.03 -33.05
C TYR B 40 2.77 17.12 -31.99
N ILE B 41 3.14 16.82 -30.74
CA ILE B 41 2.99 17.79 -29.65
C ILE B 41 3.91 18.99 -29.87
N VAL B 42 5.17 18.73 -30.23
CA VAL B 42 6.12 19.82 -30.47
C VAL B 42 5.66 20.68 -31.65
N LYS B 43 5.22 20.04 -32.73
CA LYS B 43 4.77 20.81 -33.89
C LYS B 43 3.52 21.61 -33.56
N LYS B 44 2.62 21.06 -32.74
CA LYS B 44 1.41 21.79 -32.39
C LYS B 44 1.74 23.05 -31.59
N THR B 45 2.86 23.04 -30.84
CA THR B 45 3.23 24.21 -30.07
C THR B 45 4.00 25.24 -30.90
N LEU B 46 4.89 24.79 -31.78
CA LEU B 46 5.83 25.67 -32.48
C LEU B 46 5.49 25.91 -33.94
N LYS B 47 4.36 25.38 -34.44
CA LYS B 47 4.09 25.41 -35.88
C LYS B 47 4.09 26.82 -36.43
N ASN B 48 3.34 27.72 -35.79
CA ASN B 48 3.11 29.05 -36.33
C ASN B 48 3.87 30.13 -35.57
N HIS B 49 4.95 29.78 -34.88
CA HIS B 49 5.71 30.79 -34.17
C HIS B 49 6.45 31.69 -35.16
N ASP B 50 6.35 33.00 -34.95
CA ASP B 50 7.03 33.99 -35.77
C ASP B 50 8.41 34.22 -35.17
N ILE B 51 9.44 33.61 -35.77
CA ILE B 51 10.78 33.73 -35.20
C ILE B 51 11.37 35.10 -35.47
N ILE B 52 10.94 35.77 -36.55
CA ILE B 52 11.40 37.13 -36.80
C ILE B 52 10.88 38.08 -35.74
N LYS B 53 9.59 37.97 -35.40
CA LYS B 53 9.02 38.85 -34.40
C LYS B 53 9.58 38.56 -33.00
N ASN B 54 9.72 37.28 -32.65
CA ASN B 54 10.24 36.88 -31.34
C ASN B 54 11.31 35.81 -31.53
N PRO B 55 12.58 36.21 -31.66
CA PRO B 55 13.67 35.24 -31.75
C PRO B 55 14.09 34.63 -30.42
N TYR B 56 13.39 34.92 -29.31
CA TYR B 56 13.71 34.37 -28.00
C TYR B 56 12.49 33.68 -27.39
N PRO B 57 11.99 32.60 -28.02
CA PRO B 57 10.89 31.86 -27.40
C PRO B 57 11.42 30.88 -26.35
N ARG B 58 10.77 30.86 -25.19
CA ARG B 58 11.14 29.95 -24.12
C ARG B 58 10.26 28.71 -24.20
N ILE B 59 10.87 27.56 -24.45
CA ILE B 59 10.17 26.28 -24.51
C ILE B 59 10.61 25.45 -23.33
N LEU B 60 9.64 24.99 -22.53
CA LEU B 60 9.92 24.36 -21.25
C LEU B 60 9.25 22.99 -21.16
N ASP B 61 9.97 22.03 -20.58
CA ASP B 61 9.42 20.74 -20.20
C ASP B 61 9.78 20.52 -18.73
N ILE B 62 8.77 20.43 -17.86
CA ILE B 62 9.01 20.36 -16.42
C ILE B 62 9.12 18.93 -15.90
N SER B 63 9.02 17.93 -16.77
CA SER B 63 9.34 16.55 -16.42
C SER B 63 10.13 15.93 -17.57
N CYS B 64 11.19 16.63 -18.00
CA CYS B 64 11.82 16.34 -19.29
C CYS B 64 12.43 14.95 -19.38
N GLY B 65 12.79 14.34 -18.25
CA GLY B 65 13.46 13.05 -18.33
C GLY B 65 14.76 13.17 -19.10
N CYS B 66 15.00 12.23 -20.01
CA CYS B 66 16.20 12.26 -20.82
C CYS B 66 16.08 13.17 -22.04
N GLY B 67 14.93 13.81 -22.24
CA GLY B 67 14.77 14.81 -23.27
C GLY B 67 14.08 14.35 -24.53
N ASN B 68 13.12 13.43 -24.44
CA ASN B 68 12.36 13.03 -25.63
C ASN B 68 11.75 14.23 -26.32
N PHE B 69 11.11 15.11 -25.55
CA PHE B 69 10.49 16.30 -26.13
C PHE B 69 11.52 17.38 -26.45
N LEU B 70 12.45 17.63 -25.52
CA LEU B 70 13.35 18.77 -25.68
C LEU B 70 14.32 18.59 -26.83
N LEU B 71 14.79 17.35 -27.06
CA LEU B 71 15.68 17.12 -28.20
C LEU B 71 14.96 17.37 -29.52
N GLU B 72 13.69 16.97 -29.62
CA GLU B 72 12.91 17.29 -30.81
C GLU B 72 12.66 18.80 -30.90
N VAL B 73 12.45 19.46 -29.76
CA VAL B 73 12.32 20.91 -29.75
C VAL B 73 13.58 21.56 -30.31
N TYR B 74 14.74 21.02 -29.95
CA TYR B 74 16.00 21.55 -30.47
C TYR B 74 16.03 21.51 -31.98
N ASP B 75 15.70 20.35 -32.57
CA ASP B 75 15.76 20.20 -34.01
C ASP B 75 14.80 21.14 -34.72
N ILE B 76 13.56 21.25 -34.21
CA ILE B 76 12.60 22.16 -34.82
C ILE B 76 13.07 23.60 -34.71
N LEU B 77 13.58 23.98 -33.54
CA LEU B 77 14.07 25.34 -33.37
C LEU B 77 15.26 25.63 -34.27
N TYR B 78 16.17 24.65 -34.42
CA TYR B 78 17.35 24.86 -35.25
C TYR B 78 16.95 25.14 -36.70
N ASP B 79 16.02 24.34 -37.24
CA ASP B 79 15.56 24.56 -38.60
C ASP B 79 14.87 25.91 -38.74
N LEU B 80 14.06 26.28 -37.74
CA LEU B 80 13.36 27.56 -37.80
C LEU B 80 14.34 28.73 -37.80
N PHE B 81 15.37 28.66 -36.95
CA PHE B 81 16.38 29.71 -36.96
C PHE B 81 17.16 29.72 -38.26
N GLU B 82 17.55 28.54 -38.75
CA GLU B 82 18.40 28.47 -39.94
C GLU B 82 17.71 29.04 -41.16
N GLU B 83 16.42 28.74 -41.33
CA GLU B 83 15.70 29.19 -42.53
C GLU B 83 15.37 30.68 -42.50
N ASN B 84 15.58 31.36 -41.38
CA ASN B 84 15.33 32.80 -41.30
C ASN B 84 16.57 33.56 -40.83
N ILE B 85 17.75 32.95 -40.92
CA ILE B 85 18.94 33.53 -40.28
C ILE B 85 19.26 34.90 -40.86
N TYR B 86 19.08 35.08 -42.17
CA TYR B 86 19.46 36.34 -42.80
C TYR B 86 18.47 37.45 -42.46
N GLU B 87 17.17 37.13 -42.37
CA GLU B 87 16.20 38.12 -41.91
C GLU B 87 16.51 38.56 -40.48
N LEU B 88 16.88 37.61 -39.62
CA LEU B 88 17.30 37.96 -38.27
C LEU B 88 18.56 38.82 -38.29
N LYS B 89 19.49 38.50 -39.21
CA LYS B 89 20.73 39.26 -39.33
C LYS B 89 20.45 40.71 -39.70
N LYS B 90 19.52 40.95 -40.62
CA LYS B 90 19.20 42.31 -41.03
C LYS B 90 18.43 43.05 -39.94
N LYS B 91 17.48 42.38 -39.28
CA LYS B 91 16.63 43.05 -38.30
C LYS B 91 17.38 43.30 -36.99
N TYR B 92 18.25 42.40 -36.58
CA TYR B 92 18.96 42.46 -35.31
C TYR B 92 20.47 42.54 -35.57
N ASP B 93 21.24 42.37 -34.50
CA ASP B 93 22.70 42.46 -34.59
C ASP B 93 23.23 41.46 -35.61
N GLU B 94 23.89 41.96 -36.65
CA GLU B 94 24.34 41.10 -37.74
C GLU B 94 25.49 40.20 -37.33
N ASN B 95 26.32 40.62 -36.38
CA ASN B 95 27.42 39.77 -35.92
C ASN B 95 26.90 38.59 -35.11
N TYR B 96 25.84 38.81 -34.32
CA TYR B 96 25.32 37.74 -33.47
C TYR B 96 24.67 36.63 -34.28
N TRP B 97 23.92 36.99 -35.32
CA TRP B 97 23.07 36.03 -36.02
C TRP B 97 23.84 35.36 -37.15
N THR B 98 24.48 34.24 -36.81
CA THR B 98 25.16 33.39 -37.77
C THR B 98 24.72 31.95 -37.53
N VAL B 99 24.87 31.11 -38.56
CA VAL B 99 24.43 29.72 -38.45
C VAL B 99 25.16 29.01 -37.31
N ASP B 100 26.47 29.21 -37.22
CA ASP B 100 27.25 28.52 -36.21
C ASP B 100 26.93 29.00 -34.79
N ASN B 101 26.27 30.15 -34.65
CA ASN B 101 25.85 30.63 -33.34
C ASN B 101 24.47 30.15 -32.92
N ILE B 102 23.71 29.55 -33.85
CA ILE B 102 22.34 29.13 -33.55
C ILE B 102 22.30 28.18 -32.36
N HIS B 103 23.20 27.19 -32.37
CA HIS B 103 23.32 26.22 -31.28
C HIS B 103 23.39 26.90 -29.92
N ARG B 104 24.36 27.80 -29.76
CA ARG B 104 24.52 28.52 -28.50
C ARG B 104 23.26 29.31 -28.15
N HIS B 105 22.69 30.01 -29.13
CA HIS B 105 21.51 30.83 -28.87
C HIS B 105 20.36 29.99 -28.32
N ILE B 106 20.12 28.83 -28.94
CA ILE B 106 19.05 27.93 -28.50
C ILE B 106 19.29 27.50 -27.06
N LEU B 107 20.48 26.98 -26.79
CA LEU B 107 20.78 26.45 -25.45
C LEU B 107 20.77 27.55 -24.40
N ASN B 108 21.12 28.78 -24.78
CA ASN B 108 21.17 29.86 -23.81
C ASN B 108 19.79 30.41 -23.47
N TYR B 109 18.91 30.54 -24.47
CA TYR B 109 17.70 31.34 -24.30
C TYR B 109 16.39 30.62 -24.60
N CYS B 110 16.41 29.45 -25.22
CA CYS B 110 15.17 28.90 -25.74
C CYS B 110 14.74 27.59 -25.08
N ILE B 111 15.67 26.73 -24.69
CA ILE B 111 15.36 25.41 -24.16
C ILE B 111 15.49 25.44 -22.64
N TYR B 112 14.43 25.02 -21.95
CA TYR B 112 14.40 24.92 -20.50
C TYR B 112 13.86 23.56 -20.12
N GLY B 113 14.55 22.86 -19.24
CA GLY B 113 14.12 21.55 -18.80
C GLY B 113 14.31 21.37 -17.30
N ALA B 114 13.35 20.68 -16.68
CA ALA B 114 13.41 20.38 -15.26
C ALA B 114 13.02 18.93 -15.03
N ASP B 115 13.72 18.27 -14.11
CA ASP B 115 13.43 16.89 -13.72
C ASP B 115 14.14 16.62 -12.41
N ILE B 116 13.51 15.81 -11.55
CA ILE B 116 14.09 15.50 -10.24
C ILE B 116 15.23 14.51 -10.29
N ASP B 117 15.43 13.82 -11.41
CA ASP B 117 16.43 12.77 -11.52
C ASP B 117 17.74 13.37 -12.03
N GLU B 118 18.78 13.32 -11.18
CA GLU B 118 20.07 13.89 -11.56
C GLU B 118 20.67 13.17 -12.76
N LYS B 119 20.53 11.85 -12.82
CA LYS B 119 21.07 11.10 -13.95
C LYS B 119 20.41 11.52 -15.26
N ALA B 120 19.09 11.73 -15.24
CA ALA B 120 18.38 12.16 -16.44
C ALA B 120 18.86 13.54 -16.90
N ILE B 121 19.04 14.47 -15.96
CA ILE B 121 19.51 15.81 -16.32
C ILE B 121 20.92 15.73 -16.91
N SER B 122 21.78 14.90 -16.31
CA SER B 122 23.15 14.75 -16.82
C SER B 122 23.14 14.22 -18.25
N ILE B 123 22.34 13.18 -18.50
CA ILE B 123 22.28 12.58 -19.84
C ILE B 123 21.72 13.58 -20.85
N LEU B 124 20.66 14.30 -20.47
CA LEU B 124 20.10 15.30 -21.36
C LEU B 124 21.11 16.40 -21.64
N LYS B 125 21.88 16.81 -20.63
CA LYS B 125 22.91 17.82 -20.82
C LYS B 125 23.95 17.36 -21.84
N ASP B 126 24.37 16.11 -21.76
CA ASP B 126 25.29 15.55 -22.74
C ASP B 126 24.67 15.57 -24.14
N SER B 127 23.40 15.14 -24.24
CA SER B 127 22.76 15.06 -25.55
C SER B 127 22.60 16.44 -26.18
N LEU B 128 22.22 17.43 -25.38
CA LEU B 128 22.08 18.78 -25.91
C LEU B 128 23.43 19.35 -26.35
N THR B 129 24.49 19.10 -25.58
CA THR B 129 25.81 19.56 -25.95
C THR B 129 26.30 18.86 -27.22
N ASN B 130 25.99 17.57 -27.36
CA ASN B 130 26.45 16.79 -28.50
C ASN B 130 25.61 17.01 -29.75
N LYS B 131 24.61 17.89 -29.69
CA LYS B 131 23.89 18.30 -30.89
C LYS B 131 24.79 19.05 -31.86
N LYS B 132 25.88 19.62 -31.38
CA LYS B 132 26.83 20.38 -32.18
C LYS B 132 28.22 19.79 -31.97
N VAL B 133 28.92 19.52 -33.06
CA VAL B 133 30.28 18.97 -32.97
C VAL B 133 31.23 20.12 -32.71
N VAL B 134 31.44 20.45 -31.44
CA VAL B 134 32.27 21.58 -31.04
C VAL B 134 33.58 20.97 -30.54
N ASN B 135 34.56 20.88 -31.44
CA ASN B 135 35.90 20.39 -31.10
C ASN B 135 36.69 21.53 -30.46
N ASP B 136 36.29 21.86 -29.23
CA ASP B 136 36.79 23.02 -28.49
C ASP B 136 36.54 24.31 -29.28
N LEU B 137 35.25 24.60 -29.47
CA LEU B 137 34.85 25.78 -30.25
C LEU B 137 34.99 27.06 -29.43
N ASP B 138 34.29 27.15 -28.31
CA ASP B 138 34.32 28.32 -27.44
C ASP B 138 34.92 28.00 -26.08
N GLU B 139 35.78 26.98 -26.02
CA GLU B 139 36.44 26.55 -24.79
C GLU B 139 35.43 26.21 -23.70
N SER B 140 34.34 25.57 -24.09
CA SER B 140 33.30 25.09 -23.16
C SER B 140 32.72 26.23 -22.32
N ASP B 141 32.07 27.16 -23.00
CA ASP B 141 31.48 28.35 -22.38
C ASP B 141 30.01 28.46 -22.75
N ILE B 142 29.27 27.36 -22.62
CA ILE B 142 27.88 27.28 -23.08
C ILE B 142 26.98 27.07 -21.87
N LYS B 143 26.03 27.98 -21.67
CA LYS B 143 25.07 27.87 -20.58
C LYS B 143 23.85 27.09 -21.03
N ILE B 144 23.37 26.19 -20.17
CA ILE B 144 22.22 25.35 -20.47
C ILE B 144 21.22 25.50 -19.34
N ASN B 145 19.95 25.72 -19.67
CA ASN B 145 18.90 25.96 -18.69
C ASN B 145 18.21 24.65 -18.31
N LEU B 146 18.97 23.80 -17.64
CA LEU B 146 18.48 22.52 -17.12
C LEU B 146 18.55 22.55 -15.61
N PHE B 147 17.45 22.18 -14.96
CA PHE B 147 17.35 22.21 -13.50
C PHE B 147 17.04 20.83 -12.98
N CYS B 148 17.81 20.38 -12.00
CA CYS B 148 17.51 19.16 -11.25
C CYS B 148 16.82 19.60 -9.97
N CYS B 149 15.48 19.54 -9.97
CA CYS B 149 14.68 20.10 -8.90
C CYS B 149 13.28 19.49 -8.94
N ASP B 150 12.48 19.84 -7.94
CA ASP B 150 11.06 19.52 -7.93
C ASP B 150 10.32 20.65 -8.62
N SER B 151 9.81 20.38 -9.83
CA SER B 151 9.13 21.42 -10.61
C SER B 151 7.91 21.96 -9.88
N LEU B 152 7.24 21.11 -9.09
CA LEU B 152 6.09 21.58 -8.34
C LEU B 152 6.48 22.50 -7.18
N LYS B 153 7.75 22.49 -6.78
CA LYS B 153 8.23 23.33 -5.70
C LYS B 153 9.05 24.52 -6.17
N LYS B 154 9.65 24.44 -7.36
CA LYS B 154 10.57 25.48 -7.79
C LYS B 154 9.86 26.82 -7.96
N LYS B 155 10.53 27.89 -7.53
CA LYS B 155 10.04 29.26 -7.71
C LYS B 155 10.55 29.76 -9.05
N TRP B 156 9.64 29.96 -10.00
CA TRP B 156 10.00 30.38 -11.34
C TRP B 156 9.96 31.90 -11.43
N ARG B 157 11.08 32.48 -11.88
CA ARG B 157 11.18 33.94 -11.96
C ARG B 157 10.35 34.53 -13.10
N TYR B 158 10.04 33.74 -14.13
CA TYR B 158 9.33 34.26 -15.29
C TYR B 158 8.53 33.14 -15.93
N LYS B 159 7.56 33.52 -16.75
CA LYS B 159 6.71 32.56 -17.44
C LYS B 159 7.35 32.14 -18.76
N PHE B 160 6.70 31.20 -19.44
CA PHE B 160 7.29 30.54 -20.60
C PHE B 160 6.35 30.61 -21.79
N ASP B 161 6.93 30.78 -22.98
CA ASP B 161 6.13 30.93 -24.19
C ASP B 161 5.45 29.62 -24.59
N TYR B 162 6.16 28.50 -24.43
CA TYR B 162 5.60 27.19 -24.78
C TYR B 162 6.01 26.17 -23.73
N ILE B 163 5.11 25.25 -23.41
CA ILE B 163 5.36 24.18 -22.45
C ILE B 163 4.85 22.86 -23.03
N VAL B 164 5.72 21.84 -23.01
CA VAL B 164 5.39 20.52 -23.55
C VAL B 164 5.91 19.46 -22.59
N GLY B 165 5.41 18.25 -22.76
CA GLY B 165 6.00 17.11 -22.09
C GLY B 165 4.96 16.07 -21.68
N ASN B 166 5.44 15.08 -20.93
CA ASN B 166 4.66 13.96 -20.44
C ASN B 166 4.89 13.86 -18.94
N PRO B 167 3.99 14.39 -18.12
CA PRO B 167 4.23 14.45 -16.67
C PRO B 167 4.11 13.08 -16.05
N PRO B 168 4.63 12.89 -14.83
CA PRO B 168 4.43 11.60 -14.15
C PRO B 168 2.99 11.42 -13.73
N TYR B 169 2.52 10.17 -13.79
CA TYR B 169 1.19 9.80 -13.29
C TYR B 169 1.38 8.95 -12.05
N ILE B 170 0.90 9.43 -10.91
CA ILE B 170 0.98 8.69 -9.64
C ILE B 170 -0.31 8.92 -8.87
N GLY B 171 -1.01 7.83 -8.53
CA GLY B 171 -2.28 7.91 -7.84
C GLY B 171 -2.14 7.89 -6.33
N HIS B 172 -3.29 7.89 -5.66
CA HIS B 172 -3.32 8.09 -4.22
C HIS B 172 -2.62 6.97 -3.47
N LYS B 173 -2.56 5.77 -4.04
CA LYS B 173 -1.88 4.66 -3.36
C LYS B 173 -0.37 4.77 -3.43
N LYS B 174 0.17 5.19 -4.59
CA LYS B 174 1.60 5.07 -4.84
C LYS B 174 2.38 6.33 -4.48
N LEU B 175 1.70 7.45 -4.19
CA LEU B 175 2.38 8.63 -3.69
C LEU B 175 2.77 8.45 -2.24
N GLU B 176 3.94 8.99 -1.87
CA GLU B 176 4.34 9.02 -0.47
C GLU B 176 3.50 10.03 0.30
N LYS B 177 3.33 9.77 1.60
CA LYS B 177 2.38 10.55 2.39
C LYS B 177 2.89 11.96 2.67
N LYS B 178 4.18 12.11 2.95
CA LYS B 178 4.73 13.45 3.17
C LYS B 178 4.55 14.31 1.94
N TYR B 179 4.81 13.75 0.76
CA TYR B 179 4.57 14.50 -0.48
C TYR B 179 3.10 14.82 -0.64
N LYS B 180 2.21 13.88 -0.32
CA LYS B 180 0.78 14.13 -0.43
C LYS B 180 0.35 15.26 0.49
N LYS B 181 0.98 15.37 1.67
CA LYS B 181 0.71 16.51 2.54
C LYS B 181 1.10 17.82 1.87
N PHE B 182 2.25 17.83 1.20
CA PHE B 182 2.67 19.01 0.46
C PHE B 182 1.68 19.34 -0.66
N LEU B 183 1.24 18.33 -1.40
CA LEU B 183 0.31 18.56 -2.51
C LEU B 183 -1.04 19.05 -2.01
N LEU B 184 -1.53 18.49 -0.90
CA LEU B 184 -2.80 18.94 -0.35
C LEU B 184 -2.74 20.38 0.14
N GLU B 185 -1.59 20.80 0.67
CA GLU B 185 -1.45 22.17 1.15
C GLU B 185 -1.30 23.16 0.00
N LYS B 186 -0.49 22.83 -1.01
CA LYS B 186 -0.09 23.81 -2.01
C LYS B 186 -0.90 23.73 -3.30
N TYR B 187 -1.50 22.60 -3.61
CA TYR B 187 -2.22 22.42 -4.88
C TYR B 187 -3.69 22.07 -4.64
N SER B 188 -4.26 22.61 -3.56
CA SER B 188 -5.63 22.24 -3.18
C SER B 188 -6.64 22.60 -4.26
N GLU B 189 -6.34 23.60 -5.10
CA GLU B 189 -7.27 24.00 -6.15
C GLU B 189 -7.56 22.87 -7.13
N VAL B 190 -6.64 21.92 -7.28
CA VAL B 190 -6.87 20.80 -8.20
C VAL B 190 -6.62 19.44 -7.55
N TYR B 191 -5.91 19.37 -6.43
CA TYR B 191 -5.53 18.10 -5.82
C TYR B 191 -6.19 17.97 -4.45
N LYS B 192 -6.98 16.92 -4.28
CA LYS B 192 -7.48 16.49 -2.98
C LYS B 192 -8.07 15.10 -3.14
N ASP B 193 -8.20 14.39 -2.01
CA ASP B 193 -8.82 13.08 -1.94
C ASP B 193 -8.07 12.13 -2.87
N LYS B 194 -8.71 11.52 -3.87
CA LYS B 194 -8.08 10.50 -4.71
C LYS B 194 -7.56 11.09 -6.02
N ALA B 195 -7.18 12.36 -6.01
CA ALA B 195 -6.63 13.00 -7.20
C ALA B 195 -5.29 12.39 -7.57
N ASP B 196 -4.77 12.78 -8.74
CA ASP B 196 -3.50 12.27 -9.22
C ASP B 196 -2.47 13.38 -9.30
N LEU B 197 -1.19 12.98 -9.22
CA LEU B 197 -0.10 13.95 -9.27
C LEU B 197 -0.14 14.80 -10.53
N TYR B 198 -0.53 14.20 -11.67
CA TYR B 198 -0.53 14.96 -12.93
C TYR B 198 -1.55 16.09 -12.92
N PHE B 199 -2.51 16.07 -11.99
CA PHE B 199 -3.37 17.23 -11.80
C PHE B 199 -2.54 18.44 -11.42
N CYS B 200 -1.60 18.26 -10.49
CA CYS B 200 -0.75 19.34 -10.04
C CYS B 200 0.17 19.82 -11.15
N PHE B 201 0.64 18.89 -11.99
CA PHE B 201 1.46 19.27 -13.14
C PHE B 201 0.66 20.11 -14.12
N TYR B 202 -0.62 19.76 -14.34
CA TYR B 202 -1.49 20.60 -15.16
C TYR B 202 -1.55 22.01 -14.59
N LYS B 203 -1.74 22.13 -13.27
CA LYS B 203 -1.85 23.45 -12.65
C LYS B 203 -0.56 24.24 -12.78
N LYS B 204 0.59 23.59 -12.53
CA LYS B 204 1.86 24.29 -12.63
C LYS B 204 2.12 24.78 -14.05
N ILE B 205 1.85 23.93 -15.05
CA ILE B 205 2.05 24.30 -16.44
C ILE B 205 1.18 25.51 -16.79
N ILE B 206 -0.09 25.48 -16.38
CA ILE B 206 -0.99 26.60 -16.64
C ILE B 206 -0.48 27.85 -15.93
N ASP B 207 0.01 27.70 -14.69
CA ASP B 207 0.40 28.86 -13.90
C ASP B 207 1.59 29.61 -14.50
N ILE B 208 2.57 28.88 -15.02
CA ILE B 208 3.79 29.50 -15.51
C ILE B 208 3.78 29.67 -17.04
N LEU B 209 2.59 29.59 -17.65
CA LEU B 209 2.48 29.79 -19.09
C LEU B 209 2.29 31.28 -19.39
N LYS B 210 3.15 31.81 -20.26
CA LYS B 210 3.08 33.22 -20.62
C LYS B 210 1.74 33.56 -21.26
N GLN B 211 1.30 34.79 -21.05
CA GLN B 211 0.13 35.28 -21.78
C GLN B 211 0.39 35.19 -23.27
N GLY B 212 -0.55 34.58 -24.00
CA GLY B 212 -0.33 34.27 -25.39
C GLY B 212 0.46 33.00 -25.65
N GLY B 213 0.88 32.28 -24.62
CA GLY B 213 1.64 31.06 -24.80
C GLY B 213 0.77 29.86 -25.15
N ILE B 214 1.42 28.75 -25.48
CA ILE B 214 0.74 27.52 -25.85
C ILE B 214 1.36 26.37 -25.06
N GLY B 215 0.51 25.55 -24.44
CA GLY B 215 0.94 24.33 -23.80
C GLY B 215 0.30 23.13 -24.46
N SER B 216 1.02 22.00 -24.45
CA SER B 216 0.50 20.78 -25.04
C SER B 216 1.16 19.58 -24.35
N VAL B 217 0.34 18.70 -23.77
CA VAL B 217 0.85 17.58 -22.97
C VAL B 217 0.05 16.32 -23.29
N ILE B 218 0.65 15.18 -22.95
CA ILE B 218 -0.03 13.89 -23.00
C ILE B 218 -0.16 13.36 -21.58
N THR B 219 -1.40 13.13 -21.13
CA THR B 219 -1.67 12.69 -19.78
C THR B 219 -2.70 11.55 -19.83
N PRO B 220 -3.04 10.92 -18.71
CA PRO B 220 -4.20 10.02 -18.73
C PRO B 220 -5.46 10.77 -19.07
N ARG B 221 -6.42 10.04 -19.66
CA ARG B 221 -7.69 10.62 -20.06
C ARG B 221 -8.71 10.68 -18.93
N TYR B 222 -8.44 10.04 -17.79
CA TYR B 222 -9.49 9.81 -16.80
C TYR B 222 -10.01 11.09 -16.18
N PHE B 223 -9.19 12.15 -16.13
CA PHE B 223 -9.63 13.41 -15.55
C PHE B 223 -10.76 14.04 -16.36
N LEU B 224 -10.93 13.67 -17.63
CA LEU B 224 -12.02 14.19 -18.43
C LEU B 224 -13.38 13.75 -17.93
N GLU B 225 -13.44 12.65 -17.18
CA GLU B 225 -14.70 12.08 -16.73
C GLU B 225 -14.76 11.80 -15.23
N SER B 226 -13.63 11.64 -14.55
CA SER B 226 -13.63 11.15 -13.18
C SER B 226 -14.14 12.20 -12.20
N LEU B 227 -14.62 11.69 -11.05
CA LEU B 227 -15.04 12.56 -9.96
C LEU B 227 -13.86 13.36 -9.40
N SER B 228 -12.70 12.71 -9.27
CA SER B 228 -11.53 13.40 -8.72
C SER B 228 -11.10 14.58 -9.59
N GLY B 229 -11.33 14.51 -10.89
CA GLY B 229 -10.89 15.54 -11.79
C GLY B 229 -11.79 16.74 -11.92
N LYS B 230 -12.83 16.84 -11.08
CA LYS B 230 -13.79 17.95 -11.20
C LYS B 230 -13.10 19.30 -11.04
N ASP B 231 -12.31 19.46 -9.98
CA ASP B 231 -11.63 20.74 -9.74
C ASP B 231 -10.62 21.03 -10.85
N LEU B 232 -9.92 20.01 -11.33
CA LEU B 232 -8.97 20.23 -12.42
C LEU B 232 -9.68 20.71 -13.68
N ARG B 233 -10.83 20.12 -14.01
CA ARG B 233 -11.56 20.54 -15.19
C ARG B 233 -11.99 22.00 -15.07
N GLU B 234 -12.45 22.41 -13.89
CA GLU B 234 -12.81 23.81 -13.68
C GLU B 234 -11.61 24.72 -13.81
N TYR B 235 -10.45 24.29 -13.28
CA TYR B 235 -9.24 25.11 -13.35
C TYR B 235 -8.79 25.30 -14.79
N ILE B 236 -8.78 24.22 -15.57
CA ILE B 236 -8.42 24.31 -16.99
C ILE B 236 -9.40 25.21 -17.72
N LYS B 237 -10.69 24.97 -17.54
CA LYS B 237 -11.72 25.70 -18.29
C LYS B 237 -11.70 27.19 -17.98
N SER B 238 -11.37 27.56 -16.74
CA SER B 238 -11.45 28.95 -16.33
C SER B 238 -10.14 29.71 -16.48
N ASN B 239 -9.03 29.04 -16.82
CA ASN B 239 -7.74 29.70 -16.89
C ASN B 239 -7.06 29.65 -18.26
N VAL B 240 -7.43 28.71 -19.13
CA VAL B 240 -6.86 28.64 -20.47
C VAL B 240 -7.97 28.37 -21.47
N ASN B 241 -7.68 28.66 -22.75
CA ASN B 241 -8.52 28.24 -23.85
C ASN B 241 -8.03 26.88 -24.34
N VAL B 242 -8.92 25.89 -24.37
CA VAL B 242 -8.57 24.54 -24.80
C VAL B 242 -8.71 24.48 -26.31
N GLN B 243 -7.58 24.40 -27.02
CA GLN B 243 -7.62 24.35 -28.47
C GLN B 243 -8.09 23.00 -28.98
N GLU B 244 -7.61 21.92 -28.37
CA GLU B 244 -7.78 20.60 -28.93
C GLU B 244 -7.64 19.53 -27.86
N ILE B 245 -8.49 18.51 -27.94
CA ILE B 245 -8.40 17.31 -27.13
C ILE B 245 -8.37 16.11 -28.05
N VAL B 246 -7.35 15.26 -27.90
CA VAL B 246 -7.26 14.01 -28.64
C VAL B 246 -7.48 12.89 -27.64
N ASP B 247 -8.59 12.18 -27.78
CA ASP B 247 -8.97 11.13 -26.85
C ASP B 247 -8.75 9.78 -27.53
N PHE B 248 -7.76 9.03 -27.05
CA PHE B 248 -7.50 7.70 -27.57
C PHE B 248 -8.37 6.64 -26.91
N LEU B 249 -9.31 7.04 -26.05
CA LEU B 249 -10.21 6.13 -25.32
C LEU B 249 -9.35 5.04 -24.69
N GLY B 250 -9.73 3.77 -24.81
CA GLY B 250 -8.98 2.69 -24.22
C GLY B 250 -7.80 2.17 -25.01
N ALA B 251 -7.42 2.84 -26.09
CA ALA B 251 -6.31 2.37 -26.93
C ALA B 251 -5.01 2.36 -26.14
N ASN B 252 -4.10 1.46 -26.54
CA ASN B 252 -2.85 1.24 -25.82
C ASN B 252 -1.74 2.04 -26.49
N ILE B 253 -1.65 3.32 -26.10
CA ILE B 253 -0.62 4.20 -26.65
C ILE B 253 0.76 3.82 -26.12
N PHE B 254 0.86 3.48 -24.84
CA PHE B 254 2.11 3.10 -24.22
C PHE B 254 2.18 1.58 -24.12
N LYS B 255 3.14 0.98 -24.81
CA LYS B 255 3.29 -0.47 -24.80
C LYS B 255 3.65 -0.94 -23.39
N ASN B 256 2.99 -2.04 -22.98
CA ASN B 256 3.23 -2.67 -21.69
C ASN B 256 2.91 -1.75 -20.51
N ILE B 257 2.02 -0.79 -20.73
CA ILE B 257 1.56 0.11 -19.67
C ILE B 257 0.03 0.08 -19.65
N GLY B 258 -0.54 -0.18 -18.49
CA GLY B 258 -1.98 -0.21 -18.35
C GLY B 258 -2.57 1.16 -18.08
N VAL B 259 -2.51 2.06 -19.07
CA VAL B 259 -3.05 3.39 -18.95
C VAL B 259 -3.72 3.77 -20.26
N SER B 260 -4.69 4.67 -20.19
CA SER B 260 -5.39 5.20 -21.35
C SER B 260 -5.11 6.69 -21.44
N SER B 261 -4.78 7.17 -22.64
CA SER B 261 -4.10 8.44 -22.81
C SER B 261 -4.97 9.43 -23.56
N CYS B 262 -4.64 10.72 -23.36
CA CYS B 262 -5.20 11.80 -24.14
C CYS B 262 -4.13 12.87 -24.32
N ILE B 263 -4.32 13.71 -25.34
CA ILE B 263 -3.43 14.84 -25.61
C ILE B 263 -4.25 16.12 -25.51
N LEU B 264 -3.79 17.05 -24.69
CA LEU B 264 -4.46 18.34 -24.51
C LEU B 264 -3.56 19.45 -25.01
N THR B 265 -4.12 20.34 -25.85
CA THR B 265 -3.43 21.53 -26.29
C THR B 265 -4.26 22.74 -25.91
N PHE B 266 -3.63 23.69 -25.21
CA PHE B 266 -4.31 24.86 -24.71
C PHE B 266 -3.43 26.08 -24.89
N ASP B 267 -4.01 27.27 -24.71
CA ASP B 267 -3.27 28.50 -24.86
C ASP B 267 -3.84 29.57 -23.93
N LYS B 268 -3.15 30.69 -23.87
CA LYS B 268 -3.61 31.89 -23.18
C LYS B 268 -3.72 33.06 -24.14
N LYS B 269 -4.19 32.80 -25.36
CA LYS B 269 -4.37 33.84 -26.36
C LYS B 269 -5.70 34.56 -26.15
N LYS B 270 -5.75 35.82 -26.58
CA LYS B 270 -6.99 36.59 -26.54
C LYS B 270 -7.86 36.17 -27.72
N THR B 271 -8.97 35.52 -27.41
CA THR B 271 -9.88 35.02 -28.44
C THR B 271 -11.32 35.22 -27.98
N LYS B 272 -12.22 35.24 -28.95
CA LYS B 272 -13.65 35.34 -28.70
C LYS B 272 -14.33 34.08 -29.23
N GLU B 273 -15.24 33.53 -28.43
CA GLU B 273 -15.98 32.31 -28.76
C GLU B 273 -15.02 31.14 -29.03
N THR B 274 -14.30 30.75 -27.98
CA THR B 274 -13.35 29.65 -28.10
C THR B 274 -14.08 28.32 -28.23
N TYR B 275 -13.73 27.56 -29.26
CA TYR B 275 -14.25 26.22 -29.50
C TYR B 275 -13.12 25.21 -29.39
N ILE B 276 -13.47 23.99 -29.01
CA ILE B 276 -12.50 22.92 -28.81
C ILE B 276 -12.61 21.95 -29.98
N ASP B 277 -11.47 21.61 -30.58
CA ASP B 277 -11.41 20.52 -31.54
C ASP B 277 -11.29 19.20 -30.76
N VAL B 278 -12.29 18.34 -30.89
CA VAL B 278 -12.27 17.04 -30.22
C VAL B 278 -12.07 15.97 -31.29
N PHE B 279 -10.98 15.22 -31.17
CA PHE B 279 -10.72 14.06 -32.00
C PHE B 279 -10.86 12.84 -31.09
N LYS B 280 -11.91 12.05 -31.33
CA LYS B 280 -12.18 10.85 -30.54
C LYS B 280 -11.93 9.64 -31.43
N ILE B 281 -11.09 8.73 -30.96
CA ILE B 281 -10.80 7.52 -31.72
C ILE B 281 -12.08 6.71 -31.89
N LYS B 282 -12.16 5.98 -33.00
CA LYS B 282 -13.32 5.15 -33.30
C LYS B 282 -13.10 3.68 -32.99
N ASN B 283 -11.88 3.18 -33.19
CA ASN B 283 -11.56 1.78 -32.94
C ASN B 283 -10.34 1.73 -32.01
N GLU B 284 -10.51 1.11 -30.85
CA GLU B 284 -9.44 1.06 -29.86
C GLU B 284 -8.33 0.08 -30.21
N ASP B 285 -8.52 -0.73 -31.25
CA ASP B 285 -7.57 -1.77 -31.62
C ASP B 285 -6.61 -1.32 -32.73
N ILE B 286 -6.56 -0.03 -33.03
CA ILE B 286 -5.71 0.44 -34.12
C ILE B 286 -4.26 0.56 -33.63
N CYS B 287 -3.34 0.53 -34.59
CA CYS B 287 -1.93 0.73 -34.33
C CYS B 287 -1.57 2.17 -34.65
N ILE B 288 -0.95 2.86 -33.68
CA ILE B 288 -0.65 4.27 -33.83
C ILE B 288 0.39 4.52 -34.91
N ASN B 289 1.15 3.50 -35.30
CA ASN B 289 2.12 3.60 -36.39
C ASN B 289 1.50 3.38 -37.76
N LYS B 290 0.18 3.56 -37.88
CA LYS B 290 -0.48 3.34 -39.16
C LYS B 290 0.04 4.31 -40.23
N PHE B 291 0.19 5.58 -39.87
CA PHE B 291 0.76 6.58 -40.76
C PHE B 291 2.11 7.04 -40.22
N GLU B 292 2.78 7.86 -41.02
CA GLU B 292 4.04 8.45 -40.59
C GLU B 292 3.85 9.61 -39.63
N THR B 293 2.65 10.20 -39.58
CA THR B 293 2.36 11.32 -38.71
C THR B 293 1.01 11.11 -38.03
N LEU B 294 0.84 11.74 -36.86
CA LEU B 294 -0.42 11.59 -36.13
C LEU B 294 -1.54 12.38 -36.78
N GLU B 295 -1.23 13.49 -37.47
CA GLU B 295 -2.26 14.29 -38.10
C GLU B 295 -2.97 13.52 -39.21
N GLU B 296 -2.24 12.66 -39.92
CA GLU B 296 -2.89 11.80 -40.91
C GLU B 296 -3.90 10.87 -40.24
N LEU B 297 -3.52 10.28 -39.10
CA LEU B 297 -4.43 9.41 -38.37
C LEU B 297 -5.64 10.18 -37.86
N LEU B 298 -5.42 11.39 -37.33
CA LEU B 298 -6.53 12.19 -36.82
C LEU B 298 -7.52 12.57 -37.92
N LYS B 299 -7.01 12.93 -39.09
CA LYS B 299 -7.88 13.32 -40.19
C LYS B 299 -8.46 12.14 -40.94
N SER B 300 -8.02 10.92 -40.66
CA SER B 300 -8.50 9.74 -41.34
C SER B 300 -9.88 9.33 -40.82
N SER B 301 -10.39 8.22 -41.36
CA SER B 301 -11.67 7.66 -40.94
C SER B 301 -11.58 6.95 -39.59
N LYS B 302 -10.38 6.75 -39.06
CA LYS B 302 -10.22 6.07 -37.79
C LYS B 302 -10.46 6.99 -36.59
N PHE B 303 -10.64 8.28 -36.82
CA PHE B 303 -10.98 9.23 -35.78
C PHE B 303 -12.22 10.02 -36.17
N GLU B 304 -12.98 10.45 -35.18
CA GLU B 304 -14.11 11.33 -35.36
C GLU B 304 -13.76 12.70 -34.82
N HIS B 305 -14.22 13.75 -35.53
CA HIS B 305 -13.96 15.12 -35.13
C HIS B 305 -15.28 15.85 -34.89
N PHE B 306 -15.31 16.64 -33.83
CA PHE B 306 -16.42 17.55 -33.58
C PHE B 306 -15.93 18.67 -32.68
N ASN B 307 -16.71 19.74 -32.64
CA ASN B 307 -16.35 20.93 -31.88
C ASN B 307 -17.25 21.07 -30.65
N ILE B 308 -16.66 21.55 -29.56
CA ILE B 308 -17.37 21.77 -28.30
C ILE B 308 -17.12 23.22 -27.88
N ASN B 309 -18.20 23.95 -27.61
CA ASN B 309 -18.08 25.32 -27.11
C ASN B 309 -17.62 25.26 -25.66
N GLN B 310 -16.41 25.73 -25.40
CA GLN B 310 -15.84 25.67 -24.06
C GLN B 310 -16.66 26.49 -23.07
N ARG B 311 -17.24 27.61 -23.52
CA ARG B 311 -18.04 28.43 -22.62
C ARG B 311 -19.32 27.74 -22.16
N LEU B 312 -19.80 26.74 -22.90
CA LEU B 312 -21.01 26.02 -22.54
C LEU B 312 -20.74 24.80 -21.66
N LEU B 313 -19.49 24.55 -21.28
CA LEU B 313 -19.18 23.40 -20.45
C LEU B 313 -19.66 23.63 -19.03
N SER B 314 -20.17 22.56 -18.41
CA SER B 314 -20.57 22.56 -17.02
C SER B 314 -19.40 22.06 -16.16
N ASP B 315 -19.68 21.72 -14.90
CA ASP B 315 -18.67 21.05 -14.08
C ASP B 315 -18.23 19.72 -14.68
N GLU B 316 -19.05 19.13 -15.54
CA GLU B 316 -18.70 17.93 -16.28
C GLU B 316 -18.51 18.26 -17.75
N TRP B 317 -17.50 17.65 -18.36
CA TRP B 317 -17.22 17.82 -19.79
C TRP B 317 -17.84 16.63 -20.52
N ILE B 318 -18.97 16.86 -21.18
CA ILE B 318 -19.63 15.84 -21.98
C ILE B 318 -19.19 16.11 -23.41
N LEU B 319 -18.11 15.45 -23.83
CA LEU B 319 -17.50 15.67 -25.14
C LEU B 319 -18.05 14.62 -26.11
N VAL B 320 -19.21 14.92 -26.68
CA VAL B 320 -19.89 14.02 -27.60
C VAL B 320 -20.43 14.82 -28.77
N ASN B 321 -20.70 14.11 -29.88
CA ASN B 321 -21.27 14.74 -31.05
C ASN B 321 -22.71 15.17 -30.79
N LYS B 322 -23.31 15.84 -31.77
CA LYS B 322 -24.63 16.43 -31.60
C LYS B 322 -25.69 15.36 -31.38
N ASP B 323 -25.60 14.23 -32.11
CA ASP B 323 -26.57 13.16 -31.97
C ASP B 323 -26.58 12.63 -30.54
N ASP B 324 -25.40 12.33 -29.99
CA ASP B 324 -25.32 11.84 -28.62
C ASP B 324 -25.82 12.88 -27.63
N GLU B 325 -25.51 14.16 -27.87
CA GLU B 325 -25.97 15.22 -26.98
C GLU B 325 -27.50 15.30 -26.95
N THR B 326 -28.15 15.22 -28.11
CA THR B 326 -29.61 15.26 -28.15
C THR B 326 -30.21 14.01 -27.51
N PHE B 327 -29.61 12.85 -27.78
CA PHE B 327 -30.02 11.60 -27.15
C PHE B 327 -29.96 11.70 -25.63
N TYR B 328 -28.82 12.17 -25.11
CA TYR B 328 -28.64 12.30 -23.67
C TYR B 328 -29.62 13.30 -23.07
N ASN B 329 -29.82 14.44 -23.74
CA ASN B 329 -30.74 15.46 -23.21
C ASN B 329 -32.17 14.95 -23.16
N LYS B 330 -32.59 14.21 -24.19
CA LYS B 330 -33.95 13.68 -24.21
C LYS B 330 -34.19 12.74 -23.03
N ILE B 331 -33.24 11.84 -22.79
CA ILE B 331 -33.37 10.87 -21.70
C ILE B 331 -33.38 11.58 -20.36
N GLN B 332 -32.45 12.54 -20.18
CA GLN B 332 -32.36 13.25 -18.91
C GLN B 332 -33.65 14.02 -18.61
N GLU B 333 -34.21 14.69 -19.61
CA GLU B 333 -35.43 15.46 -19.39
C GLU B 333 -36.63 14.55 -19.13
N LYS B 334 -36.72 13.44 -19.87
CA LYS B 334 -37.89 12.57 -19.74
C LYS B 334 -37.94 11.88 -18.39
N CYS B 335 -36.78 11.52 -17.84
CA CYS B 335 -36.73 10.77 -16.59
C CYS B 335 -36.87 11.69 -15.40
N LYS B 336 -37.84 11.40 -14.52
CA LYS B 336 -38.10 12.23 -13.37
C LYS B 336 -37.37 11.77 -12.11
N TYR B 337 -36.84 10.55 -12.10
CA TYR B 337 -36.17 10.01 -10.94
C TYR B 337 -34.73 9.65 -11.28
N SER B 338 -33.93 9.45 -10.22
CA SER B 338 -32.58 8.94 -10.35
C SER B 338 -32.41 7.78 -9.37
N LEU B 339 -31.49 6.86 -9.71
CA LEU B 339 -31.23 5.73 -8.83
C LEU B 339 -30.88 6.18 -7.42
N GLU B 340 -30.18 7.30 -7.30
CA GLU B 340 -29.83 7.81 -5.99
C GLU B 340 -31.09 8.13 -5.18
N ASP B 341 -32.12 8.67 -5.84
CA ASP B 341 -33.37 9.00 -5.15
C ASP B 341 -34.00 7.74 -4.55
N ILE B 342 -34.08 6.67 -5.33
CA ILE B 342 -34.91 5.53 -4.97
C ILE B 342 -34.14 4.39 -4.31
N ALA B 343 -32.81 4.43 -4.30
CA ALA B 343 -32.03 3.27 -3.91
C ALA B 343 -31.02 3.62 -2.82
N ILE B 344 -30.67 2.61 -2.03
CA ILE B 344 -29.54 2.67 -1.11
C ILE B 344 -28.41 1.86 -1.72
N SER B 345 -27.25 2.49 -1.92
CA SER B 345 -26.14 1.89 -2.61
C SER B 345 -24.98 1.67 -1.65
N PHE B 346 -24.17 0.64 -1.92
CA PHE B 346 -23.02 0.37 -1.08
C PHE B 346 -21.99 -0.48 -1.82
N GLN B 347 -20.73 -0.30 -1.42
CA GLN B 347 -19.61 -1.08 -1.93
C GLN B 347 -19.49 -2.39 -1.16
N GLY B 348 -18.88 -3.38 -1.81
CA GLY B 348 -18.78 -4.70 -1.23
C GLY B 348 -17.83 -4.75 -0.05
N ILE B 349 -17.70 -5.97 0.50
CA ILE B 349 -16.79 -6.19 1.62
C ILE B 349 -15.36 -5.90 1.19
N ILE B 350 -14.57 -5.35 2.11
CA ILE B 350 -13.13 -5.19 1.90
C ILE B 350 -12.46 -5.87 3.09
N THR B 351 -12.01 -7.11 2.90
CA THR B 351 -11.38 -7.85 3.99
C THR B 351 -10.04 -7.23 4.37
N GLY B 352 -9.28 -6.77 3.38
CA GLY B 352 -7.93 -6.31 3.58
C GLY B 352 -6.87 -7.33 3.25
N CYS B 353 -7.23 -8.62 3.29
CA CYS B 353 -6.36 -9.67 2.76
C CYS B 353 -7.27 -10.85 2.39
N ASP B 354 -7.61 -10.95 1.10
CA ASP B 354 -8.63 -11.92 0.69
C ASP B 354 -8.19 -13.36 0.91
N LYS B 355 -6.88 -13.63 0.82
CA LYS B 355 -6.39 -15.00 0.99
C LYS B 355 -6.71 -15.56 2.37
N ALA B 356 -6.81 -14.68 3.38
CA ALA B 356 -7.03 -15.15 4.74
C ALA B 356 -8.50 -15.44 5.04
N PHE B 357 -9.43 -14.94 4.23
CA PHE B 357 -10.85 -15.06 4.53
C PHE B 357 -11.67 -15.73 3.44
N ILE B 358 -11.18 -15.80 2.21
CA ILE B 358 -11.92 -16.35 1.08
C ILE B 358 -11.37 -17.74 0.77
N LEU B 359 -12.25 -18.73 0.72
CA LEU B 359 -11.86 -20.10 0.45
C LEU B 359 -12.67 -20.64 -0.72
N SER B 360 -12.06 -21.55 -1.46
CA SER B 360 -12.79 -22.27 -2.49
C SER B 360 -13.90 -23.10 -1.86
N LYS B 361 -15.00 -23.25 -2.59
CA LYS B 361 -16.14 -24.01 -2.07
C LYS B 361 -15.74 -25.44 -1.73
N ASP B 362 -14.76 -26.00 -2.46
CA ASP B 362 -14.31 -27.37 -2.26
C ASP B 362 -13.13 -27.48 -1.30
N ASP B 363 -12.77 -26.39 -0.62
CA ASP B 363 -11.59 -26.40 0.25
C ASP B 363 -11.90 -27.16 1.53
N VAL B 364 -10.97 -28.04 1.93
CA VAL B 364 -11.15 -28.89 3.10
C VAL B 364 -11.20 -28.06 4.38
N LYS B 365 -10.52 -26.91 4.40
CA LYS B 365 -10.51 -26.07 5.59
C LYS B 365 -11.91 -25.60 5.98
N LEU B 366 -12.86 -25.60 5.03
CA LEU B 366 -14.24 -25.22 5.34
C LEU B 366 -14.88 -26.15 6.37
N ASN B 367 -14.38 -27.38 6.50
CA ASN B 367 -14.88 -28.27 7.54
C ASN B 367 -14.56 -27.75 8.93
N LEU B 368 -13.55 -26.89 9.07
CA LEU B 368 -13.20 -26.31 10.35
C LEU B 368 -14.06 -25.08 10.71
N VAL B 369 -14.82 -24.55 9.77
CA VAL B 369 -15.56 -23.31 9.96
C VAL B 369 -17.05 -23.65 10.07
N ASP B 370 -17.66 -23.27 11.19
CA ASP B 370 -19.09 -23.45 11.37
C ASP B 370 -19.85 -22.68 10.30
N ASP B 371 -20.94 -23.28 9.81
CA ASP B 371 -21.68 -22.70 8.69
C ASP B 371 -22.27 -21.34 9.03
N LYS B 372 -22.44 -21.03 10.32
CA LYS B 372 -22.94 -19.72 10.70
C LYS B 372 -21.96 -18.61 10.34
N PHE B 373 -20.67 -18.93 10.23
CA PHE B 373 -19.66 -17.95 9.86
C PHE B 373 -19.52 -17.77 8.34
N LEU B 374 -20.08 -18.66 7.54
CA LEU B 374 -19.79 -18.73 6.11
C LEU B 374 -20.83 -17.96 5.30
N LYS B 375 -20.36 -17.24 4.30
CA LYS B 375 -21.21 -16.51 3.36
C LYS B 375 -20.82 -16.90 1.94
N CYS B 376 -21.79 -16.79 1.03
CA CYS B 376 -21.48 -16.97 -0.37
C CYS B 376 -20.74 -15.75 -0.91
N TRP B 377 -19.81 -15.99 -1.83
CA TRP B 377 -18.85 -14.99 -2.26
C TRP B 377 -18.74 -15.02 -3.78
N ILE B 378 -19.11 -13.92 -4.43
CA ILE B 378 -19.08 -13.84 -5.88
C ILE B 378 -18.04 -12.80 -6.31
N LYS B 379 -17.63 -12.88 -7.57
CA LYS B 379 -16.71 -11.96 -8.17
C LYS B 379 -17.40 -11.23 -9.32
N SER B 380 -16.70 -10.26 -9.91
CA SER B 380 -17.30 -9.45 -10.96
C SER B 380 -17.75 -10.30 -12.14
N LYS B 381 -17.00 -11.36 -12.46
CA LYS B 381 -17.34 -12.21 -13.59
C LYS B 381 -18.59 -13.05 -13.34
N ASN B 382 -19.03 -13.17 -12.08
CA ASN B 382 -20.24 -13.94 -11.81
C ASN B 382 -21.51 -13.19 -12.21
N ILE B 383 -21.42 -11.89 -12.46
CA ILE B 383 -22.60 -11.08 -12.74
C ILE B 383 -22.90 -11.14 -14.23
N ASN B 384 -24.10 -11.59 -14.56
CA ASN B 384 -24.66 -11.47 -15.90
C ASN B 384 -25.78 -10.45 -15.87
N LYS B 385 -26.40 -10.23 -17.02
CA LYS B 385 -27.66 -9.51 -17.04
C LYS B 385 -28.73 -10.35 -16.33
N TYR B 386 -29.44 -9.72 -15.40
CA TYR B 386 -30.64 -10.21 -14.73
C TYR B 386 -30.43 -11.28 -13.65
N ILE B 387 -29.28 -11.96 -13.61
CA ILE B 387 -29.05 -13.03 -12.64
C ILE B 387 -27.56 -13.18 -12.39
N VAL B 388 -27.24 -13.85 -11.28
CA VAL B 388 -25.86 -14.09 -10.84
C VAL B 388 -25.57 -15.58 -10.99
N ASP B 389 -24.35 -15.90 -11.45
CA ASP B 389 -23.90 -17.28 -11.47
C ASP B 389 -23.75 -17.81 -10.05
N LYS B 390 -23.79 -19.14 -9.94
CA LYS B 390 -23.59 -19.78 -8.64
C LYS B 390 -22.21 -19.43 -8.09
N SER B 391 -22.15 -19.13 -6.80
CA SER B 391 -20.89 -18.72 -6.19
C SER B 391 -19.96 -19.91 -6.04
N GLU B 392 -18.67 -19.69 -6.31
CA GLU B 392 -17.65 -20.72 -6.18
C GLU B 392 -16.76 -20.51 -4.96
N TYR B 393 -17.05 -19.50 -4.12
CA TYR B 393 -16.19 -19.16 -3.01
C TYR B 393 -17.03 -18.88 -1.77
N ARG B 394 -16.41 -19.06 -0.60
CA ARG B 394 -17.05 -18.79 0.67
C ARG B 394 -16.23 -17.75 1.44
N LEU B 395 -16.93 -16.81 2.07
CA LEU B 395 -16.31 -15.81 2.94
C LEU B 395 -16.46 -16.24 4.39
N ILE B 396 -15.36 -16.20 5.14
CA ILE B 396 -15.41 -16.36 6.58
C ILE B 396 -15.65 -14.98 7.18
N TYR B 397 -16.87 -14.73 7.63
CA TYR B 397 -17.21 -13.43 8.22
C TYR B 397 -16.66 -13.40 9.65
N SER B 398 -15.35 -13.17 9.74
CA SER B 398 -14.63 -13.30 10.99
C SER B 398 -15.03 -12.26 12.03
N ASN B 399 -15.75 -11.21 11.64
CA ASN B 399 -16.22 -10.24 12.62
C ASN B 399 -17.13 -10.88 13.66
N ASP B 400 -17.79 -11.99 13.32
CA ASP B 400 -18.69 -12.68 14.22
C ASP B 400 -17.99 -13.61 15.19
N ILE B 401 -16.67 -13.76 15.08
CA ILE B 401 -15.89 -14.52 16.06
C ILE B 401 -15.65 -13.62 17.26
N ASP B 402 -16.28 -13.95 18.39
CA ASP B 402 -16.26 -13.05 19.54
C ASP B 402 -14.99 -13.23 20.37
N ASN B 403 -14.66 -14.46 20.75
CA ASN B 403 -13.50 -14.75 21.58
C ASN B 403 -12.49 -15.57 20.80
N GLU B 404 -11.21 -15.28 21.00
CA GLU B 404 -10.16 -15.99 20.29
C GLU B 404 -9.99 -17.43 20.77
N ASN B 405 -10.50 -17.75 21.97
CA ASN B 405 -10.38 -19.11 22.50
C ASN B 405 -11.44 -20.06 21.99
N THR B 406 -12.64 -19.55 21.68
CA THR B 406 -13.75 -20.42 21.33
C THR B 406 -13.56 -21.09 19.95
N ASN B 407 -12.94 -20.38 19.02
CA ASN B 407 -12.72 -20.86 17.65
C ASN B 407 -11.24 -20.77 17.30
N LYS B 408 -10.39 -21.23 18.21
CA LYS B 408 -8.94 -21.10 18.01
C LYS B 408 -8.48 -21.77 16.73
N ARG B 409 -9.13 -22.87 16.34
CA ARG B 409 -8.66 -23.65 15.20
C ARG B 409 -8.78 -22.86 13.90
N ILE B 410 -9.90 -22.14 13.71
CA ILE B 410 -10.02 -21.27 12.55
C ILE B 410 -8.95 -20.20 12.56
N LEU B 411 -8.71 -19.60 13.74
CA LEU B 411 -7.73 -18.51 13.83
C LEU B 411 -6.31 -19.00 13.61
N ASP B 412 -6.00 -20.24 13.99
CA ASP B 412 -4.62 -20.73 13.84
C ASP B 412 -4.37 -21.41 12.51
N GLU B 413 -5.38 -22.06 11.92
CA GLU B 413 -5.16 -22.85 10.71
C GLU B 413 -5.58 -22.16 9.42
N ILE B 414 -6.45 -21.14 9.48
CA ILE B 414 -6.89 -20.47 8.26
C ILE B 414 -6.48 -19.00 8.29
N ILE B 415 -7.06 -18.23 9.22
CA ILE B 415 -6.84 -16.79 9.22
C ILE B 415 -5.42 -16.45 9.66
N GLY B 416 -4.92 -17.13 10.69
CA GLY B 416 -3.62 -16.80 11.28
C GLY B 416 -2.45 -16.94 10.33
N LEU B 417 -2.61 -17.71 9.25
CA LEU B 417 -1.52 -17.88 8.29
C LEU B 417 -1.07 -16.55 7.70
N TYR B 418 -1.92 -15.52 7.76
CA TYR B 418 -1.60 -14.21 7.23
C TYR B 418 -1.60 -13.14 8.32
N LYS B 419 -1.38 -13.53 9.58
CA LYS B 419 -1.53 -12.63 10.72
C LYS B 419 -0.69 -11.36 10.55
N THR B 420 0.57 -11.51 10.13
CA THR B 420 1.45 -10.35 10.00
C THR B 420 0.89 -9.35 8.99
N LYS B 421 0.47 -9.84 7.83
CA LYS B 421 -0.14 -8.96 6.83
C LYS B 421 -1.40 -8.32 7.38
N LEU B 422 -2.21 -9.10 8.10
CA LEU B 422 -3.43 -8.55 8.71
C LEU B 422 -3.10 -7.47 9.72
N GLU B 423 -2.04 -7.66 10.50
CA GLU B 423 -1.66 -6.67 11.51
C GLU B 423 -1.08 -5.40 10.89
N ASN B 424 -0.69 -5.44 9.62
CA ASN B 424 -0.19 -4.25 8.96
C ASN B 424 -1.31 -3.33 8.48
N ARG B 425 -2.56 -3.77 8.54
CA ARG B 425 -3.67 -2.94 8.12
C ARG B 425 -3.85 -1.75 9.06
N ARG B 426 -4.28 -0.63 8.49
CA ARG B 426 -4.29 0.63 9.23
C ARG B 426 -5.12 0.53 10.51
N GLU B 427 -6.30 -0.06 10.42
CA GLU B 427 -7.19 -0.11 11.59
C GLU B 427 -6.68 -1.08 12.65
N CYS B 428 -6.00 -2.15 12.23
CA CYS B 428 -5.36 -3.04 13.20
C CYS B 428 -4.24 -2.31 13.95
N LYS B 429 -3.43 -1.53 13.24
CA LYS B 429 -2.34 -0.79 13.88
C LYS B 429 -2.88 0.23 14.88
N SER B 430 -3.98 0.90 14.54
CA SER B 430 -4.61 1.86 15.45
C SER B 430 -5.37 1.19 16.58
N GLY B 431 -5.53 -0.13 16.55
CA GLY B 431 -6.11 -0.88 17.65
C GLY B 431 -7.61 -1.02 17.64
N ILE B 432 -8.32 -0.32 16.75
CA ILE B 432 -9.78 -0.41 16.76
C ILE B 432 -10.30 -1.67 16.08
N ARG B 433 -9.45 -2.41 15.39
CA ARG B 433 -9.85 -3.62 14.67
C ARG B 433 -8.95 -4.78 15.10
N LYS B 434 -9.57 -5.90 15.47
CA LYS B 434 -8.80 -7.08 15.83
C LYS B 434 -8.08 -7.65 14.62
N TRP B 435 -6.93 -8.28 14.86
CA TRP B 435 -6.08 -8.72 13.76
C TRP B 435 -6.79 -9.71 12.85
N TYR B 436 -7.77 -10.46 13.38
CA TYR B 436 -8.46 -11.47 12.60
C TYR B 436 -9.78 -10.97 12.00
N GLU B 437 -10.20 -9.75 12.33
CA GLU B 437 -11.47 -9.26 11.82
C GLU B 437 -11.32 -8.71 10.41
N LEU B 438 -12.44 -8.63 9.70
CA LEU B 438 -12.45 -7.99 8.40
C LEU B 438 -12.20 -6.50 8.55
N GLN B 439 -11.42 -5.93 7.63
CA GLN B 439 -11.08 -4.51 7.73
C GLN B 439 -12.33 -3.65 7.58
N TRP B 440 -13.14 -3.90 6.56
CA TRP B 440 -14.41 -3.21 6.38
C TRP B 440 -15.48 -4.28 6.14
N GLY B 441 -16.03 -4.81 7.23
CA GLY B 441 -17.03 -5.85 7.14
C GLY B 441 -18.41 -5.38 6.76
N ARG B 442 -18.63 -4.07 6.68
CA ARG B 442 -19.90 -3.49 6.28
C ARG B 442 -21.04 -4.02 7.15
N GLU B 443 -22.26 -3.97 6.65
CA GLU B 443 -23.43 -4.42 7.39
C GLU B 443 -24.00 -5.65 6.69
N LYS B 444 -24.11 -6.76 7.45
CA LYS B 444 -24.63 -8.00 6.88
C LYS B 444 -26.08 -7.84 6.42
N LEU B 445 -26.86 -7.03 7.14
CA LEU B 445 -28.26 -6.83 6.77
C LEU B 445 -28.41 -6.18 5.40
N PHE B 446 -27.37 -5.52 4.90
CA PHE B 446 -27.42 -4.96 3.56
C PHE B 446 -27.23 -6.03 2.49
N PHE B 447 -26.40 -7.03 2.76
CA PHE B 447 -26.11 -8.08 1.79
C PHE B 447 -27.12 -9.23 1.83
N GLU B 448 -27.59 -9.60 3.02
CA GLU B 448 -28.50 -10.73 3.16
C GLU B 448 -29.95 -10.29 2.96
N ARG B 449 -30.21 -9.86 1.73
CA ARG B 449 -31.53 -9.44 1.29
C ARG B 449 -31.56 -9.47 -0.23
N LYS B 450 -32.77 -9.42 -0.78
CA LYS B 450 -32.92 -9.24 -2.22
C LYS B 450 -32.35 -7.89 -2.62
N LYS B 451 -31.48 -7.90 -3.63
CA LYS B 451 -30.78 -6.69 -4.02
C LYS B 451 -30.33 -6.84 -5.47
N ILE B 452 -29.81 -5.74 -6.02
CA ILE B 452 -29.27 -5.69 -7.37
C ILE B 452 -27.76 -5.51 -7.27
N MET B 453 -27.01 -6.28 -8.04
CA MET B 453 -25.56 -6.25 -8.02
C MET B 453 -25.03 -6.05 -9.43
N TYR B 454 -23.89 -5.37 -9.53
CA TYR B 454 -23.30 -5.11 -10.84
C TYR B 454 -21.79 -5.04 -10.70
N PRO B 455 -21.04 -5.47 -11.71
CA PRO B 455 -19.57 -5.43 -11.62
C PRO B 455 -19.06 -3.99 -11.67
N TYR B 456 -17.95 -3.76 -10.96
CA TYR B 456 -17.40 -2.41 -10.90
C TYR B 456 -16.72 -2.00 -12.20
N LYS B 457 -16.31 -2.95 -13.01
CA LYS B 457 -15.69 -2.69 -14.30
C LYS B 457 -16.22 -3.69 -15.31
N SER B 458 -16.68 -3.22 -16.46
CA SER B 458 -17.33 -4.09 -17.41
C SER B 458 -17.39 -3.41 -18.77
N ASN B 459 -17.65 -4.21 -19.81
CA ASN B 459 -17.85 -3.74 -21.17
C ASN B 459 -19.29 -3.29 -21.43
N GLU B 460 -20.23 -3.65 -20.56
CA GLU B 460 -21.64 -3.39 -20.82
C GLU B 460 -22.41 -3.39 -19.51
N ASN B 461 -23.67 -2.99 -19.59
CA ASN B 461 -24.54 -2.97 -18.42
C ASN B 461 -24.87 -4.41 -18.02
N ARG B 462 -24.45 -4.80 -16.81
CA ARG B 462 -24.74 -6.12 -16.27
C ARG B 462 -25.31 -5.92 -14.86
N PHE B 463 -26.63 -5.72 -14.79
CA PHE B 463 -27.33 -5.56 -13.52
C PHE B 463 -28.15 -6.82 -13.27
N ALA B 464 -27.93 -7.44 -12.11
CA ALA B 464 -28.52 -8.74 -11.80
C ALA B 464 -29.27 -8.66 -10.48
N ILE B 465 -30.40 -9.35 -10.41
CA ILE B 465 -31.11 -9.50 -9.14
C ILE B 465 -30.45 -10.64 -8.36
N ASP B 466 -30.06 -10.37 -7.13
CA ASP B 466 -29.49 -11.39 -6.26
C ASP B 466 -30.57 -11.90 -5.31
N TYR B 467 -30.82 -13.19 -5.35
CA TYR B 467 -31.76 -13.82 -4.41
C TYR B 467 -31.05 -14.61 -3.33
N ASP B 468 -29.73 -14.80 -3.44
CA ASP B 468 -29.02 -15.82 -2.69
C ASP B 468 -28.12 -15.26 -1.60
N ASN B 469 -28.35 -14.02 -1.17
CA ASN B 469 -27.57 -13.37 -0.11
C ASN B 469 -26.07 -13.40 -0.44
N ASN B 470 -25.75 -13.13 -1.69
CA ASN B 470 -24.35 -13.15 -2.11
C ASN B 470 -23.59 -11.98 -1.49
N PHE B 471 -22.41 -12.27 -0.96
CA PHE B 471 -21.46 -11.25 -0.57
C PHE B 471 -20.44 -11.08 -1.69
N SER B 472 -19.67 -9.99 -1.62
CA SER B 472 -18.68 -9.74 -2.65
C SER B 472 -17.66 -8.74 -2.13
N SER B 473 -16.55 -8.66 -2.84
CA SER B 473 -15.54 -7.65 -2.56
C SER B 473 -15.94 -6.34 -3.23
N ALA B 474 -15.01 -5.38 -3.31
CA ALA B 474 -15.30 -4.10 -3.91
C ALA B 474 -15.26 -4.14 -5.45
N ASP B 475 -15.14 -5.32 -6.05
CA ASP B 475 -15.30 -5.46 -7.48
C ASP B 475 -16.75 -5.65 -7.91
N VAL B 476 -17.67 -5.72 -6.94
CA VAL B 476 -19.10 -5.79 -7.21
C VAL B 476 -19.80 -4.80 -6.29
N TYR B 477 -20.63 -3.94 -6.88
CA TYR B 477 -21.43 -2.99 -6.12
C TYR B 477 -22.87 -3.49 -6.01
N SER B 478 -23.56 -2.98 -4.99
CA SER B 478 -24.92 -3.41 -4.72
C SER B 478 -25.79 -2.20 -4.42
N PHE B 479 -27.09 -2.36 -4.66
CA PHE B 479 -28.08 -1.44 -4.14
C PHE B 479 -29.41 -2.16 -3.96
N PHE B 480 -30.21 -1.64 -3.04
CA PHE B 480 -31.59 -2.08 -2.87
C PHE B 480 -32.50 -0.86 -2.88
N ILE B 481 -33.77 -1.10 -3.19
CA ILE B 481 -34.74 -0.02 -3.34
C ILE B 481 -35.19 0.45 -1.97
N LYS B 482 -35.28 1.77 -1.80
CA LYS B 482 -35.78 2.34 -0.56
C LYS B 482 -37.23 1.92 -0.33
N GLU B 483 -37.59 1.81 0.96
CA GLU B 483 -38.93 1.34 1.31
C GLU B 483 -40.01 2.22 0.69
N GLU B 484 -39.85 3.54 0.78
CA GLU B 484 -40.88 4.45 0.30
C GLU B 484 -41.05 4.44 -1.22
N TYR B 485 -40.10 3.86 -1.96
CA TYR B 485 -40.23 3.77 -3.41
C TYR B 485 -40.62 2.38 -3.89
N LEU B 486 -40.83 1.43 -2.98
CA LEU B 486 -41.14 0.06 -3.38
C LEU B 486 -42.46 -0.03 -4.13
N ASP B 487 -43.40 0.88 -3.87
CA ASP B 487 -44.66 0.86 -4.59
C ASP B 487 -44.57 1.55 -5.96
N LYS B 488 -43.48 2.27 -6.23
CA LYS B 488 -43.26 2.88 -7.54
C LYS B 488 -42.34 2.06 -8.43
N PHE B 489 -41.28 1.47 -7.87
CA PHE B 489 -40.29 0.74 -8.67
C PHE B 489 -40.05 -0.64 -8.09
N SER B 490 -39.95 -1.63 -8.96
CA SER B 490 -39.62 -2.99 -8.59
C SER B 490 -38.25 -3.37 -9.13
N TYR B 491 -37.64 -4.37 -8.49
CA TYR B 491 -36.34 -4.84 -8.94
C TYR B 491 -36.40 -5.35 -10.37
N GLU B 492 -37.51 -5.98 -10.73
CA GLU B 492 -37.64 -6.54 -12.08
C GLU B 492 -37.75 -5.44 -13.13
N TYR B 493 -38.48 -4.36 -12.82
CA TYR B 493 -38.51 -3.22 -13.74
C TYR B 493 -37.14 -2.57 -13.86
N LEU B 494 -36.42 -2.45 -12.74
CA LEU B 494 -35.14 -1.76 -12.76
C LEU B 494 -34.12 -2.51 -13.61
N VAL B 495 -33.98 -3.83 -13.41
CA VAL B 495 -33.05 -4.58 -14.23
C VAL B 495 -33.52 -4.60 -15.67
N GLY B 496 -34.82 -4.50 -15.90
CA GLY B 496 -35.32 -4.45 -17.26
C GLY B 496 -34.83 -3.22 -18.01
N ILE B 497 -34.93 -2.05 -17.38
CA ILE B 497 -34.51 -0.85 -18.07
C ILE B 497 -32.99 -0.68 -18.02
N LEU B 498 -32.34 -1.12 -16.94
CA LEU B 498 -30.90 -0.89 -16.82
C LEU B 498 -30.09 -1.81 -17.73
N ASN B 499 -30.63 -2.97 -18.09
CA ASN B 499 -29.93 -3.89 -18.98
C ASN B 499 -30.27 -3.67 -20.45
N SER B 500 -31.07 -2.64 -20.77
CA SER B 500 -31.49 -2.43 -22.14
C SER B 500 -30.39 -1.76 -22.96
N SER B 501 -30.48 -1.93 -24.28
CA SER B 501 -29.54 -1.28 -25.18
C SER B 501 -29.59 0.24 -25.03
N VAL B 502 -30.78 0.78 -24.75
CA VAL B 502 -30.93 2.22 -24.56
C VAL B 502 -30.08 2.68 -23.38
N TYR B 503 -30.20 2.00 -22.24
CA TYR B 503 -29.49 2.44 -21.05
C TYR B 503 -28.00 2.10 -21.12
N ASP B 504 -27.62 1.07 -21.89
CA ASP B 504 -26.21 0.81 -22.11
C ASP B 504 -25.55 1.98 -22.82
N LYS B 505 -26.17 2.44 -23.91
CA LYS B 505 -25.67 3.62 -24.62
C LYS B 505 -25.76 4.86 -23.75
N TYR B 506 -26.86 5.01 -23.00
CA TYR B 506 -27.08 6.20 -22.18
C TYR B 506 -26.01 6.32 -21.09
N PHE B 507 -25.70 5.21 -20.41
CA PHE B 507 -24.67 5.27 -19.38
C PHE B 507 -23.30 5.55 -19.97
N LYS B 508 -22.97 4.90 -21.09
CA LYS B 508 -21.65 5.07 -21.70
C LYS B 508 -21.43 6.45 -22.29
N ILE B 509 -22.48 7.27 -22.40
CA ILE B 509 -22.31 8.64 -22.87
C ILE B 509 -21.37 9.40 -21.94
N THR B 510 -21.53 9.24 -20.64
CA THR B 510 -20.73 9.95 -19.65
C THR B 510 -19.90 9.03 -18.77
N ALA B 511 -19.88 7.72 -19.04
CA ALA B 511 -19.15 6.80 -18.19
C ALA B 511 -17.64 7.01 -18.30
N LYS B 512 -16.94 6.52 -17.29
CA LYS B 512 -15.48 6.65 -17.20
C LYS B 512 -14.86 5.47 -17.94
N LYS B 513 -14.31 5.74 -19.12
CA LYS B 513 -13.63 4.70 -19.90
C LYS B 513 -12.25 4.46 -19.31
N MET B 514 -12.01 3.24 -18.83
CA MET B 514 -10.81 2.89 -18.08
C MET B 514 -9.72 2.28 -18.95
N SER B 515 -10.06 1.22 -19.69
CA SER B 515 -9.15 0.57 -20.60
C SER B 515 -9.97 0.04 -21.78
N LYS B 516 -9.35 -0.80 -22.59
CA LYS B 516 -10.04 -1.32 -23.77
C LYS B 516 -11.21 -2.18 -23.34
N ASN B 517 -12.41 -1.84 -23.83
CA ASN B 517 -13.65 -2.57 -23.55
C ASN B 517 -13.99 -2.58 -22.06
N ILE B 518 -13.53 -1.59 -21.30
CA ILE B 518 -13.79 -1.54 -19.85
C ILE B 518 -14.23 -0.12 -19.48
N TYR B 519 -15.43 -0.01 -18.91
CA TYR B 519 -15.88 1.20 -18.25
C TYR B 519 -15.97 0.96 -16.76
N ASP B 520 -15.79 2.02 -15.98
CA ASP B 520 -16.09 1.95 -14.56
C ASP B 520 -17.60 1.96 -14.35
N TYR B 521 -18.10 1.01 -13.58
CA TYR B 521 -19.48 1.03 -13.10
C TYR B 521 -19.41 1.24 -11.59
N TYR B 522 -19.26 2.49 -11.20
CA TYR B 522 -19.13 2.92 -9.82
C TYR B 522 -20.33 3.77 -9.43
N PRO B 523 -20.69 3.79 -8.14
CA PRO B 523 -21.87 4.57 -7.71
C PRO B 523 -21.80 6.04 -8.09
N ASN B 524 -20.60 6.63 -8.10
CA ASN B 524 -20.49 8.06 -8.37
C ASN B 524 -21.03 8.44 -9.74
N LYS B 525 -21.19 7.47 -10.64
CA LYS B 525 -21.92 7.68 -11.88
C LYS B 525 -23.14 6.79 -12.05
N VAL B 526 -23.11 5.56 -11.54
CA VAL B 526 -24.26 4.67 -11.68
C VAL B 526 -25.47 5.23 -10.93
N MET B 527 -25.24 5.76 -9.72
CA MET B 527 -26.36 6.33 -8.97
C MET B 527 -26.91 7.59 -9.62
N LYS B 528 -26.19 8.20 -10.57
CA LYS B 528 -26.70 9.34 -11.30
C LYS B 528 -27.57 8.95 -12.49
N ILE B 529 -27.67 7.66 -12.80
CA ILE B 529 -28.53 7.22 -13.89
C ILE B 529 -29.97 7.61 -13.58
N ARG B 530 -30.65 8.20 -14.56
CA ARG B 530 -32.00 8.68 -14.39
C ARG B 530 -32.98 7.66 -14.95
N ILE B 531 -34.08 7.43 -14.21
CA ILE B 531 -35.06 6.42 -14.55
C ILE B 531 -36.43 7.06 -14.61
N PHE B 532 -37.34 6.39 -15.32
CA PHE B 532 -38.66 6.93 -15.60
C PHE B 532 -39.74 5.94 -15.18
N ARG B 533 -40.98 6.44 -15.10
CA ARG B 533 -42.13 5.62 -14.78
C ARG B 533 -43.31 6.14 -15.61
N ASP B 534 -43.84 5.30 -16.49
CA ASP B 534 -44.94 5.72 -17.35
C ASP B 534 -45.84 4.52 -17.63
N ASN B 535 -46.71 4.67 -18.63
CA ASN B 535 -47.74 3.67 -18.93
C ASN B 535 -47.15 2.36 -19.45
N ASN B 536 -45.89 2.34 -19.86
CA ASN B 536 -45.24 1.10 -20.29
C ASN B 536 -44.64 0.32 -19.13
N TYR B 537 -44.79 0.81 -17.89
CA TYR B 537 -44.18 0.16 -16.74
C TYR B 537 -44.56 -1.31 -16.64
N GLU B 538 -45.85 -1.61 -16.76
CA GLU B 538 -46.32 -2.98 -16.54
C GLU B 538 -45.76 -3.93 -17.58
N GLU B 539 -45.77 -3.54 -18.86
CA GLU B 539 -45.28 -4.43 -19.91
C GLU B 539 -43.76 -4.62 -19.80
N ILE B 540 -43.03 -3.56 -19.49
CA ILE B 540 -41.58 -3.68 -19.29
C ILE B 540 -41.28 -4.65 -18.15
N GLU B 541 -41.99 -4.48 -17.03
CA GLU B 541 -41.79 -5.35 -15.89
C GLU B 541 -42.13 -6.79 -16.24
N ASN B 542 -43.20 -7.00 -17.00
CA ASN B 542 -43.59 -8.36 -17.37
C ASN B 542 -42.53 -9.00 -18.26
N LEU B 543 -42.00 -8.25 -19.23
CA LEU B 543 -40.95 -8.80 -20.08
C LEU B 543 -39.70 -9.16 -19.28
N SER B 544 -39.34 -8.31 -18.32
CA SER B 544 -38.19 -8.60 -17.47
C SER B 544 -38.41 -9.90 -16.69
N LYS B 545 -39.61 -10.07 -16.13
CA LYS B 545 -39.91 -11.29 -15.38
C LYS B 545 -39.87 -12.51 -16.26
N GLN B 546 -40.36 -12.41 -17.50
CA GLN B 546 -40.28 -13.54 -18.42
C GLN B 546 -38.83 -13.92 -18.70
N ILE B 547 -37.97 -12.91 -18.93
CA ILE B 547 -36.57 -13.17 -19.19
C ILE B 547 -35.92 -13.85 -17.99
N ILE B 548 -36.22 -13.36 -16.78
CA ILE B 548 -35.66 -13.96 -15.57
C ILE B 548 -36.09 -15.42 -15.46
N SER B 549 -37.36 -15.70 -15.74
CA SER B 549 -37.86 -17.08 -15.66
C SER B 549 -37.15 -17.99 -16.65
N ILE B 550 -36.93 -17.50 -17.88
CA ILE B 550 -36.21 -18.29 -18.87
C ILE B 550 -34.77 -18.54 -18.43
N LEU B 551 -34.10 -17.48 -17.93
CA LEU B 551 -32.71 -17.63 -17.52
C LEU B 551 -32.56 -18.59 -16.36
N LEU B 552 -33.53 -18.62 -15.44
CA LEU B 552 -33.47 -19.56 -14.33
C LEU B 552 -33.97 -20.95 -14.71
N ASN B 553 -34.49 -21.13 -15.93
CA ASN B 553 -35.01 -22.41 -16.35
C ASN B 553 -33.89 -23.40 -16.62
N LYS B 554 -34.25 -24.69 -16.69
CA LYS B 554 -33.26 -25.74 -16.91
C LYS B 554 -32.75 -25.74 -18.35
N SER B 555 -33.65 -25.57 -19.31
CA SER B 555 -33.28 -25.39 -20.71
C SER B 555 -33.48 -23.93 -21.07
N ILE B 556 -32.39 -23.24 -21.41
CA ILE B 556 -32.40 -21.81 -21.67
C ILE B 556 -32.49 -21.58 -23.16
N ASP B 557 -33.43 -20.73 -23.57
CA ASP B 557 -33.67 -20.40 -24.98
C ASP B 557 -33.14 -18.98 -25.22
N LYS B 558 -31.89 -18.90 -25.69
CA LYS B 558 -31.29 -17.59 -25.95
C LYS B 558 -32.09 -16.79 -26.97
N GLY B 559 -32.69 -17.47 -27.95
CA GLY B 559 -33.45 -16.76 -28.97
C GLY B 559 -34.68 -16.07 -28.41
N LYS B 560 -35.43 -16.77 -27.55
CA LYS B 560 -36.63 -16.17 -26.97
C LYS B 560 -36.27 -15.02 -26.04
N VAL B 561 -35.19 -15.17 -25.27
CA VAL B 561 -34.72 -14.07 -24.42
C VAL B 561 -34.36 -12.86 -25.28
N GLU B 562 -33.69 -13.10 -26.41
CA GLU B 562 -33.32 -12.00 -27.30
C GLU B 562 -34.56 -11.30 -27.86
N LYS B 563 -35.57 -12.08 -28.26
CA LYS B 563 -36.80 -11.47 -28.78
C LYS B 563 -37.50 -10.64 -27.71
N LEU B 564 -37.57 -11.16 -26.48
CA LEU B 564 -38.14 -10.38 -25.38
C LEU B 564 -37.32 -9.12 -25.12
N GLN B 565 -35.98 -9.24 -25.17
CA GLN B 565 -35.13 -8.09 -24.94
C GLN B 565 -35.35 -7.02 -26.00
N ILE B 566 -35.48 -7.44 -27.27
CA ILE B 566 -35.74 -6.49 -28.34
C ILE B 566 -37.07 -5.77 -28.13
N LYS B 567 -38.10 -6.52 -27.74
CA LYS B 567 -39.40 -5.91 -27.48
C LYS B 567 -39.32 -4.90 -26.36
N MET B 568 -38.58 -5.22 -25.30
CA MET B 568 -38.40 -4.28 -24.20
C MET B 568 -37.58 -3.08 -24.63
N ASP B 569 -36.55 -3.29 -25.45
CA ASP B 569 -35.77 -2.17 -25.96
C ASP B 569 -36.64 -1.18 -26.72
N ASN B 570 -37.52 -1.71 -27.59
CA ASN B 570 -38.40 -0.85 -28.36
C ASN B 570 -39.36 -0.09 -27.45
N LEU B 571 -39.90 -0.76 -26.42
CA LEU B 571 -40.79 -0.09 -25.49
C LEU B 571 -40.10 1.06 -24.77
N ILE B 572 -38.85 0.86 -24.37
CA ILE B 572 -38.11 1.92 -23.69
C ILE B 572 -37.80 3.06 -24.65
N MET B 573 -37.50 2.75 -25.92
CA MET B 573 -37.33 3.80 -26.92
C MET B 573 -38.60 4.61 -27.08
N ASP B 574 -39.76 3.94 -27.11
CA ASP B 574 -41.02 4.65 -27.20
C ASP B 574 -41.23 5.55 -25.99
N SER B 575 -40.93 5.06 -24.80
CA SER B 575 -41.15 5.83 -23.58
C SER B 575 -40.29 7.08 -23.55
N LEU B 576 -39.05 6.98 -24.01
CA LEU B 576 -38.12 8.10 -23.97
C LEU B 576 -38.14 8.94 -25.24
N GLY B 577 -38.89 8.53 -26.26
CA GLY B 577 -39.02 9.30 -27.49
C GLY B 577 -37.75 9.37 -28.31
N ILE B 578 -37.09 8.23 -28.50
CA ILE B 578 -35.83 8.18 -29.24
C ILE B 578 -35.83 7.04 -30.25
N LYS C 25 30.24 -42.49 -16.22
CA LYS C 25 31.61 -42.24 -16.64
C LYS C 25 32.52 -41.99 -15.44
N LYS C 26 31.95 -42.13 -14.23
CA LYS C 26 32.73 -41.94 -13.02
C LYS C 26 33.74 -43.06 -12.80
N ALA C 27 33.51 -44.24 -13.38
CA ALA C 27 34.44 -45.36 -13.23
C ALA C 27 35.71 -45.21 -14.05
N SER C 28 35.71 -44.32 -15.04
CA SER C 28 36.88 -44.11 -15.88
C SER C 28 37.84 -43.15 -15.18
N GLY C 29 38.91 -42.76 -15.88
CA GLY C 29 39.90 -41.86 -15.33
C GLY C 29 39.58 -40.38 -15.42
N ILE C 30 38.51 -40.02 -16.14
CA ILE C 30 38.17 -38.61 -16.26
C ILE C 30 37.62 -38.09 -14.93
N TYR C 31 37.53 -36.77 -14.82
CA TYR C 31 37.02 -36.00 -13.68
C TYR C 31 37.92 -36.07 -12.45
N TYR C 32 39.01 -36.82 -12.49
CA TYR C 32 39.97 -36.78 -11.40
C TYR C 32 40.90 -35.59 -11.61
N THR C 33 41.07 -34.79 -10.57
CA THR C 33 41.92 -33.61 -10.68
C THR C 33 43.39 -34.02 -10.66
N PRO C 34 44.22 -33.48 -11.54
CA PRO C 34 45.63 -33.88 -11.57
C PRO C 34 46.31 -33.62 -10.23
N LYS C 35 47.24 -34.51 -9.88
CA LYS C 35 47.92 -34.42 -8.58
C LYS C 35 48.59 -33.07 -8.40
N ILE C 36 49.11 -32.49 -9.49
CA ILE C 36 49.77 -31.19 -9.42
C ILE C 36 48.79 -30.12 -8.95
N ILE C 37 47.58 -30.12 -9.53
CA ILE C 37 46.58 -29.13 -9.14
C ILE C 37 46.13 -29.36 -7.70
N VAL C 38 45.92 -30.62 -7.32
CA VAL C 38 45.46 -30.93 -5.96
C VAL C 38 46.49 -30.46 -4.93
N ASP C 39 47.76 -30.77 -5.17
CA ASP C 39 48.81 -30.35 -4.24
C ASP C 39 48.89 -28.83 -4.17
N TYR C 40 48.80 -28.14 -5.31
CA TYR C 40 48.86 -26.69 -5.33
C TYR C 40 47.71 -26.07 -4.53
N ILE C 41 46.51 -26.62 -4.69
CA ILE C 41 45.35 -26.09 -3.98
C ILE C 41 45.49 -26.31 -2.48
N VAL C 42 45.89 -27.51 -2.09
CA VAL C 42 46.06 -27.80 -0.66
C VAL C 42 47.14 -26.92 -0.07
N LYS C 43 48.25 -26.75 -0.78
CA LYS C 43 49.30 -25.84 -0.32
C LYS C 43 48.76 -24.42 -0.19
N LYS C 44 47.99 -23.97 -1.20
CA LYS C 44 47.48 -22.60 -1.19
C LYS C 44 46.60 -22.34 0.02
N THR C 45 45.93 -23.37 0.54
CA THR C 45 45.06 -23.21 1.69
C THR C 45 45.79 -23.39 3.01
N LEU C 46 46.73 -24.34 3.10
CA LEU C 46 47.28 -24.76 4.38
C LEU C 46 48.74 -24.40 4.57
N LYS C 47 49.33 -23.58 3.68
CA LYS C 47 50.76 -23.30 3.80
C LYS C 47 51.08 -22.53 5.07
N ASN C 48 50.27 -21.54 5.41
CA ASN C 48 50.56 -20.60 6.49
C ASN C 48 49.64 -20.80 7.70
N HIS C 49 49.27 -22.04 7.99
CA HIS C 49 48.42 -22.33 9.14
C HIS C 49 49.28 -22.51 10.37
N ASP C 50 49.03 -21.70 11.40
CA ASP C 50 49.71 -21.83 12.69
C ASP C 50 48.99 -22.89 13.49
N ILE C 51 49.48 -24.13 13.38
CA ILE C 51 48.84 -25.25 14.05
C ILE C 51 48.99 -25.17 15.56
N ILE C 52 49.98 -24.42 16.07
CA ILE C 52 50.09 -24.20 17.50
C ILE C 52 48.95 -23.32 17.99
N LYS C 53 48.70 -22.21 17.30
CA LYS C 53 47.65 -21.29 17.72
C LYS C 53 46.27 -21.92 17.58
N ASN C 54 46.01 -22.61 16.47
CA ASN C 54 44.74 -23.30 16.24
C ASN C 54 45.03 -24.74 15.85
N PRO C 55 45.15 -25.63 16.84
CA PRO C 55 45.34 -27.05 16.56
C PRO C 55 44.08 -27.80 16.11
N TYR C 56 42.97 -27.09 15.91
CA TYR C 56 41.71 -27.70 15.49
C TYR C 56 41.21 -27.01 14.22
N PRO C 57 41.85 -27.28 13.08
CA PRO C 57 41.39 -26.68 11.83
C PRO C 57 40.31 -27.53 11.16
N ARG C 58 39.38 -26.82 10.50
CA ARG C 58 38.27 -27.45 9.78
C ARG C 58 38.50 -27.27 8.29
N ILE C 59 38.82 -28.36 7.60
CA ILE C 59 39.04 -28.36 6.16
C ILE C 59 37.93 -29.18 5.52
N LEU C 60 37.25 -28.59 4.53
CA LEU C 60 36.06 -29.17 3.93
C LEU C 60 36.21 -29.29 2.42
N ASP C 61 35.74 -30.40 1.87
CA ASP C 61 35.58 -30.58 0.43
C ASP C 61 34.10 -30.87 0.15
N ILE C 62 33.45 -29.93 -0.53
CA ILE C 62 32.00 -30.01 -0.74
C ILE C 62 31.63 -31.00 -1.85
N SER C 63 32.56 -31.34 -2.74
CA SER C 63 32.35 -32.31 -3.81
C SER C 63 33.49 -33.31 -3.82
N CYS C 64 33.78 -33.88 -2.65
CA CYS C 64 35.02 -34.65 -2.44
C CYS C 64 35.12 -35.84 -3.39
N GLY C 65 34.01 -36.45 -3.75
CA GLY C 65 34.07 -37.67 -4.55
C GLY C 65 34.82 -38.76 -3.81
N CYS C 66 35.75 -39.41 -4.49
CA CYS C 66 36.59 -40.41 -3.85
C CYS C 66 37.68 -39.80 -2.97
N GLY C 67 37.80 -38.48 -2.94
CA GLY C 67 38.68 -37.81 -2.01
C GLY C 67 40.08 -37.57 -2.52
N ASN C 68 40.24 -37.19 -3.78
CA ASN C 68 41.57 -36.88 -4.29
C ASN C 68 42.16 -35.69 -3.55
N PHE C 69 41.34 -34.69 -3.21
CA PHE C 69 41.80 -33.59 -2.38
C PHE C 69 41.94 -33.99 -0.92
N LEU C 70 40.98 -34.75 -0.39
CA LEU C 70 40.95 -35.01 1.06
C LEU C 70 42.09 -35.90 1.51
N LEU C 71 42.50 -36.87 0.69
CA LEU C 71 43.63 -37.71 1.05
C LEU C 71 44.92 -36.89 1.14
N GLU C 72 45.11 -35.95 0.21
CA GLU C 72 46.27 -35.07 0.29
C GLU C 72 46.20 -34.17 1.51
N VAL C 73 45.00 -33.70 1.87
CA VAL C 73 44.82 -32.94 3.10
C VAL C 73 45.22 -33.79 4.30
N TYR C 74 44.84 -35.07 4.29
CA TYR C 74 45.21 -35.97 5.38
C TYR C 74 46.72 -36.11 5.50
N ASP C 75 47.41 -36.29 4.37
CA ASP C 75 48.87 -36.43 4.41
C ASP C 75 49.55 -35.17 4.91
N ILE C 76 49.10 -34.00 4.43
CA ILE C 76 49.69 -32.74 4.86
C ILE C 76 49.45 -32.51 6.35
N LEU C 77 48.23 -32.79 6.81
CA LEU C 77 47.92 -32.64 8.23
C LEU C 77 48.75 -33.59 9.08
N TYR C 78 48.91 -34.83 8.63
CA TYR C 78 49.71 -35.80 9.38
C TYR C 78 51.15 -35.33 9.52
N ASP C 79 51.72 -34.81 8.44
CA ASP C 79 53.09 -34.27 8.50
C ASP C 79 53.17 -33.08 9.43
N LEU C 80 52.19 -32.17 9.37
CA LEU C 80 52.21 -30.99 10.22
C LEU C 80 52.10 -31.35 11.69
N PHE C 81 51.20 -32.28 12.03
CA PHE C 81 51.07 -32.71 13.41
C PHE C 81 52.33 -33.44 13.88
N GLU C 82 52.91 -34.28 13.02
CA GLU C 82 54.07 -35.06 13.42
C GLU C 82 55.28 -34.16 13.70
N GLU C 83 55.47 -33.12 12.89
CA GLU C 83 56.61 -32.24 13.08
C GLU C 83 56.39 -31.19 14.17
N ASN C 84 55.17 -31.09 14.70
CA ASN C 84 54.89 -30.18 15.82
C ASN C 84 54.37 -30.93 17.05
N ILE C 85 54.62 -32.25 17.12
CA ILE C 85 54.02 -33.05 18.18
C ILE C 85 54.61 -32.66 19.54
N TYR C 86 55.91 -32.35 19.59
CA TYR C 86 56.54 -31.98 20.85
C TYR C 86 55.95 -30.70 21.41
N GLU C 87 55.78 -29.68 20.56
CA GLU C 87 55.19 -28.42 21.01
C GLU C 87 53.74 -28.61 21.42
N LEU C 88 53.01 -29.47 20.70
CA LEU C 88 51.61 -29.73 21.05
C LEU C 88 51.51 -30.40 22.41
N LYS C 89 52.38 -31.36 22.70
CA LYS C 89 52.38 -32.02 24.00
C LYS C 89 52.79 -31.05 25.11
N LYS C 90 53.71 -30.13 24.82
CA LYS C 90 54.15 -29.18 25.84
C LYS C 90 53.07 -28.16 26.16
N LYS C 91 52.46 -27.57 25.13
CA LYS C 91 51.49 -26.50 25.34
C LYS C 91 50.15 -27.00 25.84
N TYR C 92 49.74 -28.20 25.42
CA TYR C 92 48.45 -28.77 25.77
C TYR C 92 48.66 -30.06 26.55
N ASP C 93 47.57 -30.81 26.73
CA ASP C 93 47.63 -32.10 27.42
C ASP C 93 48.67 -32.99 26.77
N GLU C 94 49.74 -33.31 27.51
CA GLU C 94 50.84 -34.08 26.94
C GLU C 94 50.39 -35.49 26.57
N ASN C 95 49.53 -36.09 27.39
CA ASN C 95 49.06 -37.45 27.10
C ASN C 95 48.22 -37.49 25.83
N TYR C 96 47.30 -36.53 25.66
CA TYR C 96 46.40 -36.56 24.51
C TYR C 96 47.16 -36.33 23.21
N TRP C 97 47.98 -35.28 23.15
CA TRP C 97 48.69 -34.91 21.93
C TRP C 97 49.87 -35.85 21.75
N THR C 98 49.62 -36.96 21.08
CA THR C 98 50.64 -37.96 20.80
C THR C 98 50.58 -38.38 19.35
N VAL C 99 51.71 -38.85 18.83
CA VAL C 99 51.78 -39.31 17.44
C VAL C 99 50.84 -40.50 17.23
N ASP C 100 50.80 -41.43 18.20
CA ASP C 100 49.95 -42.60 18.08
C ASP C 100 48.47 -42.25 17.96
N ASN C 101 48.06 -41.06 18.40
CA ASN C 101 46.68 -40.62 18.27
C ASN C 101 46.47 -39.59 17.16
N ILE C 102 47.55 -39.12 16.52
CA ILE C 102 47.46 -38.03 15.55
C ILE C 102 46.46 -38.39 14.45
N HIS C 103 46.59 -39.60 13.89
CA HIS C 103 45.67 -40.10 12.88
C HIS C 103 44.21 -39.94 13.31
N ARG C 104 43.89 -40.47 14.50
CA ARG C 104 42.54 -40.39 15.01
C ARG C 104 42.08 -38.95 15.14
N HIS C 105 42.92 -38.08 15.70
CA HIS C 105 42.57 -36.67 15.87
C HIS C 105 42.19 -36.03 14.54
N ILE C 106 42.99 -36.27 13.50
CA ILE C 106 42.71 -35.74 12.16
C ILE C 106 41.32 -36.18 11.70
N LEU C 107 41.09 -37.49 11.69
CA LEU C 107 39.84 -38.03 11.18
C LEU C 107 38.65 -37.55 12.02
N ASN C 108 38.86 -37.29 13.30
CA ASN C 108 37.78 -36.93 14.20
C ASN C 108 37.44 -35.44 14.16
N TYR C 109 38.41 -34.56 13.92
CA TYR C 109 38.21 -33.13 14.09
C TYR C 109 38.59 -32.26 12.90
N CYS C 110 39.35 -32.77 11.93
CA CYS C 110 39.92 -31.91 10.89
C CYS C 110 39.29 -32.10 9.52
N ILE C 111 39.13 -33.35 9.07
CA ILE C 111 38.68 -33.63 7.71
C ILE C 111 37.16 -33.64 7.67
N TYR C 112 36.59 -32.89 6.73
CA TYR C 112 35.15 -32.88 6.46
C TYR C 112 34.94 -33.03 4.97
N GLY C 113 34.05 -33.95 4.59
CA GLY C 113 33.75 -34.18 3.19
C GLY C 113 32.29 -34.42 2.93
N ALA C 114 31.76 -33.85 1.84
CA ALA C 114 30.37 -33.99 1.47
C ALA C 114 30.28 -34.38 -0.01
N ASP C 115 29.34 -35.26 -0.33
CA ASP C 115 29.12 -35.67 -1.71
C ASP C 115 27.79 -36.40 -1.81
N ILE C 116 27.16 -36.26 -2.98
CA ILE C 116 25.82 -36.84 -3.19
C ILE C 116 25.86 -38.31 -3.59
N ASP C 117 27.04 -38.86 -3.86
CA ASP C 117 27.17 -40.25 -4.28
C ASP C 117 27.53 -41.09 -3.05
N GLU C 118 26.64 -42.01 -2.67
CA GLU C 118 26.90 -42.86 -1.52
C GLU C 118 28.10 -43.76 -1.76
N LYS C 119 28.26 -44.26 -3.00
CA LYS C 119 29.40 -45.11 -3.32
C LYS C 119 30.71 -44.35 -3.15
N ALA C 120 30.73 -43.07 -3.57
CA ALA C 120 31.93 -42.27 -3.40
C ALA C 120 32.27 -42.05 -1.93
N ILE C 121 31.26 -41.77 -1.10
CA ILE C 121 31.50 -41.56 0.32
C ILE C 121 32.01 -42.85 0.97
N SER C 122 31.46 -43.99 0.56
CA SER C 122 31.93 -45.27 1.10
C SER C 122 33.38 -45.53 0.72
N ILE C 123 33.74 -45.28 -0.53
CA ILE C 123 35.12 -45.49 -0.97
C ILE C 123 36.07 -44.56 -0.23
N LEU C 124 35.66 -43.30 -0.04
CA LEU C 124 36.49 -42.36 0.70
C LEU C 124 36.67 -42.78 2.15
N LYS C 125 35.59 -43.25 2.78
CA LYS C 125 35.69 -43.72 4.16
C LYS C 125 36.60 -44.95 4.25
N ASP C 126 36.47 -45.88 3.31
CA ASP C 126 37.31 -47.08 3.32
C ASP C 126 38.78 -46.73 3.10
N SER C 127 39.06 -45.77 2.21
CA SER C 127 40.44 -45.37 1.97
C SER C 127 41.03 -44.64 3.18
N LEU C 128 40.22 -43.82 3.85
CA LEU C 128 40.68 -43.16 5.07
C LEU C 128 40.97 -44.18 6.17
N THR C 129 40.13 -45.20 6.30
CA THR C 129 40.37 -46.24 7.29
C THR C 129 41.66 -47.00 6.98
N ASN C 130 41.91 -47.31 5.72
CA ASN C 130 43.13 -48.01 5.31
C ASN C 130 44.27 -47.03 5.10
N ILE C 142 36.44 -44.46 14.84
CA ILE C 142 36.24 -43.05 15.14
C ILE C 142 35.28 -42.42 14.13
N LYS C 143 34.83 -41.20 14.42
CA LYS C 143 33.94 -40.48 13.52
C LYS C 143 34.76 -39.89 12.37
N ILE C 144 34.27 -40.07 11.14
CA ILE C 144 34.99 -39.61 9.96
C ILE C 144 34.42 -38.30 9.40
N ASN C 145 33.22 -37.90 9.81
CA ASN C 145 32.60 -36.64 9.38
C ASN C 145 32.45 -36.57 7.86
N LEU C 146 31.87 -37.63 7.30
CA LEU C 146 31.50 -37.68 5.89
C LEU C 146 29.99 -37.58 5.76
N PHE C 147 29.52 -36.70 4.88
CA PHE C 147 28.10 -36.49 4.67
C PHE C 147 27.72 -36.89 3.26
N CYS C 148 26.74 -37.78 3.14
CA CYS C 148 26.17 -38.16 1.85
C CYS C 148 24.86 -37.41 1.70
N CYS C 149 24.91 -36.27 1.01
CA CYS C 149 23.74 -35.41 0.88
C CYS C 149 23.97 -34.45 -0.29
N ASP C 150 23.00 -33.58 -0.51
CA ASP C 150 23.12 -32.49 -1.46
C ASP C 150 23.77 -31.31 -0.73
N SER C 151 25.04 -31.04 -1.05
CA SER C 151 25.78 -30.00 -0.35
C SER C 151 25.16 -28.62 -0.55
N LEU C 152 24.40 -28.41 -1.62
CA LEU C 152 23.71 -27.15 -1.83
C LEU C 152 22.44 -27.03 -0.99
N LYS C 153 21.98 -28.11 -0.37
CA LYS C 153 20.79 -28.09 0.47
C LYS C 153 21.08 -28.39 1.93
N LYS C 154 22.19 -29.05 2.24
CA LYS C 154 22.51 -29.39 3.62
C LYS C 154 22.72 -28.14 4.46
N LYS C 155 22.11 -28.10 5.64
CA LYS C 155 22.26 -26.98 6.56
C LYS C 155 23.52 -27.20 7.39
N TRP C 156 24.48 -26.28 7.26
CA TRP C 156 25.75 -26.40 7.96
C TRP C 156 25.66 -25.68 9.30
N ARG C 157 25.93 -26.41 10.39
CA ARG C 157 25.83 -25.85 11.73
C ARG C 157 27.00 -24.96 12.09
N TYR C 158 28.17 -25.17 11.49
CA TYR C 158 29.36 -24.39 11.80
C TYR C 158 30.15 -24.13 10.52
N LYS C 159 30.85 -22.99 10.49
CA LYS C 159 31.66 -22.63 9.35
C LYS C 159 32.99 -23.39 9.39
N PHE C 160 33.79 -23.22 8.33
CA PHE C 160 35.02 -23.98 8.16
C PHE C 160 36.19 -23.05 7.92
N ASP C 161 37.36 -23.42 8.46
CA ASP C 161 38.56 -22.61 8.28
C ASP C 161 39.05 -22.65 6.83
N TYR C 162 39.02 -23.82 6.20
CA TYR C 162 39.55 -23.97 4.85
C TYR C 162 38.61 -24.81 4.01
N ILE C 163 38.48 -24.47 2.73
CA ILE C 163 37.65 -25.20 1.79
C ILE C 163 38.43 -25.40 0.50
N VAL C 164 38.47 -26.64 0.02
CA VAL C 164 39.14 -26.99 -1.23
C VAL C 164 38.22 -27.89 -2.04
N GLY C 165 38.55 -28.05 -3.32
CA GLY C 165 37.91 -29.07 -4.11
C GLY C 165 37.66 -28.63 -5.54
N ASN C 166 36.92 -29.48 -6.26
CA ASN C 166 36.61 -29.29 -7.67
C ASN C 166 35.13 -29.58 -7.87
N PRO C 167 34.28 -28.55 -7.92
CA PRO C 167 32.83 -28.77 -7.98
C PRO C 167 32.41 -29.30 -9.34
N PRO C 168 31.19 -29.82 -9.45
CA PRO C 168 30.69 -30.23 -10.77
C PRO C 168 30.29 -29.04 -11.63
N TYR C 169 30.52 -29.18 -12.93
CA TYR C 169 30.13 -28.16 -13.92
C TYR C 169 28.99 -28.75 -14.75
N ILE C 170 27.80 -28.17 -14.63
CA ILE C 170 26.65 -28.62 -15.40
C ILE C 170 25.96 -27.39 -15.98
N GLY C 171 25.80 -27.37 -17.30
CA GLY C 171 25.18 -26.26 -17.99
C GLY C 171 23.67 -26.33 -17.98
N HIS C 172 23.06 -25.32 -18.62
CA HIS C 172 21.60 -25.21 -18.59
C HIS C 172 20.92 -26.32 -19.38
N LYS C 173 21.60 -26.87 -20.40
CA LYS C 173 20.98 -27.91 -21.20
C LYS C 173 21.00 -29.28 -20.51
N LYS C 174 22.05 -29.57 -19.74
CA LYS C 174 22.23 -30.88 -19.12
C LYS C 174 21.69 -30.95 -17.70
N LEU C 175 21.07 -29.88 -17.20
CA LEU C 175 20.60 -29.80 -15.83
C LEU C 175 19.12 -30.15 -15.77
N GLU C 176 18.74 -30.92 -14.74
CA GLU C 176 17.35 -31.35 -14.60
C GLU C 176 16.44 -30.17 -14.27
N LYS C 177 15.19 -30.28 -14.73
CA LYS C 177 14.25 -29.16 -14.61
C LYS C 177 13.92 -28.86 -13.15
N LYS C 178 13.61 -29.89 -12.37
CA LYS C 178 13.24 -29.67 -10.96
C LYS C 178 14.39 -29.06 -10.19
N TYR C 179 15.60 -29.58 -10.37
CA TYR C 179 16.78 -29.02 -9.71
C TYR C 179 17.01 -27.58 -10.15
N LYS C 180 16.78 -27.29 -11.43
CA LYS C 180 16.96 -25.93 -11.92
C LYS C 180 15.97 -24.97 -11.29
N LYS C 181 14.73 -25.43 -11.06
CA LYS C 181 13.76 -24.60 -10.34
C LYS C 181 14.24 -24.30 -8.92
N PHE C 182 14.80 -25.31 -8.25
CA PHE C 182 15.35 -25.10 -6.91
C PHE C 182 16.50 -24.10 -6.93
N LEU C 183 17.41 -24.24 -7.90
CA LEU C 183 18.56 -23.33 -7.98
C LEU C 183 18.11 -21.90 -8.28
N LEU C 184 17.11 -21.74 -9.14
CA LEU C 184 16.58 -20.41 -9.42
C LEU C 184 15.95 -19.80 -8.17
N GLU C 185 15.27 -20.61 -7.37
CA GLU C 185 14.59 -20.11 -6.18
C GLU C 185 15.59 -19.69 -5.10
N LYS C 186 16.59 -20.53 -4.82
CA LYS C 186 17.42 -20.36 -3.64
C LYS C 186 18.79 -19.75 -3.93
N TYR C 187 19.27 -19.78 -5.17
CA TYR C 187 20.59 -19.25 -5.50
C TYR C 187 20.50 -18.12 -6.52
N SER C 188 19.42 -17.35 -6.47
CA SER C 188 19.21 -16.27 -7.44
C SER C 188 20.30 -15.21 -7.39
N GLU C 189 21.04 -15.11 -6.29
CA GLU C 189 22.11 -14.13 -6.18
C GLU C 189 23.19 -14.35 -7.23
N VAL C 190 23.41 -15.60 -7.62
CA VAL C 190 24.43 -15.91 -8.62
C VAL C 190 23.92 -16.71 -9.80
N TYR C 191 22.81 -17.44 -9.68
CA TYR C 191 22.34 -18.34 -10.73
C TYR C 191 21.05 -17.80 -11.32
N LYS C 192 21.04 -17.62 -12.64
CA LYS C 192 19.84 -17.26 -13.39
C LYS C 192 20.15 -17.42 -14.87
N ASP C 193 19.10 -17.68 -15.64
CA ASP C 193 19.16 -17.78 -17.11
C ASP C 193 20.14 -18.89 -17.47
N LYS C 194 21.19 -18.62 -18.28
CA LYS C 194 22.06 -19.65 -18.79
C LYS C 194 23.27 -19.92 -17.89
N ALA C 195 23.14 -19.67 -16.59
CA ALA C 195 24.24 -19.85 -15.66
C ALA C 195 24.56 -21.32 -15.48
N ASP C 196 25.61 -21.60 -14.69
CA ASP C 196 26.10 -22.96 -14.48
C ASP C 196 26.00 -23.32 -13.01
N LEU C 197 26.05 -24.62 -12.73
CA LEU C 197 25.91 -25.10 -11.36
C LEU C 197 27.08 -24.64 -10.48
N TYR C 198 28.30 -24.62 -11.03
CA TYR C 198 29.45 -24.25 -10.22
C TYR C 198 29.38 -22.80 -9.76
N PHE C 199 28.50 -21.99 -10.34
CA PHE C 199 28.20 -20.69 -9.78
C PHE C 199 27.64 -20.85 -8.36
N CYS C 200 26.71 -21.78 -8.20
CA CYS C 200 26.08 -22.00 -6.89
C CYS C 200 27.05 -22.61 -5.89
N PHE C 201 27.94 -23.50 -6.37
CA PHE C 201 28.97 -24.05 -5.50
C PHE C 201 29.93 -22.97 -5.02
N TYR C 202 30.26 -22.02 -5.89
CA TYR C 202 31.04 -20.85 -5.47
C TYR C 202 30.32 -20.11 -4.34
N LYS C 203 29.03 -19.85 -4.51
CA LYS C 203 28.28 -19.12 -3.50
C LYS C 203 28.20 -19.89 -2.20
N LYS C 204 27.97 -21.20 -2.27
CA LYS C 204 27.91 -22.00 -1.05
C LYS C 204 29.25 -22.01 -0.32
N ILE C 205 30.35 -22.13 -1.07
CA ILE C 205 31.67 -22.17 -0.46
C ILE C 205 31.99 -20.84 0.22
N ILE C 206 31.67 -19.72 -0.43
CA ILE C 206 31.88 -18.41 0.18
C ILE C 206 31.04 -18.27 1.44
N ASP C 207 29.79 -18.72 1.40
CA ASP C 207 28.86 -18.51 2.51
C ASP C 207 29.30 -19.26 3.77
N ILE C 208 29.75 -20.51 3.63
CA ILE C 208 30.08 -21.33 4.78
C ILE C 208 31.57 -21.29 5.10
N LEU C 209 32.28 -20.28 4.61
CA LEU C 209 33.69 -20.10 4.94
C LEU C 209 33.81 -19.23 6.17
N LYS C 210 34.54 -19.71 7.18
CA LYS C 210 34.73 -18.97 8.41
C LYS C 210 35.50 -17.69 8.14
N GLN C 211 35.22 -16.66 8.94
CA GLN C 211 35.89 -15.38 8.80
C GLN C 211 37.39 -15.57 9.02
N GLY C 212 38.19 -14.99 8.12
CA GLY C 212 39.62 -15.20 8.14
C GLY C 212 40.08 -16.49 7.49
N GLY C 213 39.16 -17.31 6.99
CA GLY C 213 39.51 -18.56 6.35
C GLY C 213 39.95 -18.38 4.91
N ILE C 214 40.37 -19.48 4.30
CA ILE C 214 40.90 -19.49 2.95
C ILE C 214 40.19 -20.56 2.14
N GLY C 215 39.78 -20.22 0.93
CA GLY C 215 39.20 -21.18 0.00
C GLY C 215 39.96 -21.19 -1.31
N SER C 216 40.13 -22.39 -1.87
CA SER C 216 40.86 -22.57 -3.12
C SER C 216 40.20 -23.68 -3.93
N VAL C 217 39.75 -23.36 -5.13
CA VAL C 217 39.04 -24.32 -5.98
C VAL C 217 39.53 -24.21 -7.41
N ILE C 218 39.29 -25.27 -8.18
CA ILE C 218 39.47 -25.28 -9.62
C ILE C 218 38.09 -25.41 -10.26
N THR C 219 37.77 -24.48 -11.16
CA THR C 219 36.47 -24.41 -11.82
C THR C 219 36.70 -24.06 -13.29
N PRO C 220 35.67 -24.00 -14.14
CA PRO C 220 35.87 -23.43 -15.47
C PRO C 220 36.22 -21.95 -15.37
N ARG C 221 36.92 -21.46 -16.39
CA ARG C 221 37.34 -20.06 -16.43
C ARG C 221 36.29 -19.14 -17.03
N TYR C 222 35.18 -19.68 -17.56
CA TYR C 222 34.29 -18.89 -18.39
C TYR C 222 33.58 -17.80 -17.59
N PHE C 223 33.35 -18.01 -16.29
CA PHE C 223 32.66 -17.00 -15.49
C PHE C 223 33.46 -15.70 -15.37
N LEU C 224 34.76 -15.75 -15.65
CA LEU C 224 35.57 -14.54 -15.61
C LEU C 224 35.16 -13.53 -16.68
N GLU C 225 34.57 -14.00 -17.78
CA GLU C 225 34.18 -13.11 -18.87
C GLU C 225 32.75 -13.30 -19.34
N SER C 226 32.10 -14.42 -19.03
CA SER C 226 30.79 -14.70 -19.57
C SER C 226 29.73 -13.75 -19.00
N LEU C 227 28.70 -13.50 -19.82
CA LEU C 227 27.58 -12.67 -19.37
C LEU C 227 26.88 -13.32 -18.19
N SER C 228 26.67 -14.64 -18.24
CA SER C 228 25.99 -15.34 -17.16
C SER C 228 26.73 -15.20 -15.84
N GLY C 229 28.04 -14.97 -15.89
CA GLY C 229 28.85 -14.90 -14.68
C GLY C 229 28.88 -13.55 -13.99
N LYS C 230 28.22 -12.53 -14.54
CA LYS C 230 28.31 -11.18 -13.99
C LYS C 230 27.92 -11.14 -12.52
N ASP C 231 26.77 -11.72 -12.19
CA ASP C 231 26.31 -11.77 -10.80
C ASP C 231 27.34 -12.47 -9.92
N LEU C 232 27.83 -13.63 -10.36
CA LEU C 232 28.80 -14.38 -9.58
C LEU C 232 30.05 -13.56 -9.29
N ARG C 233 30.57 -12.88 -10.32
CA ARG C 233 31.74 -12.03 -10.15
C ARG C 233 31.50 -10.98 -9.08
N GLU C 234 30.36 -10.29 -9.15
CA GLU C 234 30.03 -9.28 -8.14
C GLU C 234 29.97 -9.89 -6.75
N TYR C 235 29.31 -11.04 -6.62
CA TYR C 235 29.21 -11.72 -5.33
C TYR C 235 30.60 -12.01 -4.76
N ILE C 236 31.48 -12.58 -5.59
CA ILE C 236 32.85 -12.87 -5.17
C ILE C 236 33.56 -11.60 -4.76
N LYS C 237 33.52 -10.60 -5.65
CA LYS C 237 34.22 -9.35 -5.42
C LYS C 237 33.75 -8.65 -4.15
N SER C 238 32.48 -8.85 -3.77
CA SER C 238 31.90 -8.16 -2.64
C SER C 238 32.06 -8.91 -1.32
N ASN C 239 32.26 -10.23 -1.35
CA ASN C 239 32.21 -11.03 -0.14
C ASN C 239 33.55 -11.61 0.30
N VAL C 240 34.51 -11.76 -0.60
CA VAL C 240 35.82 -12.30 -0.24
C VAL C 240 36.91 -11.46 -0.90
N ASN C 241 38.10 -11.54 -0.33
CA ASN C 241 39.30 -10.99 -0.96
C ASN C 241 39.91 -12.05 -1.86
N VAL C 242 40.15 -11.70 -3.12
CA VAL C 242 40.73 -12.63 -4.08
C VAL C 242 42.25 -12.53 -3.99
N GLN C 243 42.87 -13.62 -3.54
CA GLN C 243 44.33 -13.64 -3.44
C GLN C 243 44.95 -13.74 -4.83
N GLU C 244 44.61 -14.79 -5.57
CA GLU C 244 45.24 -15.01 -6.86
C GLU C 244 44.32 -15.80 -7.78
N ILE C 245 44.53 -15.60 -9.08
CA ILE C 245 43.80 -16.30 -10.15
C ILE C 245 44.82 -16.94 -11.07
N VAL C 246 44.72 -18.25 -11.26
CA VAL C 246 45.57 -18.97 -12.21
C VAL C 246 44.70 -19.33 -13.40
N ASP C 247 44.95 -18.67 -14.53
CA ASP C 247 44.15 -18.83 -15.74
C ASP C 247 44.93 -19.65 -16.74
N PHE C 248 44.36 -20.79 -17.15
CA PHE C 248 44.99 -21.66 -18.12
C PHE C 248 44.53 -21.40 -19.55
N LEU C 249 43.59 -20.47 -19.75
CA LEU C 249 43.27 -19.91 -21.08
C LEU C 249 43.08 -20.98 -22.14
N GLY C 250 42.27 -21.99 -21.84
CA GLY C 250 41.99 -22.97 -22.86
C GLY C 250 43.02 -24.06 -23.03
N ALA C 251 43.97 -24.17 -22.11
CA ALA C 251 44.82 -25.36 -22.09
C ALA C 251 43.99 -26.57 -21.66
N ASN C 252 44.50 -27.77 -21.97
CA ASN C 252 43.78 -29.00 -21.68
C ASN C 252 44.27 -29.57 -20.36
N ILE C 253 43.73 -29.03 -19.27
CA ILE C 253 44.11 -29.49 -17.93
C ILE C 253 43.55 -30.89 -17.67
N PHE C 254 42.31 -31.13 -18.07
CA PHE C 254 41.67 -32.43 -17.89
C PHE C 254 41.74 -33.21 -19.18
N LYS C 255 42.34 -34.40 -19.12
CA LYS C 255 42.50 -35.23 -20.31
C LYS C 255 41.13 -35.69 -20.81
N ASN C 256 40.95 -35.59 -22.13
CA ASN C 256 39.74 -36.03 -22.83
C ASN C 256 38.48 -35.33 -22.33
N ILE C 257 38.63 -34.15 -21.74
CA ILE C 257 37.52 -33.33 -21.29
C ILE C 257 37.59 -31.98 -21.98
N GLY C 258 36.51 -31.58 -22.63
CA GLY C 258 36.49 -30.32 -23.35
C GLY C 258 36.11 -29.13 -22.49
N VAL C 259 36.95 -28.81 -21.51
CA VAL C 259 36.73 -27.68 -20.62
C VAL C 259 38.04 -26.90 -20.49
N SER C 260 37.90 -25.61 -20.17
CA SER C 260 39.03 -24.74 -19.88
C SER C 260 38.96 -24.33 -18.42
N SER C 261 40.07 -24.49 -17.71
CA SER C 261 40.08 -24.47 -16.25
C SER C 261 40.76 -23.22 -15.72
N CYS C 262 40.52 -22.96 -14.43
CA CYS C 262 41.21 -21.92 -13.69
C CYS C 262 41.21 -22.28 -12.21
N ILE C 263 42.15 -21.71 -11.48
CA ILE C 263 42.26 -21.93 -10.03
C ILE C 263 42.05 -20.59 -9.35
N LEU C 264 41.08 -20.54 -8.43
CA LEU C 264 40.74 -19.33 -7.71
C LEU C 264 41.01 -19.53 -6.23
N THR C 265 41.75 -18.60 -5.63
CA THR C 265 42.05 -18.62 -4.20
C THR C 265 41.60 -17.32 -3.57
N PHE C 266 40.87 -17.42 -2.47
CA PHE C 266 40.26 -16.27 -1.84
C PHE C 266 40.26 -16.44 -0.33
N ASP C 267 40.04 -15.34 0.38
CA ASP C 267 40.04 -15.35 1.83
C ASP C 267 39.04 -14.32 2.35
N LYS C 268 38.63 -14.51 3.60
CA LYS C 268 37.80 -13.56 4.32
C LYS C 268 38.60 -12.83 5.41
N LYS C 269 39.91 -12.71 5.22
CA LYS C 269 40.77 -12.09 6.20
C LYS C 269 40.61 -10.57 6.18
N LYS C 270 41.24 -9.91 7.16
CA LYS C 270 41.21 -8.46 7.25
C LYS C 270 41.80 -7.84 5.99
N THR C 271 40.96 -7.14 5.22
CA THR C 271 41.41 -6.58 3.96
C THR C 271 42.45 -5.49 4.19
N LYS C 272 43.36 -5.35 3.24
CA LYS C 272 44.42 -4.36 3.31
C LYS C 272 44.70 -3.88 1.89
N GLU C 273 45.81 -3.16 1.72
CA GLU C 273 46.21 -2.70 0.40
C GLU C 273 46.89 -3.83 -0.37
N THR C 274 46.20 -4.96 -0.47
CA THR C 274 46.72 -6.15 -1.13
C THR C 274 46.07 -6.29 -2.51
N TYR C 275 46.89 -6.61 -3.50
CA TYR C 275 46.44 -6.77 -4.87
C TYR C 275 46.15 -8.23 -5.17
N ILE C 276 45.49 -8.46 -6.30
CA ILE C 276 45.22 -9.81 -6.79
C ILE C 276 46.35 -10.21 -7.72
N ASP C 277 46.94 -11.37 -7.45
CA ASP C 277 48.04 -11.90 -8.27
C ASP C 277 47.43 -12.75 -9.38
N VAL C 278 47.60 -12.33 -10.63
CA VAL C 278 47.03 -13.04 -11.76
C VAL C 278 48.17 -13.72 -12.51
N PHE C 279 48.08 -15.04 -12.65
CA PHE C 279 49.01 -15.83 -13.46
C PHE C 279 48.23 -16.30 -14.69
N LYS C 280 48.59 -15.74 -15.85
CA LYS C 280 47.93 -16.07 -17.12
C LYS C 280 48.90 -16.83 -17.99
N ILE C 281 48.47 -18.00 -18.49
CA ILE C 281 49.37 -18.84 -19.27
C ILE C 281 49.71 -18.15 -20.59
N LYS C 282 50.94 -18.41 -21.06
CA LYS C 282 51.40 -17.82 -22.31
C LYS C 282 51.31 -18.79 -23.48
N ASN C 283 51.49 -20.08 -23.24
CA ASN C 283 51.40 -21.09 -24.29
C ASN C 283 50.38 -22.14 -23.86
N GLU C 284 49.36 -22.34 -24.68
CA GLU C 284 48.25 -23.23 -24.34
C GLU C 284 48.54 -24.69 -24.67
N ASP C 285 49.71 -25.00 -25.22
CA ASP C 285 50.01 -26.35 -25.68
C ASP C 285 50.75 -27.18 -24.63
N ILE C 286 50.75 -26.75 -23.37
CA ILE C 286 51.50 -27.44 -22.33
C ILE C 286 50.73 -28.66 -21.84
N CYS C 287 51.46 -29.67 -21.39
CA CYS C 287 50.90 -30.86 -20.78
C CYS C 287 51.20 -30.82 -19.28
N ILE C 288 50.14 -30.82 -18.46
CA ILE C 288 50.33 -30.71 -17.02
C ILE C 288 51.04 -31.93 -16.46
N ASN C 289 50.88 -33.09 -17.11
CA ASN C 289 51.54 -34.30 -16.65
C ASN C 289 53.06 -34.27 -16.85
N LYS C 290 53.57 -33.28 -17.59
CA LYS C 290 54.99 -33.17 -17.87
C LYS C 290 55.76 -32.40 -16.81
N PHE C 291 55.08 -31.85 -15.80
CA PHE C 291 55.71 -31.06 -14.76
C PHE C 291 55.52 -31.72 -13.41
N GLU C 292 56.58 -31.69 -12.58
CA GLU C 292 56.53 -32.28 -11.25
C GLU C 292 55.86 -31.37 -10.23
N THR C 293 55.59 -30.11 -10.57
CA THR C 293 55.03 -29.16 -9.63
C THR C 293 54.46 -27.98 -10.41
N LEU C 294 53.39 -27.38 -9.84
CA LEU C 294 52.75 -26.25 -10.52
C LEU C 294 53.52 -24.96 -10.33
N GLU C 295 54.23 -24.80 -9.21
CA GLU C 295 55.03 -23.59 -9.01
C GLU C 295 56.16 -23.49 -10.02
N GLU C 296 56.65 -24.63 -10.50
CA GLU C 296 57.63 -24.61 -11.57
C GLU C 296 57.07 -23.93 -12.81
N LEU C 297 55.83 -24.27 -13.17
CA LEU C 297 55.19 -23.64 -14.33
C LEU C 297 54.88 -22.18 -14.08
N LEU C 298 54.34 -21.86 -12.90
CA LEU C 298 53.87 -20.50 -12.64
C LEU C 298 55.01 -19.49 -12.63
N LYS C 299 56.16 -19.85 -12.05
CA LYS C 299 57.28 -18.93 -11.95
C LYS C 299 58.22 -19.03 -13.14
N SER C 300 57.89 -19.83 -14.14
CA SER C 300 58.71 -19.93 -15.35
C SER C 300 58.27 -18.88 -16.36
N SER C 301 58.91 -18.92 -17.54
CA SER C 301 58.54 -18.01 -18.63
C SER C 301 57.20 -18.37 -19.26
N LYS C 302 56.65 -19.54 -18.96
CA LYS C 302 55.41 -19.99 -19.58
C LYS C 302 54.17 -19.31 -19.00
N PHE C 303 54.33 -18.52 -17.95
CA PHE C 303 53.22 -17.78 -17.35
C PHE C 303 53.60 -16.31 -17.19
N GLU C 304 52.62 -15.44 -17.39
CA GLU C 304 52.77 -14.02 -17.13
C GLU C 304 52.06 -13.68 -15.83
N HIS C 305 52.73 -12.90 -14.98
CA HIS C 305 52.15 -12.44 -13.73
C HIS C 305 51.93 -10.93 -13.79
N PHE C 306 50.82 -10.49 -13.19
CA PHE C 306 50.57 -9.07 -12.98
C PHE C 306 49.60 -8.92 -11.81
N ASN C 307 49.40 -7.68 -11.38
CA ASN C 307 48.57 -7.36 -10.23
C ASN C 307 47.33 -6.61 -10.68
N ILE C 308 46.19 -6.93 -10.05
CA ILE C 308 44.93 -6.27 -10.32
C ILE C 308 44.36 -5.77 -9.00
N ASN C 309 44.00 -4.49 -8.96
CA ASN C 309 43.41 -3.91 -7.77
C ASN C 309 41.95 -4.33 -7.68
N GLN C 310 41.61 -5.08 -6.63
CA GLN C 310 40.26 -5.62 -6.49
C GLN C 310 39.23 -4.49 -6.37
N ARG C 311 39.56 -3.44 -5.61
CA ARG C 311 38.65 -2.32 -5.45
C ARG C 311 38.36 -1.60 -6.76
N LEU C 312 39.25 -1.72 -7.74
CA LEU C 312 39.07 -1.07 -9.03
C LEU C 312 38.31 -1.91 -10.03
N LEU C 313 37.88 -3.12 -9.66
CA LEU C 313 37.13 -3.97 -10.57
C LEU C 313 35.70 -3.45 -10.72
N SER C 314 35.22 -3.44 -11.96
CA SER C 314 33.83 -3.12 -12.26
C SER C 314 33.04 -4.44 -12.30
N ASP C 315 31.83 -4.40 -12.86
CA ASP C 315 31.08 -5.63 -13.07
C ASP C 315 31.82 -6.59 -14.01
N GLU C 316 32.66 -6.07 -14.88
CA GLU C 316 33.54 -6.87 -15.71
C GLU C 316 34.96 -6.84 -15.16
N TRP C 317 35.63 -7.99 -15.20
CA TRP C 317 36.99 -8.13 -14.69
C TRP C 317 37.95 -8.13 -15.87
N ILE C 318 38.60 -6.98 -16.10
CA ILE C 318 39.59 -6.84 -17.17
C ILE C 318 40.93 -7.19 -16.56
N LEU C 319 41.33 -8.46 -16.70
CA LEU C 319 42.57 -8.97 -16.12
C LEU C 319 43.66 -8.92 -17.18
N VAL C 320 44.25 -7.73 -17.36
CA VAL C 320 45.29 -7.49 -18.33
C VAL C 320 46.41 -6.67 -17.69
N ASN C 321 47.58 -6.72 -18.29
CA ASN C 321 48.71 -5.94 -17.82
C ASN C 321 48.49 -4.46 -18.10
N LYS C 322 49.43 -3.63 -17.66
CA LYS C 322 49.25 -2.18 -17.75
C LYS C 322 49.19 -1.69 -19.19
N ASP C 323 50.03 -2.26 -20.06
CA ASP C 323 50.06 -1.82 -21.46
C ASP C 323 48.72 -2.11 -22.14
N ASP C 324 48.18 -3.31 -21.93
CA ASP C 324 46.91 -3.66 -22.54
C ASP C 324 45.79 -2.80 -21.98
N GLU C 325 45.83 -2.51 -20.67
CA GLU C 325 44.81 -1.66 -20.06
C GLU C 325 44.83 -0.26 -20.65
N THR C 326 46.03 0.31 -20.84
CA THR C 326 46.14 1.63 -21.46
C THR C 326 45.65 1.58 -22.91
N PHE C 327 46.01 0.54 -23.63
CA PHE C 327 45.56 0.36 -25.01
C PHE C 327 44.04 0.29 -25.09
N TYR C 328 43.44 -0.52 -24.21
CA TYR C 328 41.98 -0.65 -24.20
C TYR C 328 41.30 0.67 -23.87
N ASN C 329 41.79 1.36 -22.83
CA ASN C 329 41.16 2.61 -22.42
C ASN C 329 41.31 3.69 -23.47
N LYS C 330 42.45 3.71 -24.18
CA LYS C 330 42.64 4.67 -25.26
C LYS C 330 41.58 4.50 -26.34
N ILE C 331 41.36 3.25 -26.78
CA ILE C 331 40.38 2.97 -27.83
C ILE C 331 38.97 3.31 -27.34
N GLN C 332 38.66 2.97 -26.09
CA GLN C 332 37.34 3.25 -25.54
C GLN C 332 37.05 4.74 -25.52
N GLU C 333 38.02 5.54 -25.07
CA GLU C 333 37.82 6.99 -25.01
C GLU C 333 37.71 7.60 -26.39
N LYS C 334 38.55 7.14 -27.33
CA LYS C 334 38.60 7.75 -28.65
C LYS C 334 37.35 7.46 -29.47
N CYS C 335 36.74 6.30 -29.30
CA CYS C 335 35.64 5.86 -30.15
C CYS C 335 34.31 6.38 -29.60
N LYS C 336 33.59 7.13 -30.44
CA LYS C 336 32.32 7.73 -30.05
C LYS C 336 31.14 6.78 -30.23
N TYR C 337 31.21 5.87 -31.20
CA TYR C 337 30.12 4.96 -31.51
C TYR C 337 30.42 3.56 -31.01
N SER C 338 29.40 2.71 -31.05
CA SER C 338 29.54 1.28 -30.85
C SER C 338 28.77 0.56 -31.95
N LEU C 339 29.07 -0.72 -32.13
CA LEU C 339 28.37 -1.50 -33.15
C LEU C 339 26.88 -1.59 -32.84
N GLU C 340 26.53 -1.72 -31.56
CA GLU C 340 25.13 -1.77 -31.17
C GLU C 340 24.40 -0.48 -31.54
N ASP C 341 25.10 0.65 -31.46
CA ASP C 341 24.48 1.94 -31.79
C ASP C 341 24.09 2.01 -33.26
N ILE C 342 24.92 1.47 -34.15
CA ILE C 342 24.77 1.71 -35.58
C ILE C 342 24.26 0.51 -36.36
N ALA C 343 24.11 -0.66 -35.74
CA ALA C 343 23.78 -1.86 -36.49
C ALA C 343 22.70 -2.67 -35.78
N ILE C 344 21.95 -3.42 -36.58
CA ILE C 344 20.96 -4.37 -36.08
C ILE C 344 21.58 -5.76 -36.17
N SER C 345 21.68 -6.44 -35.03
CA SER C 345 22.32 -7.74 -34.94
C SER C 345 21.29 -8.85 -34.77
N PHE C 346 21.61 -10.04 -35.27
CA PHE C 346 20.71 -11.18 -35.08
C PHE C 346 21.48 -12.49 -35.22
N GLN C 347 20.95 -13.52 -34.54
CA GLN C 347 21.46 -14.88 -34.61
C GLN C 347 20.84 -15.60 -35.81
N GLY C 348 21.52 -16.65 -36.26
CA GLY C 348 21.10 -17.38 -37.44
C GLY C 348 19.89 -18.27 -37.20
N ILE C 349 19.49 -18.96 -38.27
CA ILE C 349 18.36 -19.88 -38.20
C ILE C 349 18.68 -21.04 -37.26
N ILE C 350 17.73 -21.37 -36.39
CA ILE C 350 17.82 -22.56 -35.56
C ILE C 350 16.68 -23.48 -35.99
N THR C 351 17.01 -24.49 -36.79
CA THR C 351 15.98 -25.38 -37.32
C THR C 351 15.45 -26.35 -36.27
N GLY C 352 16.27 -26.70 -35.29
CA GLY C 352 15.92 -27.72 -34.33
C GLY C 352 16.30 -29.12 -34.74
N CYS C 353 16.48 -29.36 -36.05
CA CYS C 353 17.05 -30.62 -36.53
C CYS C 353 17.62 -30.33 -37.92
N ASP C 354 18.94 -30.14 -37.99
CA ASP C 354 19.56 -29.72 -39.24
C ASP C 354 19.44 -30.81 -40.31
N LYS C 355 19.52 -32.07 -39.90
CA LYS C 355 19.44 -33.18 -40.85
C LYS C 355 18.13 -33.20 -41.62
N ALA C 356 17.07 -32.60 -41.09
CA ALA C 356 15.78 -32.60 -41.77
C ALA C 356 15.60 -31.45 -42.75
N PHE C 357 16.43 -30.41 -42.67
CA PHE C 357 16.25 -29.23 -43.50
C PHE C 357 17.46 -28.83 -44.32
N ILE C 358 18.65 -29.36 -44.03
CA ILE C 358 19.88 -28.97 -44.70
C ILE C 358 20.33 -30.11 -45.60
N LEU C 359 20.58 -29.79 -46.87
CA LEU C 359 21.01 -30.79 -47.84
C LEU C 359 22.25 -30.29 -48.56
N SER C 360 23.08 -31.26 -48.99
CA SER C 360 24.23 -30.93 -49.83
C SER C 360 23.75 -30.30 -51.13
N LYS C 361 24.55 -29.36 -51.64
CA LYS C 361 24.16 -28.64 -52.86
C LYS C 361 23.95 -29.59 -54.03
N ASP C 362 24.62 -30.74 -54.03
CA ASP C 362 24.51 -31.73 -55.09
C ASP C 362 23.63 -32.91 -54.71
N ASP C 363 22.80 -32.77 -53.69
CA ASP C 363 21.91 -33.85 -53.27
C ASP C 363 20.77 -33.98 -54.26
N VAL C 364 20.49 -35.22 -54.69
CA VAL C 364 19.45 -35.48 -55.69
C VAL C 364 18.08 -35.12 -55.15
N LYS C 365 17.87 -35.25 -53.83
CA LYS C 365 16.56 -34.96 -53.24
C LYS C 365 16.16 -33.50 -53.45
N LEU C 366 17.11 -32.61 -53.75
CA LEU C 366 16.76 -31.22 -54.03
C LEU C 366 15.91 -31.08 -55.29
N ASN C 367 15.85 -32.12 -56.14
CA ASN C 367 14.94 -32.10 -57.27
C ASN C 367 13.48 -32.12 -56.82
N LEU C 368 13.21 -32.56 -55.59
CA LEU C 368 11.86 -32.58 -55.05
C LEU C 368 11.43 -31.24 -54.46
N VAL C 369 12.34 -30.27 -54.34
CA VAL C 369 12.08 -29.02 -53.66
C VAL C 369 12.10 -27.90 -54.69
N ASP C 370 11.02 -27.11 -54.72
CA ASP C 370 10.98 -25.91 -55.55
C ASP C 370 12.07 -24.94 -55.10
N ASP C 371 12.68 -24.26 -56.07
CA ASP C 371 13.77 -23.35 -55.76
C ASP C 371 13.32 -22.16 -54.90
N LYS C 372 12.03 -21.84 -54.90
CA LYS C 372 11.53 -20.76 -54.06
C LYS C 372 11.67 -21.07 -52.57
N PHE C 373 11.74 -22.35 -52.20
CA PHE C 373 11.92 -22.76 -50.82
C PHE C 373 13.38 -22.85 -50.40
N LEU C 374 14.31 -22.84 -51.36
CA LEU C 374 15.71 -23.16 -51.09
C LEU C 374 16.51 -21.89 -50.83
N LYS C 375 17.32 -21.90 -49.78
CA LYS C 375 18.21 -20.81 -49.45
C LYS C 375 19.64 -21.31 -49.38
N CYS C 376 20.59 -20.43 -49.66
CA CYS C 376 22.00 -20.76 -49.49
C CYS C 376 22.34 -20.86 -48.00
N TRP C 377 23.07 -21.91 -47.65
CA TRP C 377 23.38 -22.24 -46.26
C TRP C 377 24.89 -22.30 -46.12
N ILE C 378 25.46 -21.46 -45.26
CA ILE C 378 26.89 -21.45 -45.00
C ILE C 378 27.12 -21.80 -43.54
N LYS C 379 28.35 -22.19 -43.24
CA LYS C 379 28.76 -22.55 -41.89
C LYS C 379 29.95 -21.68 -41.46
N SER C 380 30.37 -21.88 -40.22
CA SER C 380 31.36 -20.98 -39.63
C SER C 380 32.68 -20.99 -40.41
N LYS C 381 33.13 -22.17 -40.84
CA LYS C 381 34.37 -22.25 -41.59
C LYS C 381 34.31 -21.50 -42.92
N ASN C 382 33.11 -21.25 -43.44
CA ASN C 382 32.97 -20.54 -44.72
C ASN C 382 33.29 -19.06 -44.60
N ILE C 383 33.47 -18.54 -43.40
CA ILE C 383 33.70 -17.10 -43.21
C ILE C 383 35.20 -16.85 -43.16
N ASN C 384 35.68 -16.02 -44.07
CA ASN C 384 37.03 -15.47 -44.02
C ASN C 384 36.94 -13.99 -43.70
N LYS C 385 38.11 -13.36 -43.55
CA LYS C 385 38.13 -11.91 -43.51
C LYS C 385 37.63 -11.34 -44.84
N TYR C 386 36.69 -10.40 -44.75
CA TYR C 386 36.14 -9.59 -45.84
C TYR C 386 35.19 -10.30 -46.79
N ILE C 387 35.16 -11.63 -46.83
CA ILE C 387 34.38 -12.35 -47.84
C ILE C 387 34.01 -13.73 -47.32
N VAL C 388 32.97 -14.30 -47.92
CA VAL C 388 32.42 -15.60 -47.56
C VAL C 388 32.70 -16.58 -48.68
N ASP C 389 33.12 -17.79 -48.33
CA ASP C 389 33.28 -18.85 -49.32
C ASP C 389 31.93 -19.19 -49.96
N LYS C 390 31.99 -19.79 -51.14
CA LYS C 390 30.77 -20.22 -51.83
C LYS C 390 30.05 -21.26 -51.00
N SER C 391 28.71 -21.16 -50.97
CA SER C 391 27.90 -22.04 -50.15
C SER C 391 27.81 -23.43 -50.77
N GLU C 392 28.04 -24.46 -49.96
CA GLU C 392 27.97 -25.84 -50.39
C GLU C 392 26.70 -26.56 -49.93
N TYR C 393 25.81 -25.86 -49.23
CA TYR C 393 24.61 -26.46 -48.67
C TYR C 393 23.40 -25.60 -49.02
N ARG C 394 22.22 -26.23 -48.96
CA ARG C 394 20.95 -25.56 -49.18
C ARG C 394 20.03 -25.81 -47.99
N LEU C 395 19.25 -24.79 -47.64
CA LEU C 395 18.29 -24.86 -46.55
C LEU C 395 16.88 -24.90 -47.13
N ILE C 396 16.04 -25.80 -46.61
CA ILE C 396 14.64 -25.85 -46.97
C ILE C 396 13.89 -24.96 -45.99
N TYR C 397 13.51 -23.76 -46.44
CA TYR C 397 12.80 -22.81 -45.59
C TYR C 397 11.35 -23.24 -45.52
N SER C 398 11.09 -24.27 -44.71
CA SER C 398 9.81 -24.96 -44.68
C SER C 398 8.67 -24.10 -44.15
N ASN C 399 8.96 -22.94 -43.54
CA ASN C 399 7.90 -22.06 -43.09
C ASN C 399 7.11 -21.44 -44.23
N ASP C 400 7.62 -21.51 -45.46
CA ASP C 400 6.90 -21.00 -46.62
C ASP C 400 5.95 -22.02 -47.24
N ILE C 401 5.87 -23.22 -46.67
CA ILE C 401 4.88 -24.21 -47.06
C ILE C 401 3.66 -24.00 -46.16
N ASP C 402 2.55 -23.55 -46.77
CA ASP C 402 1.41 -23.11 -45.99
C ASP C 402 0.72 -24.26 -45.27
N ASN C 403 0.50 -25.38 -45.96
CA ASN C 403 -0.22 -26.52 -45.41
C ASN C 403 0.53 -27.80 -45.73
N GLU C 404 0.12 -28.89 -45.07
CA GLU C 404 0.75 -30.18 -45.26
C GLU C 404 0.35 -30.87 -46.57
N ASN C 405 -0.67 -30.36 -47.25
CA ASN C 405 -1.15 -30.97 -48.49
C ASN C 405 -0.69 -30.25 -49.74
N THR C 406 -0.13 -29.05 -49.62
CA THR C 406 0.29 -28.30 -50.80
C THR C 406 1.54 -28.89 -51.43
N ASN C 407 2.53 -29.26 -50.61
CA ASN C 407 3.82 -29.78 -51.05
C ASN C 407 4.19 -31.03 -50.28
N LYS C 408 3.24 -31.98 -50.19
CA LYS C 408 3.41 -33.14 -49.34
C LYS C 408 4.66 -33.96 -49.67
N ARG C 409 5.15 -33.88 -50.91
CA ARG C 409 6.30 -34.70 -51.29
C ARG C 409 7.56 -34.29 -50.52
N ILE C 410 7.75 -32.99 -50.29
CA ILE C 410 8.88 -32.54 -49.51
C ILE C 410 8.78 -33.05 -48.07
N LEU C 411 7.59 -32.96 -47.48
CA LEU C 411 7.42 -33.38 -46.10
C LEU C 411 7.60 -34.89 -45.96
N ASP C 412 7.12 -35.66 -46.93
CA ASP C 412 7.16 -37.11 -46.80
C ASP C 412 8.55 -37.67 -47.06
N GLU C 413 9.27 -37.10 -48.02
CA GLU C 413 10.52 -37.72 -48.47
C GLU C 413 11.77 -37.08 -47.86
N ILE C 414 11.68 -35.87 -47.30
CA ILE C 414 12.87 -35.23 -46.74
C ILE C 414 12.67 -34.91 -45.27
N ILE C 415 11.72 -34.03 -44.98
CA ILE C 415 11.57 -33.52 -43.61
C ILE C 415 11.02 -34.60 -42.69
N GLY C 416 10.01 -35.34 -43.14
CA GLY C 416 9.34 -36.31 -42.29
C GLY C 416 10.22 -37.47 -41.87
N LEU C 417 11.40 -37.63 -42.49
CA LEU C 417 12.32 -38.68 -42.07
C LEU C 417 12.77 -38.50 -40.63
N TYR C 418 12.63 -37.29 -40.08
CA TYR C 418 12.94 -37.00 -38.68
C TYR C 418 11.71 -36.45 -37.95
N LYS C 419 10.52 -36.87 -38.39
CA LYS C 419 9.27 -36.29 -37.89
C LYS C 419 9.16 -36.43 -36.37
N THR C 420 9.52 -37.60 -35.83
CA THR C 420 9.44 -37.81 -34.39
C THR C 420 10.29 -36.81 -33.64
N LYS C 421 11.55 -36.64 -34.05
CA LYS C 421 12.43 -35.69 -33.40
C LYS C 421 11.91 -34.27 -33.55
N LEU C 422 11.34 -33.95 -34.71
CA LEU C 422 10.74 -32.65 -34.92
C LEU C 422 9.55 -32.43 -34.00
N GLU C 423 8.74 -33.47 -33.79
CA GLU C 423 7.57 -33.34 -32.93
C GLU C 423 7.97 -33.18 -31.47
N ASN C 424 9.16 -33.64 -31.08
CA ASN C 424 9.61 -33.54 -29.70
C ASN C 424 10.10 -32.14 -29.35
N ARG C 425 10.20 -31.24 -30.33
CA ARG C 425 10.63 -29.87 -30.04
C ARG C 425 9.59 -29.15 -29.20
N ARG C 426 10.06 -28.20 -28.40
CA ARG C 426 9.19 -27.56 -27.40
C ARG C 426 8.01 -26.86 -28.04
N GLU C 427 8.27 -26.04 -29.08
CA GLU C 427 7.20 -25.28 -29.71
C GLU C 427 6.25 -26.16 -30.51
N CYS C 428 6.65 -27.39 -30.82
CA CYS C 428 5.72 -28.33 -31.45
C CYS C 428 4.87 -29.05 -30.41
N LYS C 429 5.47 -29.36 -29.25
CA LYS C 429 4.69 -29.96 -28.17
C LYS C 429 3.64 -28.98 -27.62
N SER C 430 3.93 -27.68 -27.67
CA SER C 430 2.98 -26.68 -27.24
C SER C 430 1.98 -26.30 -28.33
N GLY C 431 2.17 -26.78 -29.56
CA GLY C 431 1.19 -26.63 -30.62
C GLY C 431 1.26 -25.33 -31.40
N ILE C 432 2.17 -24.42 -31.05
CA ILE C 432 2.28 -23.17 -31.80
C ILE C 432 3.17 -23.30 -33.03
N ARG C 433 3.88 -24.40 -33.18
CA ARG C 433 4.77 -24.63 -34.32
C ARG C 433 4.44 -25.98 -34.92
N LYS C 434 4.23 -26.01 -36.24
CA LYS C 434 3.96 -27.26 -36.93
C LYS C 434 5.20 -28.14 -36.94
N TRP C 435 4.98 -29.46 -37.05
CA TRP C 435 6.09 -30.40 -36.94
C TRP C 435 7.12 -30.20 -38.05
N TYR C 436 6.69 -29.71 -39.22
CA TYR C 436 7.57 -29.57 -40.37
C TYR C 436 8.20 -28.18 -40.48
N GLU C 437 7.83 -27.25 -39.61
CA GLU C 437 8.36 -25.90 -39.70
C GLU C 437 9.71 -25.79 -38.97
N LEU C 438 10.48 -24.78 -39.35
CA LEU C 438 11.71 -24.48 -38.64
C LEU C 438 11.38 -24.02 -37.23
N GLN C 439 12.17 -24.48 -36.24
CA GLN C 439 11.89 -24.12 -34.86
C GLN C 439 12.01 -22.61 -34.64
N TRP C 440 13.05 -21.99 -35.20
CA TRP C 440 13.21 -20.54 -35.13
C TRP C 440 13.65 -20.06 -36.52
N GLY C 441 12.68 -19.70 -37.34
CA GLY C 441 12.92 -19.29 -38.72
C GLY C 441 13.34 -17.86 -38.92
N ARG C 442 13.34 -17.05 -37.85
CA ARG C 442 13.75 -15.64 -37.88
C ARG C 442 12.92 -14.91 -38.94
N GLU C 443 13.49 -13.87 -39.54
CA GLU C 443 12.85 -13.10 -40.60
C GLU C 443 13.71 -13.16 -41.85
N LYS C 444 13.13 -13.62 -42.96
CA LYS C 444 13.90 -13.73 -44.20
C LYS C 444 14.44 -12.38 -44.67
N LEU C 445 13.70 -11.30 -44.42
CA LEU C 445 14.14 -9.98 -44.84
C LEU C 445 15.44 -9.56 -44.15
N PHE C 446 15.77 -10.16 -43.01
CA PHE C 446 17.04 -9.86 -42.37
C PHE C 446 18.21 -10.52 -43.11
N PHE C 447 18.04 -11.78 -43.52
CA PHE C 447 19.12 -12.50 -44.19
C PHE C 447 19.26 -12.12 -45.65
N GLU C 448 18.16 -11.84 -46.33
CA GLU C 448 18.17 -11.63 -47.78
C GLU C 448 18.47 -10.16 -48.12
N ARG C 449 19.66 -9.74 -47.69
CA ARG C 449 20.14 -8.39 -47.92
C ARG C 449 21.64 -8.39 -47.77
N LYS C 450 22.27 -7.32 -48.27
CA LYS C 450 23.69 -7.12 -48.01
C LYS C 450 23.90 -6.91 -46.52
N LYS C 451 24.80 -7.71 -45.94
CA LYS C 451 25.03 -7.68 -44.50
C LYS C 451 26.46 -8.13 -44.21
N ILE C 452 26.78 -8.19 -42.93
CA ILE C 452 28.09 -8.63 -42.44
C ILE C 452 27.87 -9.86 -41.56
N MET C 453 28.65 -10.91 -41.81
CA MET C 453 28.54 -12.16 -41.06
C MET C 453 29.89 -12.52 -40.47
N TYR C 454 29.88 -13.20 -39.33
CA TYR C 454 31.11 -13.58 -38.66
C TYR C 454 30.88 -14.86 -37.88
N PRO C 455 31.89 -15.72 -37.77
CA PRO C 455 31.71 -17.00 -37.07
C PRO C 455 31.52 -16.78 -35.57
N TYR C 456 30.73 -17.67 -34.96
CA TYR C 456 30.41 -17.53 -33.55
C TYR C 456 31.57 -17.95 -32.64
N LYS C 457 32.48 -18.77 -33.15
CA LYS C 457 33.69 -19.16 -32.43
C LYS C 457 34.85 -19.16 -33.43
N SER C 458 35.93 -18.48 -33.09
CA SER C 458 37.03 -18.32 -34.04
C SER C 458 38.31 -18.00 -33.29
N ASN C 459 39.43 -18.18 -33.99
CA ASN C 459 40.73 -17.82 -33.45
C ASN C 459 41.05 -16.34 -33.63
N GLU C 460 40.34 -15.65 -34.51
CA GLU C 460 40.66 -14.27 -34.85
C GLU C 460 39.42 -13.58 -35.37
N ASN C 461 39.52 -12.26 -35.51
CA ASN C 461 38.43 -11.47 -36.09
C ASN C 461 38.28 -11.82 -37.57
N ARG C 462 37.10 -12.33 -37.93
CA ARG C 462 36.78 -12.68 -39.32
C ARG C 462 35.39 -12.15 -39.62
N PHE C 463 35.33 -10.89 -40.08
CA PHE C 463 34.08 -10.24 -40.42
C PHE C 463 34.01 -10.08 -41.94
N ALA C 464 32.99 -10.69 -42.54
CA ALA C 464 32.86 -10.73 -44.00
C ALA C 464 31.58 -10.05 -44.44
N ILE C 465 31.64 -9.41 -45.60
CA ILE C 465 30.46 -8.85 -46.23
C ILE C 465 29.78 -9.96 -47.04
N ASP C 466 28.50 -10.17 -46.80
CA ASP C 466 27.72 -11.14 -47.55
C ASP C 466 26.92 -10.41 -48.60
N TYR C 467 27.20 -10.70 -49.88
CA TYR C 467 26.42 -10.16 -50.99
C TYR C 467 25.41 -11.16 -51.54
N ASP C 468 25.41 -12.40 -51.06
CA ASP C 468 24.73 -13.50 -51.73
C ASP C 468 23.52 -14.02 -50.96
N ASN C 469 22.96 -13.21 -50.05
CA ASN C 469 21.77 -13.59 -49.28
C ASN C 469 21.97 -14.94 -48.59
N ASN C 470 23.06 -15.07 -47.85
CA ASN C 470 23.41 -16.33 -47.21
C ASN C 470 22.63 -16.51 -45.91
N PHE C 471 22.11 -17.72 -45.70
CA PHE C 471 21.54 -18.14 -44.43
C PHE C 471 22.55 -19.00 -43.69
N SER C 472 22.38 -19.04 -42.37
CA SER C 472 23.31 -19.81 -41.53
C SER C 472 22.59 -20.23 -40.26
N SER C 473 23.20 -21.19 -39.56
CA SER C 473 22.72 -21.60 -38.25
C SER C 473 23.20 -20.61 -37.20
N ALA C 474 23.11 -20.99 -35.93
CA ALA C 474 23.60 -20.14 -34.86
C ALA C 474 25.12 -20.12 -34.77
N ASP C 475 25.83 -20.84 -35.63
CA ASP C 475 27.28 -20.79 -35.65
C ASP C 475 27.82 -19.60 -36.43
N VAL C 476 26.95 -18.83 -37.09
CA VAL C 476 27.33 -17.60 -37.77
C VAL C 476 26.34 -16.52 -37.38
N TYR C 477 26.84 -15.42 -36.83
CA TYR C 477 26.02 -14.26 -36.50
C TYR C 477 26.10 -13.24 -37.63
N SER C 478 25.07 -12.39 -37.70
CA SER C 478 24.97 -11.38 -38.74
C SER C 478 24.55 -10.04 -38.14
N PHE C 479 24.89 -8.97 -38.84
CA PHE C 479 24.32 -7.66 -38.56
C PHE C 479 24.29 -6.85 -39.84
N PHE C 480 23.45 -5.82 -39.85
CA PHE C 480 23.40 -4.87 -40.95
C PHE C 480 23.30 -3.46 -40.39
N ILE C 481 23.76 -2.49 -41.17
CA ILE C 481 23.81 -1.11 -40.72
C ILE C 481 22.41 -0.51 -40.72
N LYS C 482 22.08 0.25 -39.68
CA LYS C 482 20.82 0.95 -39.62
C LYS C 482 20.72 1.97 -40.74
N GLU C 483 19.49 2.24 -41.17
CA GLU C 483 19.27 3.14 -42.31
C GLU C 483 19.75 4.55 -41.98
N GLU C 484 19.53 5.01 -40.74
CA GLU C 484 19.97 6.35 -40.36
C GLU C 484 21.48 6.48 -40.26
N TYR C 485 22.21 5.36 -40.25
CA TYR C 485 23.67 5.40 -40.19
C TYR C 485 24.33 5.05 -41.52
N LEU C 486 23.54 4.89 -42.60
CA LEU C 486 24.13 4.48 -43.87
C LEU C 486 24.96 5.60 -44.50
N ASP C 487 24.66 6.86 -44.16
CA ASP C 487 25.45 7.97 -44.68
C ASP C 487 26.72 8.21 -43.89
N LYS C 488 26.86 7.62 -42.70
CA LYS C 488 28.05 7.74 -41.89
C LYS C 488 28.99 6.54 -42.06
N PHE C 489 28.46 5.33 -41.97
CA PHE C 489 29.26 4.11 -42.02
C PHE C 489 28.87 3.27 -43.23
N SER C 490 29.85 2.53 -43.74
CA SER C 490 29.65 1.61 -44.84
C SER C 490 30.12 0.22 -44.43
N TYR C 491 29.62 -0.79 -45.14
CA TYR C 491 30.03 -2.17 -44.86
C TYR C 491 31.52 -2.35 -45.15
N GLU C 492 32.02 -1.72 -46.21
CA GLU C 492 33.43 -1.86 -46.56
C GLU C 492 34.33 -1.25 -45.49
N TYR C 493 33.97 -0.06 -44.99
CA TYR C 493 34.76 0.54 -43.91
C TYR C 493 34.69 -0.31 -42.65
N LEU C 494 33.51 -0.83 -42.32
CA LEU C 494 33.35 -1.59 -41.09
C LEU C 494 34.19 -2.87 -41.11
N VAL C 495 34.15 -3.62 -42.22
CA VAL C 495 34.97 -4.82 -42.28
C VAL C 495 36.45 -4.45 -42.34
N GLY C 496 36.77 -3.28 -42.89
CA GLY C 496 38.16 -2.84 -42.90
C GLY C 496 38.72 -2.65 -41.50
N ILE C 497 37.96 -1.96 -40.64
CA ILE C 497 38.47 -1.72 -39.29
C ILE C 497 38.27 -2.93 -38.39
N LEU C 498 37.22 -3.73 -38.62
CA LEU C 498 36.96 -4.85 -37.73
C LEU C 498 37.96 -5.99 -37.95
N ASN C 499 38.52 -6.10 -39.15
CA ASN C 499 39.49 -7.15 -39.45
C ASN C 499 40.93 -6.74 -39.19
N SER C 500 41.16 -5.52 -38.71
CA SER C 500 42.51 -5.03 -38.51
C SER C 500 43.15 -5.71 -37.30
N SER C 501 44.49 -5.68 -37.28
CA SER C 501 45.23 -6.19 -36.13
C SER C 501 44.88 -5.43 -34.86
N VAL C 502 44.70 -4.11 -34.97
CA VAL C 502 44.33 -3.29 -33.82
C VAL C 502 43.04 -3.81 -33.19
N TYR C 503 42.01 -4.02 -34.01
CA TYR C 503 40.72 -4.44 -33.48
C TYR C 503 40.73 -5.91 -33.08
N ASP C 504 41.60 -6.72 -33.68
CA ASP C 504 41.73 -8.11 -33.25
C ASP C 504 42.24 -8.16 -31.81
N LYS C 505 43.30 -7.40 -31.51
CA LYS C 505 43.80 -7.32 -30.14
C LYS C 505 42.77 -6.67 -29.22
N TYR C 506 42.10 -5.62 -29.70
CA TYR C 506 41.12 -4.92 -28.89
C TYR C 506 39.98 -5.84 -28.46
N PHE C 507 39.45 -6.63 -29.39
CA PHE C 507 38.37 -7.54 -29.03
C PHE C 507 38.85 -8.62 -28.08
N LYS C 508 40.02 -9.21 -28.35
CA LYS C 508 40.54 -10.31 -27.54
C LYS C 508 40.92 -9.89 -26.13
N ILE C 509 41.00 -8.59 -25.86
CA ILE C 509 41.28 -8.12 -24.50
C ILE C 509 40.18 -8.55 -23.54
N THR C 510 38.92 -8.41 -23.95
CA THR C 510 37.78 -8.76 -23.12
C THR C 510 37.02 -9.98 -23.61
N ALA C 511 37.40 -10.55 -24.74
CA ALA C 511 36.64 -11.66 -25.32
C ALA C 511 36.65 -12.87 -24.40
N LYS C 512 35.68 -13.74 -24.61
CA LYS C 512 35.50 -14.94 -23.80
C LYS C 512 36.30 -16.07 -24.41
N LYS C 513 37.35 -16.50 -23.72
CA LYS C 513 38.23 -17.57 -24.22
C LYS C 513 37.57 -18.91 -23.94
N MET C 514 37.20 -19.61 -25.01
CA MET C 514 36.44 -20.85 -24.89
C MET C 514 37.34 -22.07 -24.79
N SER C 515 38.20 -22.26 -25.79
CA SER C 515 39.13 -23.39 -25.82
C SER C 515 40.39 -22.93 -26.53
N LYS C 516 41.30 -23.87 -26.77
CA LYS C 516 42.58 -23.53 -27.40
C LYS C 516 42.36 -22.91 -28.77
N ASN C 517 42.85 -21.67 -28.94
CA ASN C 517 42.75 -20.92 -30.19
C ASN C 517 41.30 -20.69 -30.62
N ILE C 518 40.38 -20.59 -29.67
CA ILE C 518 38.97 -20.33 -29.97
C ILE C 518 38.43 -19.33 -28.96
N TYR C 519 38.02 -18.16 -29.43
CA TYR C 519 37.27 -17.20 -28.64
C TYR C 519 35.82 -17.19 -29.07
N ASP C 520 34.93 -16.88 -28.13
CA ASP C 520 33.53 -16.65 -28.49
C ASP C 520 33.40 -15.34 -29.25
N TYR C 521 32.70 -15.38 -30.38
CA TYR C 521 32.30 -14.17 -31.09
C TYR C 521 30.77 -14.16 -31.11
N TYR C 522 30.19 -13.67 -30.01
CA TYR C 522 28.77 -13.55 -29.78
C TYR C 522 28.40 -12.07 -29.70
N PRO C 523 27.17 -11.70 -30.06
CA PRO C 523 26.80 -10.28 -30.04
C PRO C 523 26.94 -9.62 -28.68
N ASN C 524 26.82 -10.38 -27.59
CA ASN C 524 26.87 -9.77 -26.26
C ASN C 524 28.23 -9.14 -25.97
N LYS C 525 29.26 -9.47 -26.74
CA LYS C 525 30.50 -8.70 -26.72
C LYS C 525 30.84 -8.06 -28.05
N VAL C 526 30.45 -8.65 -29.17
CA VAL C 526 30.79 -8.08 -30.48
C VAL C 526 30.06 -6.76 -30.68
N MET C 527 28.81 -6.66 -30.23
CA MET C 527 28.06 -5.42 -30.40
C MET C 527 28.55 -4.30 -29.48
N LYS C 528 29.37 -4.62 -28.48
CA LYS C 528 29.96 -3.61 -27.62
C LYS C 528 31.28 -3.07 -28.18
N ILE C 529 31.74 -3.59 -29.31
CA ILE C 529 32.93 -3.05 -29.95
C ILE C 529 32.68 -1.61 -30.35
N ARG C 530 33.58 -0.72 -29.94
CA ARG C 530 33.42 0.70 -30.23
C ARG C 530 34.19 1.06 -31.50
N ILE C 531 33.63 1.99 -32.27
CA ILE C 531 34.19 2.39 -33.56
C ILE C 531 34.20 3.92 -33.64
N PHE C 532 34.86 4.43 -34.68
CA PHE C 532 35.19 5.84 -34.78
C PHE C 532 34.98 6.34 -36.19
N ARG C 533 34.82 7.66 -36.31
CA ARG C 533 34.80 8.37 -37.59
C ARG C 533 35.79 9.53 -37.52
N ASP C 534 36.66 9.62 -38.52
CA ASP C 534 37.62 10.72 -38.59
C ASP C 534 38.06 10.88 -40.05
N ASN C 535 39.14 11.63 -40.26
CA ASN C 535 39.57 12.00 -41.60
C ASN C 535 40.26 10.87 -42.36
N ASN C 536 40.58 9.76 -41.69
CA ASN C 536 41.15 8.60 -42.37
C ASN C 536 40.08 7.66 -42.92
N TYR C 537 38.81 8.02 -42.79
CA TYR C 537 37.72 7.14 -43.20
C TYR C 537 37.81 6.78 -44.67
N GLU C 538 38.05 7.80 -45.51
CA GLU C 538 38.04 7.58 -46.96
C GLU C 538 39.14 6.62 -47.38
N GLU C 539 40.35 6.78 -46.84
CA GLU C 539 41.44 5.91 -47.26
C GLU C 539 41.32 4.52 -46.65
N ILE C 540 40.79 4.42 -45.42
CA ILE C 540 40.53 3.12 -44.84
C ILE C 540 39.50 2.36 -45.68
N GLU C 541 38.42 3.05 -46.06
CA GLU C 541 37.41 2.42 -46.90
C GLU C 541 37.98 2.01 -48.25
N ASN C 542 38.80 2.88 -48.84
CA ASN C 542 39.38 2.56 -50.15
C ASN C 542 40.31 1.36 -50.06
N LEU C 543 41.11 1.28 -48.99
CA LEU C 543 41.98 0.13 -48.80
C LEU C 543 41.17 -1.14 -48.64
N SER C 544 40.06 -1.07 -47.89
CA SER C 544 39.19 -2.23 -47.74
C SER C 544 38.60 -2.66 -49.08
N LYS C 545 38.16 -1.70 -49.89
CA LYS C 545 37.62 -2.02 -51.21
C LYS C 545 38.66 -2.68 -52.10
N GLN C 546 39.89 -2.18 -52.06
CA GLN C 546 40.97 -2.79 -52.84
C GLN C 546 41.24 -4.21 -52.38
N ILE C 547 41.26 -4.43 -51.06
CA ILE C 547 41.49 -5.77 -50.52
C ILE C 547 40.38 -6.72 -50.98
N ILE C 548 39.13 -6.27 -50.90
CA ILE C 548 38.01 -7.10 -51.35
C ILE C 548 38.15 -7.43 -52.83
N SER C 549 38.52 -6.44 -53.65
CA SER C 549 38.67 -6.67 -55.08
C SER C 549 39.74 -7.72 -55.36
N ILE C 550 40.88 -7.64 -54.65
CA ILE C 550 41.93 -8.63 -54.84
C ILE C 550 41.46 -10.02 -54.40
N LEU C 551 40.80 -10.09 -53.24
CA LEU C 551 40.36 -11.38 -52.72
C LEU C 551 39.34 -12.05 -53.65
N LEU C 552 38.56 -11.25 -54.38
CA LEU C 552 37.59 -11.80 -55.31
C LEU C 552 38.18 -12.14 -56.67
N ASN C 553 39.42 -11.76 -56.94
CA ASN C 553 40.03 -11.97 -58.25
C ASN C 553 40.50 -13.42 -58.41
N LYS C 554 40.80 -13.79 -59.66
CA LYS C 554 41.28 -15.14 -59.94
C LYS C 554 42.70 -15.34 -59.42
N SER C 555 43.60 -14.42 -59.72
CA SER C 555 44.98 -14.47 -59.26
C SER C 555 45.13 -13.50 -58.09
N ILE C 556 45.24 -14.04 -56.89
CA ILE C 556 45.27 -13.24 -55.66
C ILE C 556 46.71 -13.06 -55.22
N ASP C 557 47.10 -11.80 -54.99
CA ASP C 557 48.44 -11.46 -54.53
C ASP C 557 48.39 -11.27 -53.02
N LYS C 558 48.84 -12.28 -52.28
CA LYS C 558 48.84 -12.19 -50.82
C LYS C 558 49.74 -11.06 -50.33
N GLY C 559 50.85 -10.81 -51.02
CA GLY C 559 51.72 -9.71 -50.64
C GLY C 559 51.07 -8.36 -50.80
N LYS C 560 50.33 -8.18 -51.91
CA LYS C 560 49.60 -6.92 -52.10
C LYS C 560 48.54 -6.75 -51.02
N VAL C 561 47.81 -7.82 -50.69
CA VAL C 561 46.82 -7.74 -49.63
C VAL C 561 47.48 -7.36 -48.32
N GLU C 562 48.62 -7.98 -48.00
CA GLU C 562 49.30 -7.71 -46.74
C GLU C 562 49.73 -6.25 -46.65
N LYS C 563 50.30 -5.71 -47.73
CA LYS C 563 50.74 -4.32 -47.70
C LYS C 563 49.57 -3.36 -47.55
N LEU C 564 48.46 -3.63 -48.24
CA LEU C 564 47.25 -2.83 -48.04
C LEU C 564 46.75 -2.95 -46.61
N GLN C 565 46.78 -4.16 -46.05
CA GLN C 565 46.36 -4.35 -44.67
C GLN C 565 47.23 -3.55 -43.71
N ILE C 566 48.54 -3.53 -43.95
CA ILE C 566 49.46 -2.82 -43.06
C ILE C 566 49.22 -1.32 -43.12
N LYS C 567 49.00 -0.78 -44.33
CA LYS C 567 48.70 0.65 -44.46
C LYS C 567 47.41 1.00 -43.75
N MET C 568 46.38 0.14 -43.85
CA MET C 568 45.15 0.38 -43.11
C MET C 568 45.38 0.31 -41.60
N ASP C 569 46.18 -0.66 -41.16
CA ASP C 569 46.48 -0.78 -39.73
C ASP C 569 47.17 0.48 -39.21
N ASN C 570 48.11 1.02 -39.99
CA ASN C 570 48.79 2.26 -39.60
C ASN C 570 47.82 3.43 -39.52
N LEU C 571 46.89 3.51 -40.48
CA LEU C 571 45.89 4.58 -40.44
C LEU C 571 44.99 4.47 -39.21
N ILE C 572 44.58 3.25 -38.86
CA ILE C 572 43.74 3.06 -37.69
C ILE C 572 44.50 3.42 -36.42
N MET C 573 45.78 3.03 -36.34
CA MET C 573 46.59 3.39 -35.18
C MET C 573 46.73 4.91 -35.06
N ASP C 574 46.95 5.59 -36.20
CA ASP C 574 47.00 7.04 -36.19
C ASP C 574 45.67 7.63 -35.74
N SER C 575 44.56 7.04 -36.18
CA SER C 575 43.24 7.53 -35.78
C SER C 575 43.02 7.39 -34.28
N LEU C 576 43.42 6.27 -33.70
CA LEU C 576 43.17 5.99 -32.30
C LEU C 576 44.30 6.42 -31.38
N GLY C 577 45.36 7.02 -31.93
CA GLY C 577 46.46 7.52 -31.13
C GLY C 577 47.24 6.46 -30.38
N ILE C 578 47.54 5.34 -31.04
CA ILE C 578 48.23 4.25 -30.39
C ILE C 578 49.46 3.83 -31.18
BR9 AW2 J . -5.84 16.68 38.16
N01 AW2 J . -3.56 14.41 39.23
C02 AW2 J . -3.68 14.86 40.49
N03 AW2 J . -2.95 14.29 41.43
C04 AW2 J . -3.08 14.76 42.70
N05 AW2 J . -3.86 15.73 43.12
C06 AW2 J . -4.61 16.34 42.18
C07 AW2 J . -4.53 15.89 40.82
C08 AW2 J . -5.42 16.69 40.05
C10 AW2 J . -5.99 17.56 40.95
N11 AW2 J . -5.52 17.36 42.23
C12 AW2 J . -5.93 18.10 43.40
O13 AW2 J . -7.22 17.67 43.79
C14 AW2 J . -8.00 18.81 44.22
C15 AW2 J . -9.19 19.01 43.24
N16 AW2 J . -10.50 19.19 43.90
C17 AW2 J . -10.52 18.71 45.29
C18 AW2 J . -10.72 19.80 46.35
C19 AW2 J . -9.43 20.27 46.99
N20 AW2 J . -9.66 21.03 48.20
C21 AW2 J . -9.01 22.20 48.43
N22 AW2 J . -8.17 22.56 47.41
C23 AW2 J . -7.35 23.71 47.35
C24 AW2 J . -7.81 24.90 47.89
C25 AW2 J . -7.03 26.04 47.83
C26 AW2 J . -5.79 26.00 47.22
C27 AW2 J . -4.95 27.28 47.17
C28 AW2 J . -4.73 27.75 45.74
C29 AW2 J . -3.60 27.00 47.83
C30 AW2 J . -5.64 28.38 47.97
C31 AW2 J . -5.32 24.82 46.66
C32 AW2 J . -6.11 23.67 46.72
O33 AW2 J . -9.17 22.85 49.46
C34 AW2 J . -11.09 20.53 43.69
C35 AW2 J . -10.09 21.68 43.59
C36 AW2 J . -12.05 20.54 42.50
C37 AW2 J . -7.09 20.04 44.14
O38 AW2 J . -6.51 20.35 45.42
C39 AW2 J . -6.04 19.60 43.12
O40 AW2 J . -4.80 20.27 43.35
K K K . 5.60 -2.03 78.27
K K L . -27.14 19.31 42.18
C1 EDO M . -28.61 4.60 41.15
O1 EDO M . -29.05 5.14 42.39
C2 EDO M . -29.62 3.57 40.65
O2 EDO M . -30.84 4.22 40.29
C1 EDO N . -35.67 6.05 57.92
O1 EDO N . -36.03 7.29 57.29
C2 EDO N . -34.64 5.32 57.08
O2 EDO N . -33.51 6.17 56.85
BR9 AW2 O . 7.44 13.31 -8.74
N01 AW2 O . 8.18 16.61 -8.88
C02 AW2 O . 8.83 16.43 -10.04
N03 AW2 O . 9.39 17.49 -10.62
C04 AW2 O . 10.04 17.29 -11.79
N05 AW2 O . 10.20 16.16 -12.44
C06 AW2 O . 9.65 15.08 -11.89
C07 AW2 O . 8.95 15.19 -10.65
C08 AW2 O . 8.46 13.91 -10.28
C10 AW2 O . 8.89 13.06 -11.29
N11 AW2 O . 9.60 13.75 -12.25
C12 AW2 O . 10.18 13.16 -13.44
O13 AW2 O . 9.15 12.89 -14.37
C14 AW2 O . 9.49 11.71 -15.12
C15 AW2 O . 8.40 10.64 -14.89
N16 AW2 O . 7.73 10.16 -16.11
C17 AW2 O . 7.99 11.02 -17.29
C18 AW2 O . 8.79 10.34 -18.40
C19 AW2 O . 10.29 10.62 -18.31
N20 AW2 O . 11.00 10.20 -19.50
C21 AW2 O . 12.22 9.60 -19.41
N22 AW2 O . 12.66 9.45 -18.12
C23 AW2 O . 13.88 8.86 -17.70
C24 AW2 O . 14.39 7.79 -18.39
C25 AW2 O . 15.58 7.21 -17.99
C26 AW2 O . 16.27 7.70 -16.89
C27 AW2 O . 17.59 7.04 -16.48
C28 AW2 O . 17.55 6.60 -15.02
C29 AW2 O . 18.71 8.05 -16.69
C30 AW2 O . 17.86 5.82 -17.37
C31 AW2 O . 15.75 8.78 -16.18
C32 AW2 O . 14.55 9.37 -16.59
O33 AW2 O . 12.84 9.26 -20.40
C34 AW2 O . 7.92 8.72 -16.33
C35 AW2 O . 9.26 8.18 -15.80
C36 AW2 O . 6.74 7.91 -15.80
C37 AW2 O . 10.83 11.18 -14.57
O38 AW2 O . 11.93 11.63 -15.36
C39 AW2 O . 10.85 11.81 -13.18
O40 AW2 O . 12.20 11.99 -12.73
K K P . 21.28 44.68 -38.65
K K Q . -5.36 1.53 -22.52
C1 EDO R . 24.46 34.19 -41.85
O1 EDO R . 25.49 35.02 -41.31
C2 EDO R . 25.05 32.84 -42.25
O2 EDO R . 25.76 32.27 -41.13
C1 EDO S . 23.09 45.24 -41.94
O1 EDO S . 22.30 45.94 -40.97
C2 EDO S . 22.46 43.89 -42.25
O2 EDO S . 22.73 42.96 -41.20
C1 EDO T . -34.31 -0.40 4.27
O1 EDO T . -35.02 -1.59 4.65
C2 EDO T . -33.46 0.08 5.44
O2 EDO T . -32.57 -0.97 5.85
C1 EDO U . -15.82 -4.79 13.14
O1 EDO U . -15.83 -3.54 12.46
C2 EDO U . -15.52 -4.58 14.62
O2 EDO U . -14.14 -4.25 14.81
BR9 AW2 V . 24.86 -32.45 -8.50
N01 AW2 V . 24.65 -31.33 -5.30
C02 AW2 V . 25.79 -31.97 -5.00
N03 AW2 V . 26.24 -31.87 -3.75
C04 AW2 V . 27.40 -32.52 -3.46
N05 AW2 V . 28.15 -33.25 -4.26
C06 AW2 V . 27.71 -33.36 -5.52
C07 AW2 V . 26.51 -32.71 -5.92
C08 AW2 V . 26.28 -32.99 -7.29
C10 AW2 V . 27.34 -33.78 -7.67
N11 AW2 V . 28.21 -34.02 -6.62
C12 AW2 V . 29.41 -34.81 -6.68
O13 AW2 V . 30.48 -34.04 -7.20
C14 AW2 V . 31.30 -34.88 -8.05
C15 AW2 V . 31.24 -34.34 -9.50
N16 AW2 V . 32.55 -33.98 -10.08
C17 AW2 V . 33.61 -33.88 -9.07
C18 AW2 V . 34.72 -34.93 -9.18
C19 AW2 V . 34.67 -35.99 -8.10
N20 AW2 V . 35.82 -36.87 -8.13
C21 AW2 V . 35.67 -38.21 -8.15
N22 AW2 V . 34.36 -38.62 -8.18
C23 AW2 V . 33.88 -39.95 -8.20
C24 AW2 V . 34.49 -40.88 -9.02
C25 AW2 V . 34.03 -42.17 -9.05
C26 AW2 V . 32.94 -42.55 -8.27
C27 AW2 V . 32.44 -44.00 -8.32
C28 AW2 V . 31.06 -44.08 -8.95
C29 AW2 V . 32.39 -44.53 -6.89
C30 AW2 V . 33.42 -44.86 -9.12
C31 AW2 V . 32.31 -41.62 -7.45
C32 AW2 V . 32.79 -40.31 -7.42
O33 AW2 V . 36.61 -39.00 -8.16
C34 AW2 V . 32.89 -34.81 -11.25
C35 AW2 V . 32.32 -36.23 -11.21
C36 AW2 V . 32.56 -34.10 -12.55
C37 AW2 V . 30.71 -36.30 -8.03
O38 AW2 V . 31.37 -37.13 -7.06
C39 AW2 V . 29.26 -36.01 -7.62
O40 AW2 V . 28.73 -37.14 -6.92
K K W . 40.57 -26.56 -22.97
C1 EDO X . 43.11 11.89 -38.03
O1 EDO X . 43.62 12.76 -39.05
C2 EDO X . 42.18 12.68 -37.11
O2 EDO X . 40.98 13.01 -37.80
C1 EDO Y . -25.10 24.10 27.38
O1 EDO Y . -26.48 23.81 27.12
C2 EDO Y . -24.35 22.81 27.65
O2 EDO Y . -25.00 22.09 28.72
#